data_1NIV
# 
_entry.id   1NIV 
# 
_audit_conform.dict_name       mmcif_pdbx.dic 
_audit_conform.dict_version    5.398 
_audit_conform.dict_location   http://mmcif.pdb.org/dictionaries/ascii/mmcif_pdbx.dic 
# 
loop_
_database_2.database_id 
_database_2.database_code 
_database_2.pdbx_database_accession 
_database_2.pdbx_DOI 
PDB   1NIV         pdb_00001niv 10.2210/pdb1niv/pdb 
WWPDB D_1000175310 ?            ?                   
# 
loop_
_pdbx_audit_revision_history.ordinal 
_pdbx_audit_revision_history.data_content_type 
_pdbx_audit_revision_history.major_revision 
_pdbx_audit_revision_history.minor_revision 
_pdbx_audit_revision_history.revision_date 
1 'Structure model' 1 0 1996-10-14 
2 'Structure model' 1 1 2008-03-24 
3 'Structure model' 1 2 2011-07-13 
4 'Structure model' 2 0 2020-07-29 
5 'Structure model' 2 1 2024-04-03 
6 'Structure model' 2 2 2024-10-30 
# 
loop_
_pdbx_audit_revision_details.ordinal 
_pdbx_audit_revision_details.revision_ordinal 
_pdbx_audit_revision_details.data_content_type 
_pdbx_audit_revision_details.provider 
_pdbx_audit_revision_details.type 
_pdbx_audit_revision_details.description 
_pdbx_audit_revision_details.details 
1 1 'Structure model' repository 'Initial release' ?                          ? 
2 4 'Structure model' repository Remediation       'Carbohydrate remediation' ? 
# 
loop_
_pdbx_audit_revision_group.ordinal 
_pdbx_audit_revision_group.revision_ordinal 
_pdbx_audit_revision_group.data_content_type 
_pdbx_audit_revision_group.group 
1  2 'Structure model' 'Version format compliance' 
2  3 'Structure model' 'Version format compliance' 
3  4 'Structure model' Advisory                    
4  4 'Structure model' 'Atomic model'              
5  4 'Structure model' 'Data collection'           
6  4 'Structure model' 'Derived calculations'      
7  4 'Structure model' 'Non-polymer description'   
8  4 'Structure model' 'Structure summary'         
9  5 'Structure model' 'Data collection'           
10 5 'Structure model' 'Database references'       
11 5 'Structure model' 'Refinement description'    
12 5 'Structure model' 'Structure summary'         
13 6 'Structure model' 'Structure summary'         
# 
loop_
_pdbx_audit_revision_category.ordinal 
_pdbx_audit_revision_category.revision_ordinal 
_pdbx_audit_revision_category.data_content_type 
_pdbx_audit_revision_category.category 
1  4 'Structure model' atom_site                     
2  4 'Structure model' chem_comp                     
3  4 'Structure model' entity                        
4  4 'Structure model' pdbx_branch_scheme            
5  4 'Structure model' pdbx_chem_comp_identifier     
6  4 'Structure model' pdbx_entity_branch            
7  4 'Structure model' pdbx_entity_branch_descriptor 
8  4 'Structure model' pdbx_entity_branch_link       
9  4 'Structure model' pdbx_entity_branch_list       
10 4 'Structure model' pdbx_entity_nonpoly           
11 4 'Structure model' pdbx_nonpoly_scheme           
12 4 'Structure model' pdbx_unobs_or_zero_occ_atoms  
13 4 'Structure model' struct_asym                   
14 4 'Structure model' struct_conn                   
15 4 'Structure model' struct_conn_type              
16 4 'Structure model' struct_site                   
17 4 'Structure model' struct_site_gen               
18 5 'Structure model' chem_comp                     
19 5 'Structure model' chem_comp_atom                
20 5 'Structure model' chem_comp_bond                
21 5 'Structure model' database_2                    
22 5 'Structure model' pdbx_initial_refinement_model 
23 6 'Structure model' pdbx_entry_details            
24 6 'Structure model' pdbx_modification_feature     
# 
loop_
_pdbx_audit_revision_item.ordinal 
_pdbx_audit_revision_item.revision_ordinal 
_pdbx_audit_revision_item.data_content_type 
_pdbx_audit_revision_item.item 
1  4 'Structure model' '_atom_site.B_iso_or_equiv'           
2  4 'Structure model' '_atom_site.Cartn_x'                  
3  4 'Structure model' '_atom_site.Cartn_y'                  
4  4 'Structure model' '_atom_site.Cartn_z'                  
5  4 'Structure model' '_atom_site.auth_asym_id'             
6  4 'Structure model' '_atom_site.auth_atom_id'             
7  4 'Structure model' '_atom_site.auth_comp_id'             
8  4 'Structure model' '_atom_site.auth_seq_id'              
9  4 'Structure model' '_atom_site.label_asym_id'            
10 4 'Structure model' '_atom_site.label_atom_id'            
11 4 'Structure model' '_atom_site.label_comp_id'            
12 4 'Structure model' '_atom_site.label_entity_id'          
13 4 'Structure model' '_atom_site.type_symbol'              
14 4 'Structure model' '_chem_comp.formula'                  
15 4 'Structure model' '_chem_comp.formula_weight'           
16 4 'Structure model' '_chem_comp.id'                       
17 4 'Structure model' '_chem_comp.mon_nstd_flag'            
18 4 'Structure model' '_chem_comp.name'                     
19 4 'Structure model' '_chem_comp.type'                     
20 4 'Structure model' '_pdbx_entity_nonpoly.comp_id'        
21 4 'Structure model' '_pdbx_entity_nonpoly.entity_id'      
22 4 'Structure model' '_pdbx_entity_nonpoly.name'           
23 4 'Structure model' '_struct_asym.entity_id'              
24 5 'Structure model' '_chem_comp.pdbx_synonyms'            
25 5 'Structure model' '_database_2.pdbx_DOI'                
26 5 'Structure model' '_database_2.pdbx_database_accession' 
# 
_pdbx_database_status.status_code                     REL 
_pdbx_database_status.entry_id                        1NIV 
_pdbx_database_status.recvd_initial_deposition_date   1996-03-15 
_pdbx_database_status.deposit_site                    ? 
_pdbx_database_status.process_site                    BNL 
_pdbx_database_status.SG_entry                        . 
_pdbx_database_status.pdb_format_compatible           Y 
_pdbx_database_status.status_code_mr                  ? 
_pdbx_database_status.status_code_sf                  ? 
_pdbx_database_status.status_code_cs                  ? 
_pdbx_database_status.status_code_nmr_data            ? 
_pdbx_database_status.methods_development_category    ? 
# 
loop_
_audit_author.name 
_audit_author.pdbx_ordinal 
'Wright, C.S.' 1 
'Hester, G.'   2 
# 
loop_
_citation.id 
_citation.title 
_citation.journal_abbrev 
_citation.journal_volume 
_citation.page_first 
_citation.page_last 
_citation.year 
_citation.journal_id_ASTM 
_citation.country 
_citation.journal_id_ISSN 
_citation.journal_id_CSD 
_citation.book_publisher 
_citation.pdbx_database_id_PubMed 
_citation.pdbx_database_id_DOI 
primary 
;The mannose-specific bulb lectin from Galanthus nivalis (snowdrop) binds mono- and dimannosides at distinct sites. Structure analysis of refined complexes at 2.3 A and 3.0 A resolution.
;
J.Mol.Biol.      262 516 531 1996 JMOBAK UK 0022-2836 0070 ? 8893860 10.1006/jmbi.1996.0532 
1       'Structure of Mannose-Specific Snowdrop (Galanthus Nivalis) Lectin is Representative of a New Plant Lectin Family' 
Nat.Struct.Biol. 2   472 ?   1995 NSBIEW US 1072-8368 2024 ? ?       ?                      
# 
loop_
_citation_author.citation_id 
_citation_author.name 
_citation_author.ordinal 
_citation_author.identifier_ORCID 
primary 'Hester, G.'      1 ? 
primary 'Wright, C.S.'    2 ? 
1       'Hester, G.'      3 ? 
1       'Kaku, H.'        4 ? 
1       'Goldstein, I.J.' 5 ? 
1       'Wright, C.S.'    6 ? 
# 
loop_
_entity.id 
_entity.type 
_entity.src_method 
_entity.pdbx_description 
_entity.formula_weight 
_entity.pdbx_number_of_molecules 
_entity.pdbx_ec 
_entity.pdbx_mutation 
_entity.pdbx_fragment 
_entity.details 
1 polymer     nat AGGLUTININ                                                   12061.348 2 ? ? ? 'FROM GALANTHUS NIVALIS' 
2 branched    man 'alpha-D-mannopyranose-(1-3)-methyl alpha-D-mannopyranoside' 356.323   3 ? ? ? ?                        
3 non-polymer man 'methyl alpha-D-mannopyranoside'                             194.182   3 ? ? ? ?                        
# 
_entity_name_com.entity_id   1 
_entity_name_com.name        'SNOWDROP LECTIN' 
# 
_entity_poly.entity_id                      1 
_entity_poly.type                           'polypeptide(L)' 
_entity_poly.nstd_linkage                   no 
_entity_poly.nstd_monomer                   no 
_entity_poly.pdbx_seq_one_letter_code       
;DNILYSGETLSTGEFLNYGSFVFIMQEDCNLVLYDVDKPIWATNTGGLSRSCFLSMQTDGNLVVYNPSNKPIWASNTGGQ
NGNYVCILQKDRNVVIYGTDRWATGTHTG
;
_entity_poly.pdbx_seq_one_letter_code_can   
;DNILYSGETLSTGEFLNYGSFVFIMQEDCNLVLYDVDKPIWATNTGGLSRSCFLSMQTDGNLVVYNPSNKPIWASNTGGQ
NGNYVCILQKDRNVVIYGTDRWATGTHTG
;
_entity_poly.pdbx_strand_id                 A,C 
_entity_poly.pdbx_target_identifier         ? 
# 
_pdbx_entity_nonpoly.entity_id   3 
_pdbx_entity_nonpoly.name        'methyl alpha-D-mannopyranoside' 
_pdbx_entity_nonpoly.comp_id     MMA 
# 
loop_
_entity_poly_seq.entity_id 
_entity_poly_seq.num 
_entity_poly_seq.mon_id 
_entity_poly_seq.hetero 
1 1   ASP n 
1 2   ASN n 
1 3   ILE n 
1 4   LEU n 
1 5   TYR n 
1 6   SER n 
1 7   GLY n 
1 8   GLU n 
1 9   THR n 
1 10  LEU n 
1 11  SER n 
1 12  THR n 
1 13  GLY n 
1 14  GLU n 
1 15  PHE n 
1 16  LEU n 
1 17  ASN n 
1 18  TYR n 
1 19  GLY n 
1 20  SER n 
1 21  PHE n 
1 22  VAL n 
1 23  PHE n 
1 24  ILE n 
1 25  MET n 
1 26  GLN n 
1 27  GLU n 
1 28  ASP n 
1 29  CYS n 
1 30  ASN n 
1 31  LEU n 
1 32  VAL n 
1 33  LEU n 
1 34  TYR n 
1 35  ASP n 
1 36  VAL n 
1 37  ASP n 
1 38  LYS n 
1 39  PRO n 
1 40  ILE n 
1 41  TRP n 
1 42  ALA n 
1 43  THR n 
1 44  ASN n 
1 45  THR n 
1 46  GLY n 
1 47  GLY n 
1 48  LEU n 
1 49  SER n 
1 50  ARG n 
1 51  SER n 
1 52  CYS n 
1 53  PHE n 
1 54  LEU n 
1 55  SER n 
1 56  MET n 
1 57  GLN n 
1 58  THR n 
1 59  ASP n 
1 60  GLY n 
1 61  ASN n 
1 62  LEU n 
1 63  VAL n 
1 64  VAL n 
1 65  TYR n 
1 66  ASN n 
1 67  PRO n 
1 68  SER n 
1 69  ASN n 
1 70  LYS n 
1 71  PRO n 
1 72  ILE n 
1 73  TRP n 
1 74  ALA n 
1 75  SER n 
1 76  ASN n 
1 77  THR n 
1 78  GLY n 
1 79  GLY n 
1 80  GLN n 
1 81  ASN n 
1 82  GLY n 
1 83  ASN n 
1 84  TYR n 
1 85  VAL n 
1 86  CYS n 
1 87  ILE n 
1 88  LEU n 
1 89  GLN n 
1 90  LYS n 
1 91  ASP n 
1 92  ARG n 
1 93  ASN n 
1 94  VAL n 
1 95  VAL n 
1 96  ILE n 
1 97  TYR n 
1 98  GLY n 
1 99  THR n 
1 100 ASP n 
1 101 ARG n 
1 102 TRP n 
1 103 ALA n 
1 104 THR n 
1 105 GLY n 
1 106 THR n 
1 107 HIS n 
1 108 THR n 
1 109 GLY n 
# 
_entity_src_nat.entity_id                  1 
_entity_src_nat.pdbx_src_id                1 
_entity_src_nat.pdbx_alt_source_flag       sample 
_entity_src_nat.pdbx_beg_seq_num           ? 
_entity_src_nat.pdbx_end_seq_num           ? 
_entity_src_nat.common_name                'common snowdrop' 
_entity_src_nat.pdbx_organism_scientific   'Galanthus nivalis' 
_entity_src_nat.pdbx_ncbi_taxonomy_id      4670 
_entity_src_nat.genus                      Galanthus 
_entity_src_nat.species                    ? 
_entity_src_nat.strain                     ? 
_entity_src_nat.tissue                     ? 
_entity_src_nat.tissue_fraction            ? 
_entity_src_nat.pdbx_secretion             ? 
_entity_src_nat.pdbx_fragment              ? 
_entity_src_nat.pdbx_variant               ? 
_entity_src_nat.pdbx_cell_line             ? 
_entity_src_nat.pdbx_atcc                  ? 
_entity_src_nat.pdbx_cellular_location     ? 
_entity_src_nat.pdbx_organ                 BULB 
_entity_src_nat.pdbx_organelle             ? 
_entity_src_nat.pdbx_cell                  ? 
_entity_src_nat.pdbx_plasmid_name          ? 
_entity_src_nat.pdbx_plasmid_details       ? 
_entity_src_nat.details                    'THE SNOWDROP IS A REPRESENTATIVE OF THE PLANT FAMILY OF AMARYLLIDACEAE' 
# 
_pdbx_entity_branch.entity_id   2 
_pdbx_entity_branch.type        oligosaccharide 
# 
loop_
_pdbx_entity_branch_descriptor.ordinal 
_pdbx_entity_branch_descriptor.entity_id 
_pdbx_entity_branch_descriptor.descriptor 
_pdbx_entity_branch_descriptor.type 
_pdbx_entity_branch_descriptor.program 
_pdbx_entity_branch_descriptor.program_version 
1 2 'DManpa1-3DManp[1Me]a1-OME'                                     'Glycam Condensed Sequence' GMML       1.0   
2 2 'WURCS=2.0/2,2,1/[a1122h-1a_1-5_1*OC][a1122h-1a_1-5]/1-2/a3-b1' WURCS                       PDB2Glycan 1.1.0 
3 2 '[][methyl]{[(1+1)][a-D-Manp]{[(3+1)][a-D-Manp]{}}}'            LINUCS                      PDB-CARE   ?     
# 
_pdbx_entity_branch_link.link_id                    1 
_pdbx_entity_branch_link.entity_id                  2 
_pdbx_entity_branch_link.entity_branch_list_num_1   2 
_pdbx_entity_branch_link.comp_id_1                  MAN 
_pdbx_entity_branch_link.atom_id_1                  C1 
_pdbx_entity_branch_link.leaving_atom_id_1          O1 
_pdbx_entity_branch_link.entity_branch_list_num_2   1 
_pdbx_entity_branch_link.comp_id_2                  MMA 
_pdbx_entity_branch_link.atom_id_2                  O3 
_pdbx_entity_branch_link.leaving_atom_id_2          HO3 
_pdbx_entity_branch_link.value_order                sing 
_pdbx_entity_branch_link.details                    ? 
# 
loop_
_chem_comp.id 
_chem_comp.type 
_chem_comp.mon_nstd_flag 
_chem_comp.name 
_chem_comp.pdbx_synonyms 
_chem_comp.formula 
_chem_comp.formula_weight 
ALA 'L-peptide linking'           y ALANINE                          ? 'C3 H7 N O2'     89.093  
ARG 'L-peptide linking'           y ARGININE                         ? 'C6 H15 N4 O2 1' 175.209 
ASN 'L-peptide linking'           y ASPARAGINE                       ? 'C4 H8 N2 O3'    132.118 
ASP 'L-peptide linking'           y 'ASPARTIC ACID'                  ? 'C4 H7 N O4'     133.103 
CYS 'L-peptide linking'           y CYSTEINE                         ? 'C3 H7 N O2 S'   121.158 
GLN 'L-peptide linking'           y GLUTAMINE                        ? 'C5 H10 N2 O3'   146.144 
GLU 'L-peptide linking'           y 'GLUTAMIC ACID'                  ? 'C5 H9 N O4'     147.129 
GLY 'peptide linking'             y GLYCINE                          ? 'C2 H5 N O2'     75.067  
HIS 'L-peptide linking'           y HISTIDINE                        ? 'C6 H10 N3 O2 1' 156.162 
ILE 'L-peptide linking'           y ISOLEUCINE                       ? 'C6 H13 N O2'    131.173 
LEU 'L-peptide linking'           y LEUCINE                          ? 'C6 H13 N O2'    131.173 
LYS 'L-peptide linking'           y LYSINE                           ? 'C6 H15 N2 O2 1' 147.195 
MAN 'D-saccharide, alpha linking' . alpha-D-mannopyranose            'alpha-D-mannose; D-mannose; mannose' 'C6 H12 O6'      
180.156 
MET 'L-peptide linking'           y METHIONINE                       ? 'C5 H11 N O2 S'  149.211 
MMA D-saccharide                  n 'methyl alpha-D-mannopyranoside' 
'O1-METHYL-MANNOSE; methyl alpha-D-mannoside; methyl D-mannoside; methyl mannoside' 'C7 H14 O6'      194.182 
PHE 'L-peptide linking'           y PHENYLALANINE                    ? 'C9 H11 N O2'    165.189 
PRO 'L-peptide linking'           y PROLINE                          ? 'C5 H9 N O2'     115.130 
SER 'L-peptide linking'           y SERINE                           ? 'C3 H7 N O3'     105.093 
THR 'L-peptide linking'           y THREONINE                        ? 'C4 H9 N O3'     119.119 
TRP 'L-peptide linking'           y TRYPTOPHAN                       ? 'C11 H12 N2 O2'  204.225 
TYR 'L-peptide linking'           y TYROSINE                         ? 'C9 H11 N O3'    181.189 
VAL 'L-peptide linking'           y VALINE                           ? 'C5 H11 N O2'    117.146 
# 
loop_
_pdbx_chem_comp_identifier.comp_id 
_pdbx_chem_comp_identifier.type 
_pdbx_chem_comp_identifier.program 
_pdbx_chem_comp_identifier.program_version 
_pdbx_chem_comp_identifier.identifier 
MAN 'CONDENSED IUPAC CARBOHYDRATE SYMBOL' GMML     1.0 DManpa                     
MAN 'COMMON NAME'                         GMML     1.0 a-D-mannopyranose          
MAN 'IUPAC CARBOHYDRATE SYMBOL'           PDB-CARE 1.0 a-D-Manp                   
MAN 'SNFG CARBOHYDRATE SYMBOL'            GMML     1.0 Man                        
MMA 'CONDENSED IUPAC CARBOHYDRATE SYMBOL' GMML     1.0 'DManp[1Me]a'              
MMA 'COMMON NAME'                         GMML     1.0 1-methyl-a-D-mannopyranose 
MMA 'IUPAC CARBOHYDRATE SYMBOL'           PDB-CARE 1.0 o1-methyl-mannose          
# 
loop_
_pdbx_poly_seq_scheme.asym_id 
_pdbx_poly_seq_scheme.entity_id 
_pdbx_poly_seq_scheme.seq_id 
_pdbx_poly_seq_scheme.mon_id 
_pdbx_poly_seq_scheme.ndb_seq_num 
_pdbx_poly_seq_scheme.pdb_seq_num 
_pdbx_poly_seq_scheme.auth_seq_num 
_pdbx_poly_seq_scheme.pdb_mon_id 
_pdbx_poly_seq_scheme.auth_mon_id 
_pdbx_poly_seq_scheme.pdb_strand_id 
_pdbx_poly_seq_scheme.pdb_ins_code 
_pdbx_poly_seq_scheme.hetero 
A 1 1   ASP 1   1   1   ASP ASP A . n 
A 1 2   ASN 2   2   2   ASN ASN A . n 
A 1 3   ILE 3   3   3   ILE ILE A . n 
A 1 4   LEU 4   4   4   LEU LEU A . n 
A 1 5   TYR 5   5   5   TYR TYR A . n 
A 1 6   SER 6   6   6   SER SER A . n 
A 1 7   GLY 7   7   7   GLY GLY A . n 
A 1 8   GLU 8   8   8   GLU GLU A . n 
A 1 9   THR 9   9   9   THR THR A . n 
A 1 10  LEU 10  10  10  LEU LEU A . n 
A 1 11  SER 11  11  11  SER SER A . n 
A 1 12  THR 12  12  12  THR THR A . n 
A 1 13  GLY 13  13  13  GLY GLY A . n 
A 1 14  GLU 14  14  14  GLU GLU A . n 
A 1 15  PHE 15  15  15  PHE PHE A . n 
A 1 16  LEU 16  16  16  LEU LEU A . n 
A 1 17  ASN 17  17  17  ASN ASN A . n 
A 1 18  TYR 18  18  18  TYR TYR A . n 
A 1 19  GLY 19  19  19  GLY GLY A . n 
A 1 20  SER 20  20  20  SER SER A . n 
A 1 21  PHE 21  21  21  PHE PHE A . n 
A 1 22  VAL 22  22  22  VAL VAL A . n 
A 1 23  PHE 23  23  23  PHE PHE A . n 
A 1 24  ILE 24  24  24  ILE ILE A . n 
A 1 25  MET 25  25  25  MET MET A . n 
A 1 26  GLN 26  26  26  GLN GLN A . n 
A 1 27  GLU 27  27  27  GLU GLU A . n 
A 1 28  ASP 28  28  28  ASP ASP A . n 
A 1 29  CYS 29  29  29  CYS CYS A . n 
A 1 30  ASN 30  30  30  ASN ASN A . n 
A 1 31  LEU 31  31  31  LEU LEU A . n 
A 1 32  VAL 32  32  32  VAL VAL A . n 
A 1 33  LEU 33  33  33  LEU LEU A . n 
A 1 34  TYR 34  34  34  TYR TYR A . n 
A 1 35  ASP 35  35  35  ASP ASP A . n 
A 1 36  VAL 36  36  36  VAL VAL A . n 
A 1 37  ASP 37  37  37  ASP ASP A . n 
A 1 38  LYS 38  38  38  LYS LYS A . n 
A 1 39  PRO 39  39  39  PRO PRO A . n 
A 1 40  ILE 40  40  40  ILE ILE A . n 
A 1 41  TRP 41  41  41  TRP TRP A . n 
A 1 42  ALA 42  42  42  ALA ALA A . n 
A 1 43  THR 43  43  43  THR THR A . n 
A 1 44  ASN 44  44  44  ASN ASN A . n 
A 1 45  THR 45  45  45  THR THR A . n 
A 1 46  GLY 46  46  46  GLY GLY A . n 
A 1 47  GLY 47  47  47  GLY GLY A . n 
A 1 48  LEU 48  48  48  LEU LEU A . n 
A 1 49  SER 49  49  49  SER SER A . n 
A 1 50  ARG 50  50  50  ARG ARG A . n 
A 1 51  SER 51  51  51  SER SER A . n 
A 1 52  CYS 52  52  52  CYS CYS A . n 
A 1 53  PHE 53  53  53  PHE PHE A . n 
A 1 54  LEU 54  54  54  LEU LEU A . n 
A 1 55  SER 55  55  55  SER SER A . n 
A 1 56  MET 56  56  56  MET MET A . n 
A 1 57  GLN 57  57  57  GLN GLN A . n 
A 1 58  THR 58  58  58  THR THR A . n 
A 1 59  ASP 59  59  59  ASP ASP A . n 
A 1 60  GLY 60  60  60  GLY GLY A . n 
A 1 61  ASN 61  61  61  ASN ASN A . n 
A 1 62  LEU 62  62  62  LEU LEU A . n 
A 1 63  VAL 63  63  63  VAL VAL A . n 
A 1 64  VAL 64  64  64  VAL VAL A . n 
A 1 65  TYR 65  65  65  TYR TYR A . n 
A 1 66  ASN 66  66  66  ASN ASN A . n 
A 1 67  PRO 67  67  67  PRO PRO A . n 
A 1 68  SER 68  68  68  SER SER A . n 
A 1 69  ASN 69  69  69  ASN ASN A . n 
A 1 70  LYS 70  70  70  LYS LYS A . n 
A 1 71  PRO 71  71  71  PRO PRO A . n 
A 1 72  ILE 72  72  72  ILE ILE A . n 
A 1 73  TRP 73  73  73  TRP TRP A . n 
A 1 74  ALA 74  74  74  ALA ALA A . n 
A 1 75  SER 75  75  75  SER SER A . n 
A 1 76  ASN 76  76  76  ASN ASN A . n 
A 1 77  THR 77  77  77  THR THR A . n 
A 1 78  GLY 78  78  78  GLY GLY A . n 
A 1 79  GLY 79  79  79  GLY GLY A . n 
A 1 80  GLN 80  80  80  GLN GLN A . n 
A 1 81  ASN 81  81  81  ASN ASN A . n 
A 1 82  GLY 82  82  82  GLY GLY A . n 
A 1 83  ASN 83  83  83  ASN ASN A . n 
A 1 84  TYR 84  84  84  TYR TYR A . n 
A 1 85  VAL 85  85  85  VAL VAL A . n 
A 1 86  CYS 86  86  86  CYS CYS A . n 
A 1 87  ILE 87  87  87  ILE ILE A . n 
A 1 88  LEU 88  88  88  LEU LEU A . n 
A 1 89  GLN 89  89  89  GLN GLN A . n 
A 1 90  LYS 90  90  90  LYS LYS A . n 
A 1 91  ASP 91  91  91  ASP ASP A . n 
A 1 92  ARG 92  92  92  ARG ARG A . n 
A 1 93  ASN 93  93  93  ASN ASN A . n 
A 1 94  VAL 94  94  94  VAL VAL A . n 
A 1 95  VAL 95  95  95  VAL VAL A . n 
A 1 96  ILE 96  96  96  ILE ILE A . n 
A 1 97  TYR 97  97  97  TYR TYR A . n 
A 1 98  GLY 98  98  98  GLY GLY A . n 
A 1 99  THR 99  99  99  THR THR A . n 
A 1 100 ASP 100 100 100 ASP ASP A . n 
A 1 101 ARG 101 101 101 ARG ARG A . n 
A 1 102 TRP 102 102 102 TRP TRP A . n 
A 1 103 ALA 103 103 103 ALA ALA A . n 
A 1 104 THR 104 104 104 THR THR A . n 
A 1 105 GLY 105 105 105 GLY GLY A . n 
A 1 106 THR 106 106 106 THR THR A . n 
A 1 107 HIS 107 107 107 HIS HIS A . n 
A 1 108 THR 108 108 108 THR THR A . n 
A 1 109 GLY 109 109 ?   ?   ?   A . n 
B 1 1   ASP 1   1   1   ASP ASP C . n 
B 1 2   ASN 2   2   2   ASN ASN C . n 
B 1 3   ILE 3   3   3   ILE ILE C . n 
B 1 4   LEU 4   4   4   LEU LEU C . n 
B 1 5   TYR 5   5   5   TYR TYR C . n 
B 1 6   SER 6   6   6   SER SER C . n 
B 1 7   GLY 7   7   7   GLY GLY C . n 
B 1 8   GLU 8   8   8   GLU GLU C . n 
B 1 9   THR 9   9   9   THR THR C . n 
B 1 10  LEU 10  10  10  LEU LEU C . n 
B 1 11  SER 11  11  11  SER SER C . n 
B 1 12  THR 12  12  12  THR THR C . n 
B 1 13  GLY 13  13  13  GLY GLY C . n 
B 1 14  GLU 14  14  14  GLU GLU C . n 
B 1 15  PHE 15  15  15  PHE PHE C . n 
B 1 16  LEU 16  16  16  LEU LEU C . n 
B 1 17  ASN 17  17  17  ASN ASN C . n 
B 1 18  TYR 18  18  18  TYR TYR C . n 
B 1 19  GLY 19  19  19  GLY GLY C . n 
B 1 20  SER 20  20  20  SER SER C . n 
B 1 21  PHE 21  21  21  PHE PHE C . n 
B 1 22  VAL 22  22  22  VAL VAL C . n 
B 1 23  PHE 23  23  23  PHE PHE C . n 
B 1 24  ILE 24  24  24  ILE ILE C . n 
B 1 25  MET 25  25  25  MET MET C . n 
B 1 26  GLN 26  26  26  GLN GLN C . n 
B 1 27  GLU 27  27  27  GLU GLU C . n 
B 1 28  ASP 28  28  28  ASP ASP C . n 
B 1 29  CYS 29  29  29  CYS CYS C . n 
B 1 30  ASN 30  30  30  ASN ASN C . n 
B 1 31  LEU 31  31  31  LEU LEU C . n 
B 1 32  VAL 32  32  32  VAL VAL C . n 
B 1 33  LEU 33  33  33  LEU LEU C . n 
B 1 34  TYR 34  34  34  TYR TYR C . n 
B 1 35  ASP 35  35  35  ASP ASP C . n 
B 1 36  VAL 36  36  36  VAL VAL C . n 
B 1 37  ASP 37  37  37  ASP ASP C . n 
B 1 38  LYS 38  38  38  LYS LYS C . n 
B 1 39  PRO 39  39  39  PRO PRO C . n 
B 1 40  ILE 40  40  40  ILE ILE C . n 
B 1 41  TRP 41  41  41  TRP TRP C . n 
B 1 42  ALA 42  42  42  ALA ALA C . n 
B 1 43  THR 43  43  43  THR THR C . n 
B 1 44  ASN 44  44  44  ASN ASN C . n 
B 1 45  THR 45  45  45  THR THR C . n 
B 1 46  GLY 46  46  46  GLY GLY C . n 
B 1 47  GLY 47  47  47  GLY GLY C . n 
B 1 48  LEU 48  48  48  LEU LEU C . n 
B 1 49  SER 49  49  49  SER SER C . n 
B 1 50  ARG 50  50  50  ARG ARG C . n 
B 1 51  SER 51  51  51  SER SER C . n 
B 1 52  CYS 52  52  52  CYS CYS C . n 
B 1 53  PHE 53  53  53  PHE PHE C . n 
B 1 54  LEU 54  54  54  LEU LEU C . n 
B 1 55  SER 55  55  55  SER SER C . n 
B 1 56  MET 56  56  56  MET MET C . n 
B 1 57  GLN 57  57  57  GLN GLN C . n 
B 1 58  THR 58  58  58  THR THR C . n 
B 1 59  ASP 59  59  59  ASP ASP C . n 
B 1 60  GLY 60  60  60  GLY GLY C . n 
B 1 61  ASN 61  61  61  ASN ASN C . n 
B 1 62  LEU 62  62  62  LEU LEU C . n 
B 1 63  VAL 63  63  63  VAL VAL C . n 
B 1 64  VAL 64  64  64  VAL VAL C . n 
B 1 65  TYR 65  65  65  TYR TYR C . n 
B 1 66  ASN 66  66  66  ASN ASN C . n 
B 1 67  PRO 67  67  67  PRO PRO C . n 
B 1 68  SER 68  68  68  SER SER C . n 
B 1 69  ASN 69  69  69  ASN ASN C . n 
B 1 70  LYS 70  70  70  LYS LYS C . n 
B 1 71  PRO 71  71  71  PRO PRO C . n 
B 1 72  ILE 72  72  72  ILE ILE C . n 
B 1 73  TRP 73  73  73  TRP TRP C . n 
B 1 74  ALA 74  74  74  ALA ALA C . n 
B 1 75  SER 75  75  75  SER SER C . n 
B 1 76  ASN 76  76  76  ASN ASN C . n 
B 1 77  THR 77  77  77  THR THR C . n 
B 1 78  GLY 78  78  78  GLY GLY C . n 
B 1 79  GLY 79  79  79  GLY GLY C . n 
B 1 80  GLN 80  80  80  GLN GLN C . n 
B 1 81  ASN 81  81  81  ASN ASN C . n 
B 1 82  GLY 82  82  82  GLY GLY C . n 
B 1 83  ASN 83  83  83  ASN ASN C . n 
B 1 84  TYR 84  84  84  TYR TYR C . n 
B 1 85  VAL 85  85  85  VAL VAL C . n 
B 1 86  CYS 86  86  86  CYS CYS C . n 
B 1 87  ILE 87  87  87  ILE ILE C . n 
B 1 88  LEU 88  88  88  LEU LEU C . n 
B 1 89  GLN 89  89  89  GLN GLN C . n 
B 1 90  LYS 90  90  90  LYS LYS C . n 
B 1 91  ASP 91  91  91  ASP ASP C . n 
B 1 92  ARG 92  92  92  ARG ARG C . n 
B 1 93  ASN 93  93  93  ASN ASN C . n 
B 1 94  VAL 94  94  94  VAL VAL C . n 
B 1 95  VAL 95  95  95  VAL VAL C . n 
B 1 96  ILE 96  96  96  ILE ILE C . n 
B 1 97  TYR 97  97  97  TYR TYR C . n 
B 1 98  GLY 98  98  98  GLY GLY C . n 
B 1 99  THR 99  99  99  THR THR C . n 
B 1 100 ASP 100 100 100 ASP ASP C . n 
B 1 101 ARG 101 101 101 ARG ARG C . n 
B 1 102 TRP 102 102 102 TRP TRP C . n 
B 1 103 ALA 103 103 103 ALA ALA C . n 
B 1 104 THR 104 104 104 THR THR C . n 
B 1 105 GLY 105 105 105 GLY GLY C . n 
B 1 106 THR 106 106 106 THR THR C . n 
B 1 107 HIS 107 107 107 HIS HIS C . n 
B 1 108 THR 108 108 108 THR THR C . n 
B 1 109 GLY 109 109 ?   ?   ?   C . n 
# 
loop_
_pdbx_branch_scheme.asym_id 
_pdbx_branch_scheme.entity_id 
_pdbx_branch_scheme.mon_id 
_pdbx_branch_scheme.num 
_pdbx_branch_scheme.pdb_asym_id 
_pdbx_branch_scheme.pdb_mon_id 
_pdbx_branch_scheme.pdb_seq_num 
_pdbx_branch_scheme.auth_asym_id 
_pdbx_branch_scheme.auth_mon_id 
_pdbx_branch_scheme.auth_seq_num 
_pdbx_branch_scheme.hetero 
C 2 MMA 1 B MMA 1 ? MDM 2 n 
C 2 MAN 2 B MAN 2 ? MDM 2 n 
D 2 MMA 1 D MMA 1 ? MDM 3 n 
D 2 MAN 2 D MAN 2 ? MDM 3 n 
E 2 MMA 1 E MMA 1 ? MDM 6 n 
E 2 MAN 2 E MAN 2 ? MDM 6 n 
# 
loop_
_pdbx_nonpoly_scheme.asym_id 
_pdbx_nonpoly_scheme.entity_id 
_pdbx_nonpoly_scheme.mon_id 
_pdbx_nonpoly_scheme.ndb_seq_num 
_pdbx_nonpoly_scheme.pdb_seq_num 
_pdbx_nonpoly_scheme.auth_seq_num 
_pdbx_nonpoly_scheme.pdb_mon_id 
_pdbx_nonpoly_scheme.auth_mon_id 
_pdbx_nonpoly_scheme.pdb_strand_id 
_pdbx_nonpoly_scheme.pdb_ins_code 
F 3 MMA 1 110 1 MMA MDM A . 
G 3 MMA 1 110 4 MMA MDM C . 
H 3 MMA 1 111 5 MMA MDM C . 
# 
loop_
_software.name 
_software.classification 
_software.version 
_software.citation_id 
_software.pdbx_ordinal 
DENZO     'data reduction' .   ? 1 
SCALEPACK 'data scaling'   .   ? 2 
AMoRE     phasing          .   ? 3 
X-PLOR    refinement       3.1 ? 4 
# 
_cell.entry_id           1NIV 
_cell.length_a           138.149 
_cell.length_b           138.149 
_cell.length_c           138.149 
_cell.angle_alpha        90.00 
_cell.angle_beta         90.00 
_cell.angle_gamma        90.00 
_cell.Z_PDB              48 
_cell.pdbx_unique_axis   ? 
# 
_symmetry.entry_id                         1NIV 
_symmetry.space_group_name_H-M             'I 21 3' 
_symmetry.pdbx_full_space_group_name_H-M   ? 
_symmetry.cell_setting                     ? 
_symmetry.Int_Tables_number                199 
# 
_exptl.entry_id          1NIV 
_exptl.method            'X-RAY DIFFRACTION' 
_exptl.crystals_number   ? 
# 
_exptl_crystal.id                    1 
_exptl_crystal.density_meas          ? 
_exptl_crystal.density_Matthews      4.55 
_exptl_crystal.density_percent_sol   68. 
_exptl_crystal.description           ? 
# 
_diffrn.id                     1 
_diffrn.ambient_temp           ? 
_diffrn.ambient_temp_details   ? 
_diffrn.crystal_id             1 
# 
_diffrn_detector.diffrn_id              1 
_diffrn_detector.detector               'IMAGE PLATE' 
_diffrn_detector.type                   RIGAKU 
_diffrn_detector.pdbx_collection_date   1994-09-09 
_diffrn_detector.details                ? 
# 
_diffrn_radiation.diffrn_id                        1 
_diffrn_radiation.wavelength_id                    1 
_diffrn_radiation.pdbx_monochromatic_or_laue_m_l   M 
_diffrn_radiation.monochromator                    ? 
_diffrn_radiation.pdbx_diffrn_protocol             ? 
_diffrn_radiation.pdbx_scattering_type             x-ray 
# 
_diffrn_radiation_wavelength.id           1 
_diffrn_radiation_wavelength.wavelength   1.5418 
_diffrn_radiation_wavelength.wt           1.0 
# 
_diffrn_source.diffrn_id                   1 
_diffrn_source.source                      ? 
_diffrn_source.type                        ? 
_diffrn_source.pdbx_synchrotron_site       ? 
_diffrn_source.pdbx_synchrotron_beamline   ? 
_diffrn_source.pdbx_wavelength             1.5418 
_diffrn_source.pdbx_wavelength_list        ? 
# 
_reflns.entry_id                     1NIV 
_reflns.observed_criterion_sigma_I   0.0 
_reflns.observed_criterion_sigma_F   ? 
_reflns.d_resolution_low             ? 
_reflns.d_resolution_high            3.0 
_reflns.number_obs                   8280 
_reflns.number_all                   ? 
_reflns.percent_possible_obs         93.1 
_reflns.pdbx_Rmerge_I_obs            0.107 
_reflns.pdbx_Rsym_value              ? 
_reflns.pdbx_netI_over_sigmaI        9.0 
_reflns.B_iso_Wilson_estimate        ? 
_reflns.pdbx_redundancy              4.7 
_reflns.pdbx_diffrn_id               1 
_reflns.pdbx_ordinal                 1 
# 
_reflns_shell.d_res_high             3.0 
_reflns_shell.d_res_low              3.11 
_reflns_shell.percent_possible_all   86.3 
_reflns_shell.Rmerge_I_obs           0.289 
_reflns_shell.pdbx_Rsym_value        ? 
_reflns_shell.meanI_over_sigI_obs    2.9 
_reflns_shell.pdbx_redundancy        2.6 
_reflns_shell.pdbx_diffrn_id         ? 
_reflns_shell.pdbx_ordinal           1 
# 
_refine.entry_id                                 1NIV 
_refine.ls_number_reflns_obs                     7779 
_refine.ls_number_reflns_all                     ? 
_refine.pdbx_ls_sigma_I                          ? 
_refine.pdbx_ls_sigma_F                          0.0 
_refine.pdbx_data_cutoff_high_absF               ? 
_refine.pdbx_data_cutoff_low_absF                ? 
_refine.pdbx_data_cutoff_high_rms_absF           ? 
_refine.ls_d_res_low                             8.0 
_refine.ls_d_res_high                            3.0 
_refine.ls_percent_reflns_obs                    93.1 
_refine.ls_R_factor_obs                          0.227 
_refine.ls_R_factor_all                          ? 
_refine.ls_R_factor_R_work                       0.227 
_refine.ls_R_factor_R_free                       0.269 
_refine.ls_R_factor_R_free_error                 ? 
_refine.ls_R_factor_R_free_error_details         ? 
_refine.ls_percent_reflns_R_free                 7. 
_refine.ls_number_reflns_R_free                  ? 
_refine.ls_number_parameters                     ? 
_refine.ls_number_restraints                     ? 
_refine.occupancy_min                            ? 
_refine.occupancy_max                            ? 
_refine.B_iso_mean                               32.3 
_refine.aniso_B[1][1]                            ? 
_refine.aniso_B[2][2]                            ? 
_refine.aniso_B[3][3]                            ? 
_refine.aniso_B[1][2]                            ? 
_refine.aniso_B[1][3]                            ? 
_refine.aniso_B[2][3]                            ? 
_refine.solvent_model_details                    ? 
_refine.solvent_model_param_ksol                 ? 
_refine.solvent_model_param_bsol                 ? 
_refine.pdbx_ls_cross_valid_method               ? 
_refine.details                                  
;THE MEAN B-FACTORS OF CHAINS A AND C ARE 22.5 AND 41.7
A**2, RESPECTIVELY.  CHAIN C IS VERY FLEXIBLE DUE TO A
LACK OF CRYSTAL CONTACTS.
;
_refine.pdbx_starting_model                      'GNA-ALPHA-MEMAN COMPLEX' 
_refine.pdbx_method_to_determine_struct          'MOLECULAR REPLACEMENT' 
_refine.pdbx_isotropic_thermal_model             ? 
_refine.pdbx_stereochemistry_target_values       ? 
_refine.pdbx_stereochem_target_val_spec_case     ? 
_refine.pdbx_R_Free_selection_details            ? 
_refine.pdbx_overall_ESU_R                       ? 
_refine.pdbx_overall_ESU_R_Free                  ? 
_refine.overall_SU_ML                            ? 
_refine.overall_SU_B                             ? 
_refine.pdbx_refine_id                           'X-RAY DIFFRACTION' 
_refine.pdbx_diffrn_id                           1 
_refine.pdbx_TLS_residual_ADP_flag               ? 
_refine.correlation_coeff_Fo_to_Fc               ? 
_refine.correlation_coeff_Fo_to_Fc_free          ? 
_refine.pdbx_solvent_vdw_probe_radii             ? 
_refine.pdbx_solvent_ion_probe_radii             ? 
_refine.pdbx_solvent_shrinkage_radii             ? 
_refine.pdbx_overall_phase_error                 ? 
_refine.overall_SU_R_Cruickshank_DPI             ? 
_refine.pdbx_overall_SU_R_free_Cruickshank_DPI   ? 
_refine.pdbx_overall_SU_R_Blow_DPI               ? 
_refine.pdbx_overall_SU_R_free_Blow_DPI          ? 
# 
_refine_analyze.entry_id                        1NIV 
_refine_analyze.Luzzati_coordinate_error_obs    0.39 
_refine_analyze.Luzzati_sigma_a_obs             ? 
_refine_analyze.Luzzati_d_res_low_obs           ? 
_refine_analyze.Luzzati_coordinate_error_free   ? 
_refine_analyze.Luzzati_sigma_a_free            ? 
_refine_analyze.Luzzati_d_res_low_free          ? 
_refine_analyze.number_disordered_residues      ? 
_refine_analyze.occupancy_sum_hydrogen          ? 
_refine_analyze.occupancy_sum_non_hydrogen      ? 
_refine_analyze.pdbx_refine_id                  'X-RAY DIFFRACTION' 
# 
_refine_hist.pdbx_refine_id                   'X-RAY DIFFRACTION' 
_refine_hist.cycle_id                         LAST 
_refine_hist.pdbx_number_atoms_protein        1688 
_refine_hist.pdbx_number_atoms_nucleic_acid   0 
_refine_hist.pdbx_number_atoms_ligand         111 
_refine_hist.number_atoms_solvent             0 
_refine_hist.number_atoms_total               1799 
_refine_hist.d_res_high                       3.0 
_refine_hist.d_res_low                        8.0 
# 
loop_
_refine_ls_restr.type 
_refine_ls_restr.dev_ideal 
_refine_ls_restr.dev_ideal_target 
_refine_ls_restr.weight 
_refine_ls_restr.number 
_refine_ls_restr.pdbx_refine_id 
_refine_ls_restr.pdbx_restraint_function 
x_bond_d                0.008 ? ? ? 'X-RAY DIFFRACTION' ? 
x_bond_d_na             ?     ? ? ? 'X-RAY DIFFRACTION' ? 
x_bond_d_prot           ?     ? ? ? 'X-RAY DIFFRACTION' ? 
x_angle_d               ?     ? ? ? 'X-RAY DIFFRACTION' ? 
x_angle_d_na            ?     ? ? ? 'X-RAY DIFFRACTION' ? 
x_angle_d_prot          ?     ? ? ? 'X-RAY DIFFRACTION' ? 
x_angle_deg             1.527 ? ? ? 'X-RAY DIFFRACTION' ? 
x_angle_deg_na          ?     ? ? ? 'X-RAY DIFFRACTION' ? 
x_angle_deg_prot        ?     ? ? ? 'X-RAY DIFFRACTION' ? 
x_dihedral_angle_d      26.05 ? ? ? 'X-RAY DIFFRACTION' ? 
x_dihedral_angle_d_na   ?     ? ? ? 'X-RAY DIFFRACTION' ? 
x_dihedral_angle_d_prot ?     ? ? ? 'X-RAY DIFFRACTION' ? 
x_improper_angle_d      1.127 ? ? ? 'X-RAY DIFFRACTION' ? 
x_improper_angle_d_na   ?     ? ? ? 'X-RAY DIFFRACTION' ? 
x_improper_angle_d_prot ?     ? ? ? 'X-RAY DIFFRACTION' ? 
x_mcbond_it             ?     ? ? ? 'X-RAY DIFFRACTION' ? 
x_mcangle_it            ?     ? ? ? 'X-RAY DIFFRACTION' ? 
x_scbond_it             ?     ? ? ? 'X-RAY DIFFRACTION' ? 
x_scangle_it            ?     ? ? ? 'X-RAY DIFFRACTION' ? 
# 
_struct_ncs_oper.id             1 
_struct_ncs_oper.code           given 
_struct_ncs_oper.details        ? 
_struct_ncs_oper.matrix[1][1]   -0.94714569 
_struct_ncs_oper.matrix[1][2]   0.08436986 
_struct_ncs_oper.matrix[1][3]   -0.30951720 
_struct_ncs_oper.matrix[2][1]   0.06776829 
_struct_ncs_oper.matrix[2][2]   -0.89048356 
_struct_ncs_oper.matrix[2][3]   -0.45002652 
_struct_ncs_oper.matrix[3][1]   -0.31356479 
_struct_ncs_oper.matrix[3][2]   -0.44718838 
_struct_ncs_oper.matrix[3][3]   0.83772925 
_struct_ncs_oper.vector[1]      -0.13288 
_struct_ncs_oper.vector[2]      0.05585 
_struct_ncs_oper.vector[3]      0.03450 
# 
_struct.entry_id                  1NIV 
_struct.title                     
'MANNOSE-SPECIFIC AGGLUTININ (LECTIN) FROM SNOWDROP (GALANTHUS NIVALIS) BULBS IN COMPLEX WITH MANNOSE-ALPHA 1,3-METHYL-D-MANNOSE' 
_struct.pdbx_model_details        ? 
_struct.pdbx_CASP_flag            ? 
_struct.pdbx_model_type_details   ? 
# 
_struct_keywords.entry_id        1NIV 
_struct_keywords.pdbx_keywords   LECTIN 
_struct_keywords.text            'LECTIN, MANNOSE-BINDING' 
# 
loop_
_struct_asym.id 
_struct_asym.pdbx_blank_PDB_chainid_flag 
_struct_asym.pdbx_modified 
_struct_asym.entity_id 
_struct_asym.details 
A N N 1 ? 
B N N 1 ? 
C N N 2 ? 
D N N 2 ? 
E N N 2 ? 
F N N 3 ? 
G N N 3 ? 
H N N 3 ? 
# 
_struct_ref.id                         1 
_struct_ref.db_name                    UNP 
_struct_ref.db_code                    LEC_GALNI 
_struct_ref.entity_id                  1 
_struct_ref.pdbx_db_accession          P30617 
_struct_ref.pdbx_align_begin           1 
_struct_ref.pdbx_seq_one_letter_code   
;MAKASLLILAAIFLGVITPSCLSDNILYSGETLSTGEFLNYGSFVFIMQEDCNLVLYDVDKPIWATNTGGLSRSCFLSMQ
TDGNLVVYNPSNKPIWASNTGGQNGNYVCILQKDRNVVIYGTDRWATGTHTGLVGIPASPPSEKYPTAGKIKLVTAK
;
_struct_ref.pdbx_db_isoform            ? 
# 
loop_
_struct_ref_seq.align_id 
_struct_ref_seq.ref_id 
_struct_ref_seq.pdbx_PDB_id_code 
_struct_ref_seq.pdbx_strand_id 
_struct_ref_seq.seq_align_beg 
_struct_ref_seq.pdbx_seq_align_beg_ins_code 
_struct_ref_seq.seq_align_end 
_struct_ref_seq.pdbx_seq_align_end_ins_code 
_struct_ref_seq.pdbx_db_accession 
_struct_ref_seq.db_align_beg 
_struct_ref_seq.pdbx_db_align_beg_ins_code 
_struct_ref_seq.db_align_end 
_struct_ref_seq.pdbx_db_align_end_ins_code 
_struct_ref_seq.pdbx_auth_seq_align_beg 
_struct_ref_seq.pdbx_auth_seq_align_end 
1 1 1NIV A 1 ? 109 ? P30617 24 ? 132 ? 1 109 
2 1 1NIV C 1 ? 109 ? P30617 24 ? 132 ? 1 109 
# 
_pdbx_struct_assembly.id                   1 
_pdbx_struct_assembly.details              author_defined_assembly 
_pdbx_struct_assembly.method_details       ? 
_pdbx_struct_assembly.oligomeric_details   tetrameric 
_pdbx_struct_assembly.oligomeric_count     4 
# 
_pdbx_struct_assembly_gen.assembly_id       1 
_pdbx_struct_assembly_gen.oper_expression   1,2 
_pdbx_struct_assembly_gen.asym_id_list      A,B,C,D,E,F,G,H 
# 
loop_
_pdbx_struct_oper_list.id 
_pdbx_struct_oper_list.type 
_pdbx_struct_oper_list.name 
_pdbx_struct_oper_list.symmetry_operation 
_pdbx_struct_oper_list.matrix[1][1] 
_pdbx_struct_oper_list.matrix[1][2] 
_pdbx_struct_oper_list.matrix[1][3] 
_pdbx_struct_oper_list.vector[1] 
_pdbx_struct_oper_list.matrix[2][1] 
_pdbx_struct_oper_list.matrix[2][2] 
_pdbx_struct_oper_list.matrix[2][3] 
_pdbx_struct_oper_list.vector[2] 
_pdbx_struct_oper_list.matrix[3][1] 
_pdbx_struct_oper_list.matrix[3][2] 
_pdbx_struct_oper_list.matrix[3][3] 
_pdbx_struct_oper_list.vector[3] 
1 'identity operation'         1_555  x,y,z         1.0000000000  0.0000000000  0.0000000000  0.0000000000  0.0000000000  1.0000000000 0.0000000000 0.0000000000  0.0000000000  0.0000000000 1.0000000000  0.0000000000  
2 'crystal symmetry operation' 14_755 -x+2,-y+1/2,z -0.6256277795 -0.7702377071 -0.1237891598 -2.2205313375 -0.7702377071 0.5846959067 0.2546852395 -3.1490023497 -0.1237891598 0.2546852395 -0.9590681273 12.8781478450 
# 
_struct_biol.id   1 
# 
loop_
_struct_conn.id 
_struct_conn.conn_type_id 
_struct_conn.pdbx_leaving_atom_flag 
_struct_conn.pdbx_PDB_id 
_struct_conn.ptnr1_label_asym_id 
_struct_conn.ptnr1_label_comp_id 
_struct_conn.ptnr1_label_seq_id 
_struct_conn.ptnr1_label_atom_id 
_struct_conn.pdbx_ptnr1_label_alt_id 
_struct_conn.pdbx_ptnr1_PDB_ins_code 
_struct_conn.pdbx_ptnr1_standard_comp_id 
_struct_conn.ptnr1_symmetry 
_struct_conn.ptnr2_label_asym_id 
_struct_conn.ptnr2_label_comp_id 
_struct_conn.ptnr2_label_seq_id 
_struct_conn.ptnr2_label_atom_id 
_struct_conn.pdbx_ptnr2_label_alt_id 
_struct_conn.pdbx_ptnr2_PDB_ins_code 
_struct_conn.ptnr1_auth_asym_id 
_struct_conn.ptnr1_auth_comp_id 
_struct_conn.ptnr1_auth_seq_id 
_struct_conn.ptnr2_auth_asym_id 
_struct_conn.ptnr2_auth_comp_id 
_struct_conn.ptnr2_auth_seq_id 
_struct_conn.ptnr2_symmetry 
_struct_conn.pdbx_ptnr3_label_atom_id 
_struct_conn.pdbx_ptnr3_label_seq_id 
_struct_conn.pdbx_ptnr3_label_comp_id 
_struct_conn.pdbx_ptnr3_label_asym_id 
_struct_conn.pdbx_ptnr3_label_alt_id 
_struct_conn.pdbx_ptnr3_PDB_ins_code 
_struct_conn.details 
_struct_conn.pdbx_dist_value 
_struct_conn.pdbx_value_order 
_struct_conn.pdbx_role 
disulf1 disulf ?    ? A CYS 29 SG ? ? ? 1_555 A CYS 52 SG ? ? A CYS 29 A CYS 52 1_555 ? ? ? ? ? ? ? 2.026 ?    ? 
disulf2 disulf ?    ? B CYS 29 SG ? ? ? 1_555 B CYS 52 SG ? ? C CYS 29 C CYS 52 1_555 ? ? ? ? ? ? ? 2.027 ?    ? 
covale1 covale both ? C MMA .  O3 ? ? ? 1_555 C MAN .  C1 ? ? B MMA 1  B MAN 2  1_555 ? ? ? ? ? ? ? 1.396 sing ? 
covale2 covale both ? D MMA .  O3 ? ? ? 1_555 D MAN .  C1 ? ? D MMA 1  D MAN 2  1_555 ? ? ? ? ? ? ? 1.405 sing ? 
covale3 covale both ? E MMA .  O3 ? ? ? 1_555 E MAN .  C1 ? ? E MMA 1  E MAN 2  1_555 ? ? ? ? ? ? ? 1.401 sing ? 
# 
loop_
_struct_conn_type.id 
_struct_conn_type.criteria 
_struct_conn_type.reference 
disulf ? ? 
covale ? ? 
# 
loop_
_pdbx_modification_feature.ordinal 
_pdbx_modification_feature.label_comp_id 
_pdbx_modification_feature.label_asym_id 
_pdbx_modification_feature.label_seq_id 
_pdbx_modification_feature.label_alt_id 
_pdbx_modification_feature.modified_residue_label_comp_id 
_pdbx_modification_feature.modified_residue_label_asym_id 
_pdbx_modification_feature.modified_residue_label_seq_id 
_pdbx_modification_feature.modified_residue_label_alt_id 
_pdbx_modification_feature.auth_comp_id 
_pdbx_modification_feature.auth_asym_id 
_pdbx_modification_feature.auth_seq_id 
_pdbx_modification_feature.PDB_ins_code 
_pdbx_modification_feature.symmetry 
_pdbx_modification_feature.modified_residue_auth_comp_id 
_pdbx_modification_feature.modified_residue_auth_asym_id 
_pdbx_modification_feature.modified_residue_auth_seq_id 
_pdbx_modification_feature.modified_residue_PDB_ins_code 
_pdbx_modification_feature.modified_residue_symmetry 
_pdbx_modification_feature.comp_id_linking_atom 
_pdbx_modification_feature.modified_residue_id_linking_atom 
_pdbx_modification_feature.modified_residue_id 
_pdbx_modification_feature.ref_pcm_id 
_pdbx_modification_feature.ref_comp_id 
_pdbx_modification_feature.type 
_pdbx_modification_feature.category 
1 CYS A 29 ? CYS A 52 ? CYS A 29 ? 1_555 CYS A 52 ? 1_555 SG SG . . . None 'Disulfide bridge' 
2 CYS B 29 ? CYS B 52 ? CYS C 29 ? 1_555 CYS C 52 ? 1_555 SG SG . . . None 'Disulfide bridge' 
# 
loop_
_struct_mon_prot_cis.pdbx_id 
_struct_mon_prot_cis.label_comp_id 
_struct_mon_prot_cis.label_seq_id 
_struct_mon_prot_cis.label_asym_id 
_struct_mon_prot_cis.label_alt_id 
_struct_mon_prot_cis.pdbx_PDB_ins_code 
_struct_mon_prot_cis.auth_comp_id 
_struct_mon_prot_cis.auth_seq_id 
_struct_mon_prot_cis.auth_asym_id 
_struct_mon_prot_cis.pdbx_label_comp_id_2 
_struct_mon_prot_cis.pdbx_label_seq_id_2 
_struct_mon_prot_cis.pdbx_label_asym_id_2 
_struct_mon_prot_cis.pdbx_PDB_ins_code_2 
_struct_mon_prot_cis.pdbx_auth_comp_id_2 
_struct_mon_prot_cis.pdbx_auth_seq_id_2 
_struct_mon_prot_cis.pdbx_auth_asym_id_2 
_struct_mon_prot_cis.pdbx_PDB_model_num 
_struct_mon_prot_cis.pdbx_omega_angle 
1 GLY 98 A . ? GLY 98 A THR 99 A ? THR 99 A 1 -0.59 
2 GLY 98 B . ? GLY 98 C THR 99 B ? THR 99 C 1 -1.15 
# 
loop_
_struct_sheet.id 
_struct_sheet.type 
_struct_sheet.number_strands 
_struct_sheet.details 
A ? 3 ? 
B ? 4 ? 
C ? 4 ? 
D ? 3 ? 
E ? 4 ? 
F ? 4 ? 
# 
loop_
_struct_sheet_order.sheet_id 
_struct_sheet_order.range_id_1 
_struct_sheet_order.range_id_2 
_struct_sheet_order.offset 
_struct_sheet_order.sense 
A 1 2 ? anti-parallel 
A 2 3 ? anti-parallel 
B 1 2 ? anti-parallel 
B 2 3 ? anti-parallel 
B 3 4 ? anti-parallel 
C 1 2 ? anti-parallel 
C 2 3 ? anti-parallel 
C 3 4 ? anti-parallel 
D 1 2 ? anti-parallel 
D 2 3 ? anti-parallel 
E 1 2 ? anti-parallel 
E 2 3 ? anti-parallel 
E 3 4 ? anti-parallel 
F 1 2 ? anti-parallel 
F 2 3 ? anti-parallel 
F 3 4 ? anti-parallel 
# 
loop_
_struct_sheet_range.sheet_id 
_struct_sheet_range.id 
_struct_sheet_range.beg_label_comp_id 
_struct_sheet_range.beg_label_asym_id 
_struct_sheet_range.beg_label_seq_id 
_struct_sheet_range.pdbx_beg_PDB_ins_code 
_struct_sheet_range.end_label_comp_id 
_struct_sheet_range.end_label_asym_id 
_struct_sheet_range.end_label_seq_id 
_struct_sheet_range.pdbx_end_PDB_ins_code 
_struct_sheet_range.beg_auth_comp_id 
_struct_sheet_range.beg_auth_asym_id 
_struct_sheet_range.beg_auth_seq_id 
_struct_sheet_range.end_auth_comp_id 
_struct_sheet_range.end_auth_asym_id 
_struct_sheet_range.end_auth_seq_id 
A 1 ILE A 3  ? TYR A 5  ? ILE A 3  TYR A 5  
A 2 VAL A 85 ? LEU A 88 ? VAL A 85 LEU A 88 
A 3 VAL A 94 ? TYR A 97 ? VAL A 94 TYR A 97 
B 1 GLU A 8  ? LEU A 10 ? GLU A 8  LEU A 10 
B 2 PHE A 53 ? MET A 56 ? PHE A 53 MET A 56 
B 3 LEU A 62 ? TYR A 65 ? LEU A 62 TYR A 65 
B 4 PRO A 71 ? ALA A 74 ? PRO A 71 ALA A 74 
C 1 PHE A 15 ? TYR A 18 ? PHE A 15 TYR A 18 
C 2 PHE A 21 ? MET A 25 ? PHE A 21 MET A 25 
C 3 LEU A 31 ? ASP A 35 ? LEU A 31 ASP A 35 
C 4 LYS A 38 ? ALA A 42 ? LYS A 38 ALA A 42 
D 1 ILE B 3  ? TYR B 5  ? ILE C 3  TYR C 5  
D 2 VAL B 85 ? LEU B 88 ? VAL C 85 LEU C 88 
D 3 VAL B 94 ? TYR B 97 ? VAL C 94 TYR C 97 
E 1 GLU B 8  ? LEU B 10 ? GLU C 8  LEU C 10 
E 2 PHE B 53 ? MET B 56 ? PHE C 53 MET C 56 
E 3 LEU B 62 ? TYR B 65 ? LEU C 62 TYR C 65 
E 4 PRO B 71 ? ALA B 74 ? PRO C 71 ALA C 74 
F 1 PHE B 15 ? TYR B 18 ? PHE C 15 TYR C 18 
F 2 PHE B 21 ? MET B 25 ? PHE C 21 MET C 25 
F 3 LEU B 31 ? ASP B 35 ? LEU C 31 ASP C 35 
F 4 LYS B 38 ? ALA B 42 ? LYS C 38 ALA C 42 
# 
loop_
_pdbx_struct_sheet_hbond.sheet_id 
_pdbx_struct_sheet_hbond.range_id_1 
_pdbx_struct_sheet_hbond.range_id_2 
_pdbx_struct_sheet_hbond.range_1_label_atom_id 
_pdbx_struct_sheet_hbond.range_1_label_comp_id 
_pdbx_struct_sheet_hbond.range_1_label_asym_id 
_pdbx_struct_sheet_hbond.range_1_label_seq_id 
_pdbx_struct_sheet_hbond.range_1_PDB_ins_code 
_pdbx_struct_sheet_hbond.range_1_auth_atom_id 
_pdbx_struct_sheet_hbond.range_1_auth_comp_id 
_pdbx_struct_sheet_hbond.range_1_auth_asym_id 
_pdbx_struct_sheet_hbond.range_1_auth_seq_id 
_pdbx_struct_sheet_hbond.range_2_label_atom_id 
_pdbx_struct_sheet_hbond.range_2_label_comp_id 
_pdbx_struct_sheet_hbond.range_2_label_asym_id 
_pdbx_struct_sheet_hbond.range_2_label_seq_id 
_pdbx_struct_sheet_hbond.range_2_PDB_ins_code 
_pdbx_struct_sheet_hbond.range_2_auth_atom_id 
_pdbx_struct_sheet_hbond.range_2_auth_comp_id 
_pdbx_struct_sheet_hbond.range_2_auth_asym_id 
_pdbx_struct_sheet_hbond.range_2_auth_seq_id 
A 1 2 O LEU A 4  ? O LEU A 4  N CYS A 86 ? N CYS A 86 
A 2 3 O VAL A 85 ? O VAL A 85 N TYR A 97 ? N TYR A 97 
B 1 2 O GLU A 8  ? O GLU A 8  N MET A 56 ? N MET A 56 
B 2 3 O PHE A 53 ? O PHE A 53 N TYR A 65 ? N TYR A 65 
B 3 4 O VAL A 64 ? O VAL A 64 N TRP A 73 ? N TRP A 73 
C 1 2 O LEU A 16 ? O LEU A 16 N PHE A 23 ? N PHE A 23 
C 2 3 O VAL A 22 ? O VAL A 22 N TYR A 34 ? N TYR A 34 
C 3 4 O LEU A 33 ? O LEU A 33 N TRP A 41 ? N TRP A 41 
D 1 2 O LEU B 4  ? O LEU C 4  N CYS B 86 ? N CYS C 86 
D 2 3 O VAL B 85 ? O VAL C 85 N TYR B 97 ? N TYR C 97 
E 1 2 O GLU B 8  ? O GLU C 8  N MET B 56 ? N MET C 56 
E 2 3 O PHE B 53 ? O PHE C 53 N TYR B 65 ? N TYR C 65 
E 3 4 O VAL B 64 ? O VAL C 64 N TRP B 73 ? N TRP C 73 
F 1 2 O LEU B 16 ? O LEU C 16 N PHE B 23 ? N PHE C 23 
F 2 3 O VAL B 22 ? O VAL C 22 N TYR B 34 ? N TYR C 34 
F 3 4 O LEU B 33 ? O LEU C 33 N TRP B 41 ? N TRP C 41 
# 
_pdbx_entry_details.entry_id                   1NIV 
_pdbx_entry_details.compound_details           ? 
_pdbx_entry_details.source_details             ? 
_pdbx_entry_details.nonpolymer_details         ? 
_pdbx_entry_details.sequence_details           ? 
_pdbx_entry_details.has_ligand_of_interest     ? 
_pdbx_entry_details.has_protein_modification   Y 
# 
loop_
_pdbx_validate_torsion.id 
_pdbx_validate_torsion.PDB_model_num 
_pdbx_validate_torsion.auth_comp_id 
_pdbx_validate_torsion.auth_asym_id 
_pdbx_validate_torsion.auth_seq_id 
_pdbx_validate_torsion.PDB_ins_code 
_pdbx_validate_torsion.label_alt_id 
_pdbx_validate_torsion.phi 
_pdbx_validate_torsion.psi 
1 1 VAL A 36  ? ? 74.48   -114.04 
2 1 ALA A 42  ? ? -170.09 147.02  
3 1 SER A 49  ? ? -168.08 -161.83 
4 1 THR A 77  ? ? -91.26  30.78   
5 1 HIS A 107 ? ? -39.73  136.84  
6 1 VAL C 36  ? ? 74.74   -116.06 
7 1 ALA C 42  ? ? -170.62 149.13  
8 1 SER C 49  ? ? -169.57 -162.39 
9 1 HIS C 107 ? ? -39.91  136.69  
# 
loop_
_pdbx_unobs_or_zero_occ_residues.id 
_pdbx_unobs_or_zero_occ_residues.PDB_model_num 
_pdbx_unobs_or_zero_occ_residues.polymer_flag 
_pdbx_unobs_or_zero_occ_residues.occupancy_flag 
_pdbx_unobs_or_zero_occ_residues.auth_asym_id 
_pdbx_unobs_or_zero_occ_residues.auth_comp_id 
_pdbx_unobs_or_zero_occ_residues.auth_seq_id 
_pdbx_unobs_or_zero_occ_residues.PDB_ins_code 
_pdbx_unobs_or_zero_occ_residues.label_asym_id 
_pdbx_unobs_or_zero_occ_residues.label_comp_id 
_pdbx_unobs_or_zero_occ_residues.label_seq_id 
1 1 Y 1 A GLY 109 ? A GLY 109 
2 1 Y 1 C GLY 109 ? B GLY 109 
# 
loop_
_chem_comp_atom.comp_id 
_chem_comp_atom.atom_id 
_chem_comp_atom.type_symbol 
_chem_comp_atom.pdbx_aromatic_flag 
_chem_comp_atom.pdbx_stereo_config 
_chem_comp_atom.pdbx_ordinal 
ALA N    N N N 1   
ALA CA   C N S 2   
ALA C    C N N 3   
ALA O    O N N 4   
ALA CB   C N N 5   
ALA OXT  O N N 6   
ALA H    H N N 7   
ALA H2   H N N 8   
ALA HA   H N N 9   
ALA HB1  H N N 10  
ALA HB2  H N N 11  
ALA HB3  H N N 12  
ALA HXT  H N N 13  
ARG N    N N N 14  
ARG CA   C N S 15  
ARG C    C N N 16  
ARG O    O N N 17  
ARG CB   C N N 18  
ARG CG   C N N 19  
ARG CD   C N N 20  
ARG NE   N N N 21  
ARG CZ   C N N 22  
ARG NH1  N N N 23  
ARG NH2  N N N 24  
ARG OXT  O N N 25  
ARG H    H N N 26  
ARG H2   H N N 27  
ARG HA   H N N 28  
ARG HB2  H N N 29  
ARG HB3  H N N 30  
ARG HG2  H N N 31  
ARG HG3  H N N 32  
ARG HD2  H N N 33  
ARG HD3  H N N 34  
ARG HE   H N N 35  
ARG HH11 H N N 36  
ARG HH12 H N N 37  
ARG HH21 H N N 38  
ARG HH22 H N N 39  
ARG HXT  H N N 40  
ASN N    N N N 41  
ASN CA   C N S 42  
ASN C    C N N 43  
ASN O    O N N 44  
ASN CB   C N N 45  
ASN CG   C N N 46  
ASN OD1  O N N 47  
ASN ND2  N N N 48  
ASN OXT  O N N 49  
ASN H    H N N 50  
ASN H2   H N N 51  
ASN HA   H N N 52  
ASN HB2  H N N 53  
ASN HB3  H N N 54  
ASN HD21 H N N 55  
ASN HD22 H N N 56  
ASN HXT  H N N 57  
ASP N    N N N 58  
ASP CA   C N S 59  
ASP C    C N N 60  
ASP O    O N N 61  
ASP CB   C N N 62  
ASP CG   C N N 63  
ASP OD1  O N N 64  
ASP OD2  O N N 65  
ASP OXT  O N N 66  
ASP H    H N N 67  
ASP H2   H N N 68  
ASP HA   H N N 69  
ASP HB2  H N N 70  
ASP HB3  H N N 71  
ASP HD2  H N N 72  
ASP HXT  H N N 73  
CYS N    N N N 74  
CYS CA   C N R 75  
CYS C    C N N 76  
CYS O    O N N 77  
CYS CB   C N N 78  
CYS SG   S N N 79  
CYS OXT  O N N 80  
CYS H    H N N 81  
CYS H2   H N N 82  
CYS HA   H N N 83  
CYS HB2  H N N 84  
CYS HB3  H N N 85  
CYS HG   H N N 86  
CYS HXT  H N N 87  
GLN N    N N N 88  
GLN CA   C N S 89  
GLN C    C N N 90  
GLN O    O N N 91  
GLN CB   C N N 92  
GLN CG   C N N 93  
GLN CD   C N N 94  
GLN OE1  O N N 95  
GLN NE2  N N N 96  
GLN OXT  O N N 97  
GLN H    H N N 98  
GLN H2   H N N 99  
GLN HA   H N N 100 
GLN HB2  H N N 101 
GLN HB3  H N N 102 
GLN HG2  H N N 103 
GLN HG3  H N N 104 
GLN HE21 H N N 105 
GLN HE22 H N N 106 
GLN HXT  H N N 107 
GLU N    N N N 108 
GLU CA   C N S 109 
GLU C    C N N 110 
GLU O    O N N 111 
GLU CB   C N N 112 
GLU CG   C N N 113 
GLU CD   C N N 114 
GLU OE1  O N N 115 
GLU OE2  O N N 116 
GLU OXT  O N N 117 
GLU H    H N N 118 
GLU H2   H N N 119 
GLU HA   H N N 120 
GLU HB2  H N N 121 
GLU HB3  H N N 122 
GLU HG2  H N N 123 
GLU HG3  H N N 124 
GLU HE2  H N N 125 
GLU HXT  H N N 126 
GLY N    N N N 127 
GLY CA   C N N 128 
GLY C    C N N 129 
GLY O    O N N 130 
GLY OXT  O N N 131 
GLY H    H N N 132 
GLY H2   H N N 133 
GLY HA2  H N N 134 
GLY HA3  H N N 135 
GLY HXT  H N N 136 
HIS N    N N N 137 
HIS CA   C N S 138 
HIS C    C N N 139 
HIS O    O N N 140 
HIS CB   C N N 141 
HIS CG   C Y N 142 
HIS ND1  N Y N 143 
HIS CD2  C Y N 144 
HIS CE1  C Y N 145 
HIS NE2  N Y N 146 
HIS OXT  O N N 147 
HIS H    H N N 148 
HIS H2   H N N 149 
HIS HA   H N N 150 
HIS HB2  H N N 151 
HIS HB3  H N N 152 
HIS HD1  H N N 153 
HIS HD2  H N N 154 
HIS HE1  H N N 155 
HIS HE2  H N N 156 
HIS HXT  H N N 157 
ILE N    N N N 158 
ILE CA   C N S 159 
ILE C    C N N 160 
ILE O    O N N 161 
ILE CB   C N S 162 
ILE CG1  C N N 163 
ILE CG2  C N N 164 
ILE CD1  C N N 165 
ILE OXT  O N N 166 
ILE H    H N N 167 
ILE H2   H N N 168 
ILE HA   H N N 169 
ILE HB   H N N 170 
ILE HG12 H N N 171 
ILE HG13 H N N 172 
ILE HG21 H N N 173 
ILE HG22 H N N 174 
ILE HG23 H N N 175 
ILE HD11 H N N 176 
ILE HD12 H N N 177 
ILE HD13 H N N 178 
ILE HXT  H N N 179 
LEU N    N N N 180 
LEU CA   C N S 181 
LEU C    C N N 182 
LEU O    O N N 183 
LEU CB   C N N 184 
LEU CG   C N N 185 
LEU CD1  C N N 186 
LEU CD2  C N N 187 
LEU OXT  O N N 188 
LEU H    H N N 189 
LEU H2   H N N 190 
LEU HA   H N N 191 
LEU HB2  H N N 192 
LEU HB3  H N N 193 
LEU HG   H N N 194 
LEU HD11 H N N 195 
LEU HD12 H N N 196 
LEU HD13 H N N 197 
LEU HD21 H N N 198 
LEU HD22 H N N 199 
LEU HD23 H N N 200 
LEU HXT  H N N 201 
LYS N    N N N 202 
LYS CA   C N S 203 
LYS C    C N N 204 
LYS O    O N N 205 
LYS CB   C N N 206 
LYS CG   C N N 207 
LYS CD   C N N 208 
LYS CE   C N N 209 
LYS NZ   N N N 210 
LYS OXT  O N N 211 
LYS H    H N N 212 
LYS H2   H N N 213 
LYS HA   H N N 214 
LYS HB2  H N N 215 
LYS HB3  H N N 216 
LYS HG2  H N N 217 
LYS HG3  H N N 218 
LYS HD2  H N N 219 
LYS HD3  H N N 220 
LYS HE2  H N N 221 
LYS HE3  H N N 222 
LYS HZ1  H N N 223 
LYS HZ2  H N N 224 
LYS HZ3  H N N 225 
LYS HXT  H N N 226 
MAN C1   C N S 227 
MAN C2   C N S 228 
MAN C3   C N S 229 
MAN C4   C N S 230 
MAN C5   C N R 231 
MAN C6   C N N 232 
MAN O1   O N N 233 
MAN O2   O N N 234 
MAN O3   O N N 235 
MAN O4   O N N 236 
MAN O5   O N N 237 
MAN O6   O N N 238 
MAN H1   H N N 239 
MAN H2   H N N 240 
MAN H3   H N N 241 
MAN H4   H N N 242 
MAN H5   H N N 243 
MAN H61  H N N 244 
MAN H62  H N N 245 
MAN HO1  H N N 246 
MAN HO2  H N N 247 
MAN HO3  H N N 248 
MAN HO4  H N N 249 
MAN HO6  H N N 250 
MET N    N N N 251 
MET CA   C N S 252 
MET C    C N N 253 
MET O    O N N 254 
MET CB   C N N 255 
MET CG   C N N 256 
MET SD   S N N 257 
MET CE   C N N 258 
MET OXT  O N N 259 
MET H    H N N 260 
MET H2   H N N 261 
MET HA   H N N 262 
MET HB2  H N N 263 
MET HB3  H N N 264 
MET HG2  H N N 265 
MET HG3  H N N 266 
MET HE1  H N N 267 
MET HE2  H N N 268 
MET HE3  H N N 269 
MET HXT  H N N 270 
MMA C1   C N S 271 
MMA C2   C N S 272 
MMA C3   C N S 273 
MMA C4   C N S 274 
MMA C5   C N R 275 
MMA C6   C N N 276 
MMA C7   C N N 277 
MMA O1   O N N 278 
MMA O2   O N N 279 
MMA O3   O N N 280 
MMA O4   O N N 281 
MMA O5   O N N 282 
MMA O6   O N N 283 
MMA H1   H N N 284 
MMA H2   H N N 285 
MMA H3   H N N 286 
MMA H4   H N N 287 
MMA H5   H N N 288 
MMA H61  H N N 289 
MMA H62  H N N 290 
MMA H71  H N N 291 
MMA H72  H N N 292 
MMA H73  H N N 293 
MMA HO2  H N N 294 
MMA HO3  H N N 295 
MMA HO4  H N N 296 
MMA HO6  H N N 297 
PHE N    N N N 298 
PHE CA   C N S 299 
PHE C    C N N 300 
PHE O    O N N 301 
PHE CB   C N N 302 
PHE CG   C Y N 303 
PHE CD1  C Y N 304 
PHE CD2  C Y N 305 
PHE CE1  C Y N 306 
PHE CE2  C Y N 307 
PHE CZ   C Y N 308 
PHE OXT  O N N 309 
PHE H    H N N 310 
PHE H2   H N N 311 
PHE HA   H N N 312 
PHE HB2  H N N 313 
PHE HB3  H N N 314 
PHE HD1  H N N 315 
PHE HD2  H N N 316 
PHE HE1  H N N 317 
PHE HE2  H N N 318 
PHE HZ   H N N 319 
PHE HXT  H N N 320 
PRO N    N N N 321 
PRO CA   C N S 322 
PRO C    C N N 323 
PRO O    O N N 324 
PRO CB   C N N 325 
PRO CG   C N N 326 
PRO CD   C N N 327 
PRO OXT  O N N 328 
PRO H    H N N 329 
PRO HA   H N N 330 
PRO HB2  H N N 331 
PRO HB3  H N N 332 
PRO HG2  H N N 333 
PRO HG3  H N N 334 
PRO HD2  H N N 335 
PRO HD3  H N N 336 
PRO HXT  H N N 337 
SER N    N N N 338 
SER CA   C N S 339 
SER C    C N N 340 
SER O    O N N 341 
SER CB   C N N 342 
SER OG   O N N 343 
SER OXT  O N N 344 
SER H    H N N 345 
SER H2   H N N 346 
SER HA   H N N 347 
SER HB2  H N N 348 
SER HB3  H N N 349 
SER HG   H N N 350 
SER HXT  H N N 351 
THR N    N N N 352 
THR CA   C N S 353 
THR C    C N N 354 
THR O    O N N 355 
THR CB   C N R 356 
THR OG1  O N N 357 
THR CG2  C N N 358 
THR OXT  O N N 359 
THR H    H N N 360 
THR H2   H N N 361 
THR HA   H N N 362 
THR HB   H N N 363 
THR HG1  H N N 364 
THR HG21 H N N 365 
THR HG22 H N N 366 
THR HG23 H N N 367 
THR HXT  H N N 368 
TRP N    N N N 369 
TRP CA   C N S 370 
TRP C    C N N 371 
TRP O    O N N 372 
TRP CB   C N N 373 
TRP CG   C Y N 374 
TRP CD1  C Y N 375 
TRP CD2  C Y N 376 
TRP NE1  N Y N 377 
TRP CE2  C Y N 378 
TRP CE3  C Y N 379 
TRP CZ2  C Y N 380 
TRP CZ3  C Y N 381 
TRP CH2  C Y N 382 
TRP OXT  O N N 383 
TRP H    H N N 384 
TRP H2   H N N 385 
TRP HA   H N N 386 
TRP HB2  H N N 387 
TRP HB3  H N N 388 
TRP HD1  H N N 389 
TRP HE1  H N N 390 
TRP HE3  H N N 391 
TRP HZ2  H N N 392 
TRP HZ3  H N N 393 
TRP HH2  H N N 394 
TRP HXT  H N N 395 
TYR N    N N N 396 
TYR CA   C N S 397 
TYR C    C N N 398 
TYR O    O N N 399 
TYR CB   C N N 400 
TYR CG   C Y N 401 
TYR CD1  C Y N 402 
TYR CD2  C Y N 403 
TYR CE1  C Y N 404 
TYR CE2  C Y N 405 
TYR CZ   C Y N 406 
TYR OH   O N N 407 
TYR OXT  O N N 408 
TYR H    H N N 409 
TYR H2   H N N 410 
TYR HA   H N N 411 
TYR HB2  H N N 412 
TYR HB3  H N N 413 
TYR HD1  H N N 414 
TYR HD2  H N N 415 
TYR HE1  H N N 416 
TYR HE2  H N N 417 
TYR HH   H N N 418 
TYR HXT  H N N 419 
VAL N    N N N 420 
VAL CA   C N S 421 
VAL C    C N N 422 
VAL O    O N N 423 
VAL CB   C N N 424 
VAL CG1  C N N 425 
VAL CG2  C N N 426 
VAL OXT  O N N 427 
VAL H    H N N 428 
VAL H2   H N N 429 
VAL HA   H N N 430 
VAL HB   H N N 431 
VAL HG11 H N N 432 
VAL HG12 H N N 433 
VAL HG13 H N N 434 
VAL HG21 H N N 435 
VAL HG22 H N N 436 
VAL HG23 H N N 437 
VAL HXT  H N N 438 
# 
loop_
_chem_comp_bond.comp_id 
_chem_comp_bond.atom_id_1 
_chem_comp_bond.atom_id_2 
_chem_comp_bond.value_order 
_chem_comp_bond.pdbx_aromatic_flag 
_chem_comp_bond.pdbx_stereo_config 
_chem_comp_bond.pdbx_ordinal 
ALA N   CA   sing N N 1   
ALA N   H    sing N N 2   
ALA N   H2   sing N N 3   
ALA CA  C    sing N N 4   
ALA CA  CB   sing N N 5   
ALA CA  HA   sing N N 6   
ALA C   O    doub N N 7   
ALA C   OXT  sing N N 8   
ALA CB  HB1  sing N N 9   
ALA CB  HB2  sing N N 10  
ALA CB  HB3  sing N N 11  
ALA OXT HXT  sing N N 12  
ARG N   CA   sing N N 13  
ARG N   H    sing N N 14  
ARG N   H2   sing N N 15  
ARG CA  C    sing N N 16  
ARG CA  CB   sing N N 17  
ARG CA  HA   sing N N 18  
ARG C   O    doub N N 19  
ARG C   OXT  sing N N 20  
ARG CB  CG   sing N N 21  
ARG CB  HB2  sing N N 22  
ARG CB  HB3  sing N N 23  
ARG CG  CD   sing N N 24  
ARG CG  HG2  sing N N 25  
ARG CG  HG3  sing N N 26  
ARG CD  NE   sing N N 27  
ARG CD  HD2  sing N N 28  
ARG CD  HD3  sing N N 29  
ARG NE  CZ   sing N N 30  
ARG NE  HE   sing N N 31  
ARG CZ  NH1  sing N N 32  
ARG CZ  NH2  doub N N 33  
ARG NH1 HH11 sing N N 34  
ARG NH1 HH12 sing N N 35  
ARG NH2 HH21 sing N N 36  
ARG NH2 HH22 sing N N 37  
ARG OXT HXT  sing N N 38  
ASN N   CA   sing N N 39  
ASN N   H    sing N N 40  
ASN N   H2   sing N N 41  
ASN CA  C    sing N N 42  
ASN CA  CB   sing N N 43  
ASN CA  HA   sing N N 44  
ASN C   O    doub N N 45  
ASN C   OXT  sing N N 46  
ASN CB  CG   sing N N 47  
ASN CB  HB2  sing N N 48  
ASN CB  HB3  sing N N 49  
ASN CG  OD1  doub N N 50  
ASN CG  ND2  sing N N 51  
ASN ND2 HD21 sing N N 52  
ASN ND2 HD22 sing N N 53  
ASN OXT HXT  sing N N 54  
ASP N   CA   sing N N 55  
ASP N   H    sing N N 56  
ASP N   H2   sing N N 57  
ASP CA  C    sing N N 58  
ASP CA  CB   sing N N 59  
ASP CA  HA   sing N N 60  
ASP C   O    doub N N 61  
ASP C   OXT  sing N N 62  
ASP CB  CG   sing N N 63  
ASP CB  HB2  sing N N 64  
ASP CB  HB3  sing N N 65  
ASP CG  OD1  doub N N 66  
ASP CG  OD2  sing N N 67  
ASP OD2 HD2  sing N N 68  
ASP OXT HXT  sing N N 69  
CYS N   CA   sing N N 70  
CYS N   H    sing N N 71  
CYS N   H2   sing N N 72  
CYS CA  C    sing N N 73  
CYS CA  CB   sing N N 74  
CYS CA  HA   sing N N 75  
CYS C   O    doub N N 76  
CYS C   OXT  sing N N 77  
CYS CB  SG   sing N N 78  
CYS CB  HB2  sing N N 79  
CYS CB  HB3  sing N N 80  
CYS SG  HG   sing N N 81  
CYS OXT HXT  sing N N 82  
GLN N   CA   sing N N 83  
GLN N   H    sing N N 84  
GLN N   H2   sing N N 85  
GLN CA  C    sing N N 86  
GLN CA  CB   sing N N 87  
GLN CA  HA   sing N N 88  
GLN C   O    doub N N 89  
GLN C   OXT  sing N N 90  
GLN CB  CG   sing N N 91  
GLN CB  HB2  sing N N 92  
GLN CB  HB3  sing N N 93  
GLN CG  CD   sing N N 94  
GLN CG  HG2  sing N N 95  
GLN CG  HG3  sing N N 96  
GLN CD  OE1  doub N N 97  
GLN CD  NE2  sing N N 98  
GLN NE2 HE21 sing N N 99  
GLN NE2 HE22 sing N N 100 
GLN OXT HXT  sing N N 101 
GLU N   CA   sing N N 102 
GLU N   H    sing N N 103 
GLU N   H2   sing N N 104 
GLU CA  C    sing N N 105 
GLU CA  CB   sing N N 106 
GLU CA  HA   sing N N 107 
GLU C   O    doub N N 108 
GLU C   OXT  sing N N 109 
GLU CB  CG   sing N N 110 
GLU CB  HB2  sing N N 111 
GLU CB  HB3  sing N N 112 
GLU CG  CD   sing N N 113 
GLU CG  HG2  sing N N 114 
GLU CG  HG3  sing N N 115 
GLU CD  OE1  doub N N 116 
GLU CD  OE2  sing N N 117 
GLU OE2 HE2  sing N N 118 
GLU OXT HXT  sing N N 119 
GLY N   CA   sing N N 120 
GLY N   H    sing N N 121 
GLY N   H2   sing N N 122 
GLY CA  C    sing N N 123 
GLY CA  HA2  sing N N 124 
GLY CA  HA3  sing N N 125 
GLY C   O    doub N N 126 
GLY C   OXT  sing N N 127 
GLY OXT HXT  sing N N 128 
HIS N   CA   sing N N 129 
HIS N   H    sing N N 130 
HIS N   H2   sing N N 131 
HIS CA  C    sing N N 132 
HIS CA  CB   sing N N 133 
HIS CA  HA   sing N N 134 
HIS C   O    doub N N 135 
HIS C   OXT  sing N N 136 
HIS CB  CG   sing N N 137 
HIS CB  HB2  sing N N 138 
HIS CB  HB3  sing N N 139 
HIS CG  ND1  sing Y N 140 
HIS CG  CD2  doub Y N 141 
HIS ND1 CE1  doub Y N 142 
HIS ND1 HD1  sing N N 143 
HIS CD2 NE2  sing Y N 144 
HIS CD2 HD2  sing N N 145 
HIS CE1 NE2  sing Y N 146 
HIS CE1 HE1  sing N N 147 
HIS NE2 HE2  sing N N 148 
HIS OXT HXT  sing N N 149 
ILE N   CA   sing N N 150 
ILE N   H    sing N N 151 
ILE N   H2   sing N N 152 
ILE CA  C    sing N N 153 
ILE CA  CB   sing N N 154 
ILE CA  HA   sing N N 155 
ILE C   O    doub N N 156 
ILE C   OXT  sing N N 157 
ILE CB  CG1  sing N N 158 
ILE CB  CG2  sing N N 159 
ILE CB  HB   sing N N 160 
ILE CG1 CD1  sing N N 161 
ILE CG1 HG12 sing N N 162 
ILE CG1 HG13 sing N N 163 
ILE CG2 HG21 sing N N 164 
ILE CG2 HG22 sing N N 165 
ILE CG2 HG23 sing N N 166 
ILE CD1 HD11 sing N N 167 
ILE CD1 HD12 sing N N 168 
ILE CD1 HD13 sing N N 169 
ILE OXT HXT  sing N N 170 
LEU N   CA   sing N N 171 
LEU N   H    sing N N 172 
LEU N   H2   sing N N 173 
LEU CA  C    sing N N 174 
LEU CA  CB   sing N N 175 
LEU CA  HA   sing N N 176 
LEU C   O    doub N N 177 
LEU C   OXT  sing N N 178 
LEU CB  CG   sing N N 179 
LEU CB  HB2  sing N N 180 
LEU CB  HB3  sing N N 181 
LEU CG  CD1  sing N N 182 
LEU CG  CD2  sing N N 183 
LEU CG  HG   sing N N 184 
LEU CD1 HD11 sing N N 185 
LEU CD1 HD12 sing N N 186 
LEU CD1 HD13 sing N N 187 
LEU CD2 HD21 sing N N 188 
LEU CD2 HD22 sing N N 189 
LEU CD2 HD23 sing N N 190 
LEU OXT HXT  sing N N 191 
LYS N   CA   sing N N 192 
LYS N   H    sing N N 193 
LYS N   H2   sing N N 194 
LYS CA  C    sing N N 195 
LYS CA  CB   sing N N 196 
LYS CA  HA   sing N N 197 
LYS C   O    doub N N 198 
LYS C   OXT  sing N N 199 
LYS CB  CG   sing N N 200 
LYS CB  HB2  sing N N 201 
LYS CB  HB3  sing N N 202 
LYS CG  CD   sing N N 203 
LYS CG  HG2  sing N N 204 
LYS CG  HG3  sing N N 205 
LYS CD  CE   sing N N 206 
LYS CD  HD2  sing N N 207 
LYS CD  HD3  sing N N 208 
LYS CE  NZ   sing N N 209 
LYS CE  HE2  sing N N 210 
LYS CE  HE3  sing N N 211 
LYS NZ  HZ1  sing N N 212 
LYS NZ  HZ2  sing N N 213 
LYS NZ  HZ3  sing N N 214 
LYS OXT HXT  sing N N 215 
MAN C1  C2   sing N N 216 
MAN C1  O1   sing N N 217 
MAN C1  O5   sing N N 218 
MAN C1  H1   sing N N 219 
MAN C2  C3   sing N N 220 
MAN C2  O2   sing N N 221 
MAN C2  H2   sing N N 222 
MAN C3  C4   sing N N 223 
MAN C3  O3   sing N N 224 
MAN C3  H3   sing N N 225 
MAN C4  C5   sing N N 226 
MAN C4  O4   sing N N 227 
MAN C4  H4   sing N N 228 
MAN C5  C6   sing N N 229 
MAN C5  O5   sing N N 230 
MAN C5  H5   sing N N 231 
MAN C6  O6   sing N N 232 
MAN C6  H61  sing N N 233 
MAN C6  H62  sing N N 234 
MAN O1  HO1  sing N N 235 
MAN O2  HO2  sing N N 236 
MAN O3  HO3  sing N N 237 
MAN O4  HO4  sing N N 238 
MAN O6  HO6  sing N N 239 
MET N   CA   sing N N 240 
MET N   H    sing N N 241 
MET N   H2   sing N N 242 
MET CA  C    sing N N 243 
MET CA  CB   sing N N 244 
MET CA  HA   sing N N 245 
MET C   O    doub N N 246 
MET C   OXT  sing N N 247 
MET CB  CG   sing N N 248 
MET CB  HB2  sing N N 249 
MET CB  HB3  sing N N 250 
MET CG  SD   sing N N 251 
MET CG  HG2  sing N N 252 
MET CG  HG3  sing N N 253 
MET SD  CE   sing N N 254 
MET CE  HE1  sing N N 255 
MET CE  HE2  sing N N 256 
MET CE  HE3  sing N N 257 
MET OXT HXT  sing N N 258 
MMA C1  C2   sing N N 259 
MMA C1  O1   sing N N 260 
MMA C1  O5   sing N N 261 
MMA C1  H1   sing N N 262 
MMA C2  C3   sing N N 263 
MMA C2  O2   sing N N 264 
MMA C2  H2   sing N N 265 
MMA C3  C4   sing N N 266 
MMA C3  O3   sing N N 267 
MMA C3  H3   sing N N 268 
MMA C4  C5   sing N N 269 
MMA C4  O4   sing N N 270 
MMA C4  H4   sing N N 271 
MMA C5  C6   sing N N 272 
MMA C5  O5   sing N N 273 
MMA C5  H5   sing N N 274 
MMA C6  O6   sing N N 275 
MMA C6  H61  sing N N 276 
MMA C6  H62  sing N N 277 
MMA C7  O1   sing N N 278 
MMA C7  H71  sing N N 279 
MMA C7  H72  sing N N 280 
MMA C7  H73  sing N N 281 
MMA O2  HO2  sing N N 282 
MMA O3  HO3  sing N N 283 
MMA O4  HO4  sing N N 284 
MMA O6  HO6  sing N N 285 
PHE N   CA   sing N N 286 
PHE N   H    sing N N 287 
PHE N   H2   sing N N 288 
PHE CA  C    sing N N 289 
PHE CA  CB   sing N N 290 
PHE CA  HA   sing N N 291 
PHE C   O    doub N N 292 
PHE C   OXT  sing N N 293 
PHE CB  CG   sing N N 294 
PHE CB  HB2  sing N N 295 
PHE CB  HB3  sing N N 296 
PHE CG  CD1  doub Y N 297 
PHE CG  CD2  sing Y N 298 
PHE CD1 CE1  sing Y N 299 
PHE CD1 HD1  sing N N 300 
PHE CD2 CE2  doub Y N 301 
PHE CD2 HD2  sing N N 302 
PHE CE1 CZ   doub Y N 303 
PHE CE1 HE1  sing N N 304 
PHE CE2 CZ   sing Y N 305 
PHE CE2 HE2  sing N N 306 
PHE CZ  HZ   sing N N 307 
PHE OXT HXT  sing N N 308 
PRO N   CA   sing N N 309 
PRO N   CD   sing N N 310 
PRO N   H    sing N N 311 
PRO CA  C    sing N N 312 
PRO CA  CB   sing N N 313 
PRO CA  HA   sing N N 314 
PRO C   O    doub N N 315 
PRO C   OXT  sing N N 316 
PRO CB  CG   sing N N 317 
PRO CB  HB2  sing N N 318 
PRO CB  HB3  sing N N 319 
PRO CG  CD   sing N N 320 
PRO CG  HG2  sing N N 321 
PRO CG  HG3  sing N N 322 
PRO CD  HD2  sing N N 323 
PRO CD  HD3  sing N N 324 
PRO OXT HXT  sing N N 325 
SER N   CA   sing N N 326 
SER N   H    sing N N 327 
SER N   H2   sing N N 328 
SER CA  C    sing N N 329 
SER CA  CB   sing N N 330 
SER CA  HA   sing N N 331 
SER C   O    doub N N 332 
SER C   OXT  sing N N 333 
SER CB  OG   sing N N 334 
SER CB  HB2  sing N N 335 
SER CB  HB3  sing N N 336 
SER OG  HG   sing N N 337 
SER OXT HXT  sing N N 338 
THR N   CA   sing N N 339 
THR N   H    sing N N 340 
THR N   H2   sing N N 341 
THR CA  C    sing N N 342 
THR CA  CB   sing N N 343 
THR CA  HA   sing N N 344 
THR C   O    doub N N 345 
THR C   OXT  sing N N 346 
THR CB  OG1  sing N N 347 
THR CB  CG2  sing N N 348 
THR CB  HB   sing N N 349 
THR OG1 HG1  sing N N 350 
THR CG2 HG21 sing N N 351 
THR CG2 HG22 sing N N 352 
THR CG2 HG23 sing N N 353 
THR OXT HXT  sing N N 354 
TRP N   CA   sing N N 355 
TRP N   H    sing N N 356 
TRP N   H2   sing N N 357 
TRP CA  C    sing N N 358 
TRP CA  CB   sing N N 359 
TRP CA  HA   sing N N 360 
TRP C   O    doub N N 361 
TRP C   OXT  sing N N 362 
TRP CB  CG   sing N N 363 
TRP CB  HB2  sing N N 364 
TRP CB  HB3  sing N N 365 
TRP CG  CD1  doub Y N 366 
TRP CG  CD2  sing Y N 367 
TRP CD1 NE1  sing Y N 368 
TRP CD1 HD1  sing N N 369 
TRP CD2 CE2  doub Y N 370 
TRP CD2 CE3  sing Y N 371 
TRP NE1 CE2  sing Y N 372 
TRP NE1 HE1  sing N N 373 
TRP CE2 CZ2  sing Y N 374 
TRP CE3 CZ3  doub Y N 375 
TRP CE3 HE3  sing N N 376 
TRP CZ2 CH2  doub Y N 377 
TRP CZ2 HZ2  sing N N 378 
TRP CZ3 CH2  sing Y N 379 
TRP CZ3 HZ3  sing N N 380 
TRP CH2 HH2  sing N N 381 
TRP OXT HXT  sing N N 382 
TYR N   CA   sing N N 383 
TYR N   H    sing N N 384 
TYR N   H2   sing N N 385 
TYR CA  C    sing N N 386 
TYR CA  CB   sing N N 387 
TYR CA  HA   sing N N 388 
TYR C   O    doub N N 389 
TYR C   OXT  sing N N 390 
TYR CB  CG   sing N N 391 
TYR CB  HB2  sing N N 392 
TYR CB  HB3  sing N N 393 
TYR CG  CD1  doub Y N 394 
TYR CG  CD2  sing Y N 395 
TYR CD1 CE1  sing Y N 396 
TYR CD1 HD1  sing N N 397 
TYR CD2 CE2  doub Y N 398 
TYR CD2 HD2  sing N N 399 
TYR CE1 CZ   doub Y N 400 
TYR CE1 HE1  sing N N 401 
TYR CE2 CZ   sing Y N 402 
TYR CE2 HE2  sing N N 403 
TYR CZ  OH   sing N N 404 
TYR OH  HH   sing N N 405 
TYR OXT HXT  sing N N 406 
VAL N   CA   sing N N 407 
VAL N   H    sing N N 408 
VAL N   H2   sing N N 409 
VAL CA  C    sing N N 410 
VAL CA  CB   sing N N 411 
VAL CA  HA   sing N N 412 
VAL C   O    doub N N 413 
VAL C   OXT  sing N N 414 
VAL CB  CG1  sing N N 415 
VAL CB  CG2  sing N N 416 
VAL CB  HB   sing N N 417 
VAL CG1 HG11 sing N N 418 
VAL CG1 HG12 sing N N 419 
VAL CG1 HG13 sing N N 420 
VAL CG2 HG21 sing N N 421 
VAL CG2 HG22 sing N N 422 
VAL CG2 HG23 sing N N 423 
VAL OXT HXT  sing N N 424 
# 
loop_
_pdbx_entity_branch_list.entity_id 
_pdbx_entity_branch_list.comp_id 
_pdbx_entity_branch_list.num 
_pdbx_entity_branch_list.hetero 
2 MMA 1 n 
2 MAN 2 n 
# 
_pdbx_initial_refinement_model.accession_code   ? 
_pdbx_initial_refinement_model.id               1 
_pdbx_initial_refinement_model.entity_id_list   ? 
_pdbx_initial_refinement_model.type             'experimental model' 
_pdbx_initial_refinement_model.source_name      Other 
_pdbx_initial_refinement_model.details          'GNA-ALPHA-MEMAN COMPLEX' 
# 
_atom_sites.entry_id                    1NIV 
_atom_sites.fract_transf_matrix[1][1]   -0.00371239 
_atom_sites.fract_transf_matrix[1][2]   -0.00270371 
_atom_sites.fract_transf_matrix[1][3]   0.00559564 
_atom_sites.fract_transf_matrix[2][1]   0.00536769 
_atom_sites.fract_transf_matrix[2][2]   0.00188986 
_atom_sites.fract_transf_matrix[2][3]   0.00447431 
_atom_sites.fract_transf_matrix[3][1]   -0.00313195 
_atom_sites.fract_transf_matrix[3][2]   0.00644372 
_atom_sites.fract_transf_matrix[3][3]   0.00103561 
_atom_sites.fract_transf_vector[1]      0.955651 
_atom_sites.fract_transf_vector[2]      0.230140 
_atom_sites.fract_transf_vector[3]      0.927096 
# 
loop_
_atom_type.symbol 
C 
N 
O 
S 
# 
loop_
_atom_site.group_PDB 
_atom_site.id 
_atom_site.type_symbol 
_atom_site.label_atom_id 
_atom_site.label_alt_id 
_atom_site.label_comp_id 
_atom_site.label_asym_id 
_atom_site.label_entity_id 
_atom_site.label_seq_id 
_atom_site.pdbx_PDB_ins_code 
_atom_site.Cartn_x 
_atom_site.Cartn_y 
_atom_site.Cartn_z 
_atom_site.occupancy 
_atom_site.B_iso_or_equiv 
_atom_site.pdbx_formal_charge 
_atom_site.auth_seq_id 
_atom_site.auth_comp_id 
_atom_site.auth_asym_id 
_atom_site.auth_atom_id 
_atom_site.pdbx_PDB_model_num 
ATOM   1    N N   . ASP A 1 1   ? 1.364   4.516   3.343   1.00 31.55 ? 1   ASP A N   1 
ATOM   2    C CA  . ASP A 1 1   ? 2.756   4.347   3.800   1.00 31.55 ? 1   ASP A CA  1 
ATOM   3    C C   . ASP A 1 1   ? 2.979   5.392   4.885   1.00 31.55 ? 1   ASP A C   1 
ATOM   4    O O   . ASP A 1 1   ? 2.300   6.418   4.907   1.00 31.55 ? 1   ASP A O   1 
ATOM   5    C CB  . ASP A 1 1   ? 3.712   4.585   2.623   1.00 50.00 ? 1   ASP A CB  1 
ATOM   6    C CG  . ASP A 1 1   ? 5.091   3.991   2.851   1.00 50.00 ? 1   ASP A CG  1 
ATOM   7    O OD1 . ASP A 1 1   ? 5.274   3.255   3.844   1.00 50.00 ? 1   ASP A OD1 1 
ATOM   8    O OD2 . ASP A 1 1   ? 5.989   4.253   2.021   1.00 50.00 ? 1   ASP A OD2 1 
ATOM   9    N N   . ASN A 1 2   ? 3.874   5.103   5.819   1.00 10.00 ? 2   ASN A N   1 
ATOM   10   C CA  . ASN A 1 2   ? 4.193   6.045   6.870   1.00 10.00 ? 2   ASN A CA  1 
ATOM   11   C C   . ASN A 1 2   ? 5.689   6.377   6.934   1.00 10.00 ? 2   ASN A C   1 
ATOM   12   O O   . ASN A 1 2   ? 6.185   6.919   7.937   1.00 10.00 ? 2   ASN A O   1 
ATOM   13   C CB  . ASN A 1 2   ? 3.645   5.578   8.223   1.00 14.66 ? 2   ASN A CB  1 
ATOM   14   C CG  . ASN A 1 2   ? 4.410   4.426   8.813   1.00 14.66 ? 2   ASN A CG  1 
ATOM   15   O OD1 . ASN A 1 2   ? 4.764   3.470   8.127   1.00 14.66 ? 2   ASN A OD1 1 
ATOM   16   N ND2 . ASN A 1 2   ? 4.631   4.488   10.118  1.00 14.66 ? 2   ASN A ND2 1 
ATOM   17   N N   . ILE A 1 3   ? 6.396   6.070   5.852   1.00 10.00 ? 3   ILE A N   1 
ATOM   18   C CA  . ILE A 1 3   ? 7.817   6.355   5.763   1.00 10.00 ? 3   ILE A CA  1 
ATOM   19   C C   . ILE A 1 3   ? 8.207   7.022   4.444   1.00 10.00 ? 3   ILE A C   1 
ATOM   20   O O   . ILE A 1 3   ? 7.983   6.475   3.343   1.00 10.00 ? 3   ILE A O   1 
ATOM   21   C CB  . ILE A 1 3   ? 8.690   5.094   5.885   1.00 10.00 ? 3   ILE A CB  1 
ATOM   22   C CG1 . ILE A 1 3   ? 8.555   4.455   7.258   1.00 10.00 ? 3   ILE A CG1 1 
ATOM   23   C CG2 . ILE A 1 3   ? 10.147  5.475   5.679   1.00 10.00 ? 3   ILE A CG2 1 
ATOM   24   C CD1 . ILE A 1 3   ? 9.561   3.366   7.492   1.00 10.00 ? 3   ILE A CD1 1 
ATOM   25   N N   . LEU A 1 4   ? 8.796   8.205   4.554   1.00 10.00 ? 4   LEU A N   1 
ATOM   26   C CA  . LEU A 1 4   ? 9.274   8.918   3.384   1.00 10.00 ? 4   LEU A CA  1 
ATOM   27   C C   . LEU A 1 4   ? 10.773  8.629   3.449   1.00 10.00 ? 4   LEU A C   1 
ATOM   28   O O   . LEU A 1 4   ? 11.427  9.019   4.416   1.00 10.00 ? 4   LEU A O   1 
ATOM   29   C CB  . LEU A 1 4   ? 9.011   10.409  3.542   1.00 10.14 ? 4   LEU A CB  1 
ATOM   30   C CG  . LEU A 1 4   ? 9.499   11.320  2.424   1.00 10.14 ? 4   LEU A CG  1 
ATOM   31   C CD1 . LEU A 1 4   ? 8.930   10.857  1.118   1.00 10.14 ? 4   LEU A CD1 1 
ATOM   32   C CD2 . LEU A 1 4   ? 9.066   12.754  2.697   1.00 10.14 ? 4   LEU A CD2 1 
ATOM   33   N N   . TYR A 1 5   ? 11.305  7.862   2.500   1.00 18.58 ? 5   TYR A N   1 
ATOM   34   C CA  . TYR A 1 5   ? 12.731  7.542   2.528   1.00 18.58 ? 5   TYR A CA  1 
ATOM   35   C C   . TYR A 1 5   ? 13.516  8.664   1.884   1.00 18.58 ? 5   TYR A C   1 
ATOM   36   O O   . TYR A 1 5   ? 12.988  9.378   1.035   1.00 18.58 ? 5   TYR A O   1 
ATOM   37   C CB  . TYR A 1 5   ? 13.018  6.228   1.803   1.00 34.40 ? 5   TYR A CB  1 
ATOM   38   C CG  . TYR A 1 5   ? 12.314  5.018   2.380   1.00 34.40 ? 5   TYR A CG  1 
ATOM   39   C CD1 . TYR A 1 5   ? 11.030  4.683   1.961   1.00 34.40 ? 5   TYR A CD1 1 
ATOM   40   C CD2 . TYR A 1 5   ? 12.939  4.189   3.314   1.00 34.40 ? 5   TYR A CD2 1 
ATOM   41   C CE1 . TYR A 1 5   ? 10.381  3.556   2.446   1.00 34.40 ? 5   TYR A CE1 1 
ATOM   42   C CE2 . TYR A 1 5   ? 12.301  3.055   3.805   1.00 34.40 ? 5   TYR A CE2 1 
ATOM   43   C CZ  . TYR A 1 5   ? 11.018  2.743   3.364   1.00 34.40 ? 5   TYR A CZ  1 
ATOM   44   O OH  . TYR A 1 5   ? 10.361  1.615   3.807   1.00 34.40 ? 5   TYR A OH  1 
ATOM   45   N N   . SER A 1 6   ? 14.763  8.849   2.305   1.00 10.00 ? 6   SER A N   1 
ATOM   46   C CA  . SER A 1 6   ? 15.600  9.901   1.724   1.00 10.00 ? 6   SER A CA  1 
ATOM   47   C C   . SER A 1 6   ? 15.695  9.714   0.216   1.00 10.00 ? 6   SER A C   1 
ATOM   48   O O   . SER A 1 6   ? 15.864  8.612   -0.272  1.00 10.00 ? 6   SER A O   1 
ATOM   49   C CB  . SER A 1 6   ? 16.993  9.913   2.358   1.00 36.03 ? 6   SER A CB  1 
ATOM   50   O OG  . SER A 1 6   ? 17.606  8.638   2.290   1.00 36.03 ? 6   SER A OG  1 
ATOM   51   N N   . GLY A 1 7   ? 15.546  10.792  -0.528  1.00 21.26 ? 7   GLY A N   1 
ATOM   52   C CA  . GLY A 1 7   ? 15.605  10.671  -1.964  1.00 21.26 ? 7   GLY A CA  1 
ATOM   53   C C   . GLY A 1 7   ? 14.212  10.588  -2.532  1.00 21.26 ? 7   GLY A C   1 
ATOM   54   O O   . GLY A 1 7   ? 14.056  10.469  -3.745  1.00 21.26 ? 7   GLY A O   1 
ATOM   55   N N   . GLU A 1 8   ? 13.207  10.605  -1.662  1.00 18.36 ? 8   GLU A N   1 
ATOM   56   C CA  . GLU A 1 8   ? 11.814  10.567  -2.099  1.00 18.36 ? 8   GLU A CA  1 
ATOM   57   C C   . GLU A 1 8   ? 11.177  11.948  -1.960  1.00 18.36 ? 8   GLU A C   1 
ATOM   58   O O   . GLU A 1 8   ? 11.780  12.849  -1.374  1.00 18.36 ? 8   GLU A O   1 
ATOM   59   C CB  . GLU A 1 8   ? 11.031  9.531   -1.318  1.00 38.31 ? 8   GLU A CB  1 
ATOM   60   C CG  . GLU A 1 8   ? 11.531  8.141   -1.539  1.00 38.31 ? 8   GLU A CG  1 
ATOM   61   C CD  . GLU A 1 8   ? 10.576  7.102   -1.027  1.00 38.31 ? 8   GLU A CD  1 
ATOM   62   O OE1 . GLU A 1 8   ? 9.846   7.379   -0.042  1.00 38.31 ? 8   GLU A OE1 1 
ATOM   63   O OE2 . GLU A 1 8   ? 10.547  5.999   -1.620  1.00 38.31 ? 8   GLU A OE2 1 
ATOM   64   N N   . THR A 1 9   ? 9.944   12.091  -2.451  1.00 41.72 ? 9   THR A N   1 
ATOM   65   C CA  . THR A 1 9   ? 9.244   13.373  -2.437  1.00 41.72 ? 9   THR A CA  1 
ATOM   66   C C   . THR A 1 9   ? 7.722   13.280  -2.403  1.00 41.72 ? 9   THR A C   1 
ATOM   67   O O   . THR A 1 9   ? 7.117   12.639  -3.265  1.00 41.72 ? 9   THR A O   1 
ATOM   68   C CB  . THR A 1 9   ? 9.586   14.168  -3.714  1.00 40.45 ? 9   THR A CB  1 
ATOM   69   O OG1 . THR A 1 9   ? 10.999  14.375  -3.788  1.00 40.45 ? 9   THR A OG1 1 
ATOM   70   C CG2 . THR A 1 9   ? 8.890   15.500  -3.726  1.00 40.45 ? 9   THR A CG2 1 
ATOM   71   N N   . LEU A 1 10  ? 7.105   13.950  -1.432  1.00 10.00 ? 10  LEU A N   1 
ATOM   72   C CA  . LEU A 1 10  ? 5.648   13.999  -1.340  1.00 10.00 ? 10  LEU A CA  1 
ATOM   73   C C   . LEU A 1 10  ? 5.292   15.204  -2.178  1.00 10.00 ? 10  LEU A C   1 
ATOM   74   O O   . LEU A 1 10  ? 5.799   16.310  -1.939  1.00 10.00 ? 10  LEU A O   1 
ATOM   75   C CB  . LEU A 1 10  ? 5.161   14.280  0.087   1.00 22.66 ? 10  LEU A CB  1 
ATOM   76   C CG  . LEU A 1 10  ? 5.267   13.248  1.208   1.00 22.66 ? 10  LEU A CG  1 
ATOM   77   C CD1 . LEU A 1 10  ? 4.647   13.814  2.447   1.00 22.66 ? 10  LEU A CD1 1 
ATOM   78   C CD2 . LEU A 1 10  ? 4.547   11.983  0.837   1.00 22.66 ? 10  LEU A CD2 1 
ATOM   79   N N   . SER A 1 11  ? 4.495   14.983  -3.212  1.00 13.25 ? 11  SER A N   1 
ATOM   80   C CA  . SER A 1 11  ? 4.052   16.085  -4.057  1.00 13.25 ? 11  SER A CA  1 
ATOM   81   C C   . SER A 1 11  ? 2.833   16.692  -3.395  1.00 13.25 ? 11  SER A C   1 
ATOM   82   O O   . SER A 1 11  ? 2.445   16.315  -2.281  1.00 13.25 ? 11  SER A O   1 
ATOM   83   C CB  . SER A 1 11  ? 3.691   15.623  -5.461  1.00 31.39 ? 11  SER A CB  1 
ATOM   84   O OG  . SER A 1 11  ? 4.759   14.904  -6.036  1.00 31.39 ? 11  SER A OG  1 
ATOM   85   N N   . THR A 1 12  ? 2.223   17.632  -4.089  1.00 11.06 ? 12  THR A N   1 
ATOM   86   C CA  . THR A 1 12  ? 1.080   18.304  -3.541  1.00 11.06 ? 12  THR A CA  1 
ATOM   87   C C   . THR A 1 12  ? -0.043  17.322  -3.330  1.00 11.06 ? 12  THR A C   1 
ATOM   88   O O   . THR A 1 12  ? -0.327  16.492  -4.193  1.00 11.06 ? 12  THR A O   1 
ATOM   89   C CB  . THR A 1 12  ? 0.629   19.410  -4.458  1.00 24.25 ? 12  THR A CB  1 
ATOM   90   O OG1 . THR A 1 12  ? 1.768   19.926  -5.168  1.00 24.25 ? 12  THR A OG1 1 
ATOM   91   C CG2 . THR A 1 12  ? 0.022   20.501  -3.635  1.00 24.25 ? 12  THR A CG2 1 
ATOM   92   N N   . GLY A 1 13  ? -0.652  17.378  -2.155  1.00 25.41 ? 13  GLY A N   1 
ATOM   93   C CA  . GLY A 1 13  ? -1.749  16.483  -1.869  1.00 25.41 ? 13  GLY A CA  1 
ATOM   94   C C   . GLY A 1 13  ? -1.304  15.110  -1.426  1.00 25.41 ? 13  GLY A C   1 
ATOM   95   O O   . GLY A 1 13  ? -2.124  14.305  -0.979  1.00 25.41 ? 13  GLY A O   1 
ATOM   96   N N   . GLU A 1 14  ? -0.021  14.814  -1.564  1.00 12.06 ? 14  GLU A N   1 
ATOM   97   C CA  . GLU A 1 14  ? 0.479   13.513  -1.127  1.00 12.06 ? 14  GLU A CA  1 
ATOM   98   C C   . GLU A 1 14  ? 0.701   13.583  0.384   1.00 12.06 ? 14  GLU A C   1 
ATOM   99   O O   . GLU A 1 14  ? 0.815   14.676  0.967   1.00 12.06 ? 14  GLU A O   1 
ATOM   100  C CB  . GLU A 1 14  ? 1.768   13.151  -1.850  1.00 38.71 ? 14  GLU A CB  1 
ATOM   101  C CG  . GLU A 1 14  ? 1.621   13.095  -3.339  1.00 38.71 ? 14  GLU A CG  1 
ATOM   102  C CD  . GLU A 1 14  ? 2.630   12.180  -3.962  1.00 38.71 ? 14  GLU A CD  1 
ATOM   103  O OE1 . GLU A 1 14  ? 2.453   10.958  -3.840  1.00 38.71 ? 14  GLU A OE1 1 
ATOM   104  O OE2 . GLU A 1 14  ? 3.604   12.665  -4.564  1.00 38.71 ? 14  GLU A OE2 1 
ATOM   105  N N   . PHE A 1 15  ? 0.825   12.427  1.021   1.00 10.00 ? 15  PHE A N   1 
ATOM   106  C CA  . PHE A 1 15  ? 0.964   12.427  2.473   1.00 10.00 ? 15  PHE A CA  1 
ATOM   107  C C   . PHE A 1 15  ? 1.429   11.108  3.004   1.00 10.00 ? 15  PHE A C   1 
ATOM   108  O O   . PHE A 1 15  ? 1.288   10.083  2.342   1.00 10.00 ? 15  PHE A O   1 
ATOM   109  C CB  . PHE A 1 15  ? -0.413  12.631  3.071   1.00 10.00 ? 15  PHE A CB  1 
ATOM   110  C CG  . PHE A 1 15  ? -1.410  11.617  2.580   1.00 10.00 ? 15  PHE A CG  1 
ATOM   111  C CD1 . PHE A 1 15  ? -2.045  11.788  1.359   1.00 10.00 ? 15  PHE A CD1 1 
ATOM   112  C CD2 . PHE A 1 15  ? -1.642  10.448  3.295   1.00 10.00 ? 15  PHE A CD2 1 
ATOM   113  C CE1 . PHE A 1 15  ? -2.878  10.822  0.868   1.00 10.00 ? 15  PHE A CE1 1 
ATOM   114  C CE2 . PHE A 1 15  ? -2.480  9.480   2.799   1.00 10.00 ? 15  PHE A CE2 1 
ATOM   115  C CZ  . PHE A 1 15  ? -3.096  9.671   1.583   1.00 10.00 ? 15  PHE A CZ  1 
ATOM   116  N N   . LEU A 1 16  ? 1.931   11.147  4.231   1.00 13.80 ? 16  LEU A N   1 
ATOM   117  C CA  . LEU A 1 16  ? 2.333   9.950   4.936   1.00 13.80 ? 16  LEU A CA  1 
ATOM   118  C C   . LEU A 1 16  ? 1.115   9.744   5.802   1.00 13.80 ? 16  LEU A C   1 
ATOM   119  O O   . LEU A 1 16  ? 0.383   10.705  6.091   1.00 13.80 ? 16  LEU A O   1 
ATOM   120  C CB  . LEU A 1 16  ? 3.538   10.201  5.813   1.00 10.00 ? 16  LEU A CB  1 
ATOM   121  C CG  . LEU A 1 16  ? 4.778   10.604  5.032   1.00 10.00 ? 16  LEU A CG  1 
ATOM   122  C CD1 . LEU A 1 16  ? 5.955   10.825  5.999   1.00 10.00 ? 16  LEU A CD1 1 
ATOM   123  C CD2 . LEU A 1 16  ? 5.093   9.534   3.989   1.00 10.00 ? 16  LEU A CD2 1 
ATOM   124  N N   . ASN A 1 17  ? 0.855   8.513   6.198   1.00 10.70 ? 17  ASN A N   1 
ATOM   125  C CA  . ASN A 1 17  ? -0.316  8.278   7.003   1.00 10.70 ? 17  ASN A CA  1 
ATOM   126  C C   . ASN A 1 17  ? -0.157  7.032   7.828   1.00 10.70 ? 17  ASN A C   1 
ATOM   127  O O   . ASN A 1 17  ? 0.478   6.054   7.413   1.00 10.70 ? 17  ASN A O   1 
ATOM   128  C CB  . ASN A 1 17  ? -1.544  8.131   6.120   1.00 37.94 ? 17  ASN A CB  1 
ATOM   129  C CG  . ASN A 1 17  ? -1.677  6.740   5.556   1.00 37.94 ? 17  ASN A CG  1 
ATOM   130  O OD1 . ASN A 1 17  ? -0.939  6.348   4.655   1.00 37.94 ? 17  ASN A OD1 1 
ATOM   131  N ND2 . ASN A 1 17  ? -2.594  5.966   6.118   1.00 37.94 ? 17  ASN A ND2 1 
ATOM   132  N N   . TYR A 1 18  ? -0.806  7.050   8.977   1.00 14.44 ? 18  TYR A N   1 
ATOM   133  C CA  . TYR A 1 18  ? -0.764  5.935   9.894   1.00 14.44 ? 18  TYR A CA  1 
ATOM   134  C C   . TYR A 1 18  ? -1.912  6.142   10.845  1.00 14.44 ? 18  TYR A C   1 
ATOM   135  O O   . TYR A 1 18  ? -2.058  7.224   11.410  1.00 14.44 ? 18  TYR A O   1 
ATOM   136  C CB  . TYR A 1 18  ? 0.551   5.931   10.663  1.00 20.10 ? 18  TYR A CB  1 
ATOM   137  C CG  . TYR A 1 18  ? 0.594   4.849   11.696  1.00 20.10 ? 18  TYR A CG  1 
ATOM   138  C CD1 . TYR A 1 18  ? 1.033   3.563   11.374  1.00 20.10 ? 18  TYR A CD1 1 
ATOM   139  C CD2 . TYR A 1 18  ? 0.120   5.081   12.977  1.00 20.10 ? 18  TYR A CD2 1 
ATOM   140  C CE1 . TYR A 1 18  ? 0.990   2.539   12.300  1.00 20.10 ? 18  TYR A CE1 1 
ATOM   141  C CE2 . TYR A 1 18  ? 0.073   4.060   13.907  1.00 20.10 ? 18  TYR A CE2 1 
ATOM   142  C CZ  . TYR A 1 18  ? 0.506   2.796   13.561  1.00 20.10 ? 18  TYR A CZ  1 
ATOM   143  O OH  . TYR A 1 18  ? 0.441   1.791   14.490  1.00 20.10 ? 18  TYR A OH  1 
ATOM   144  N N   . GLY A 1 19  ? -2.720  5.106   11.031  1.00 10.00 ? 19  GLY A N   1 
ATOM   145  C CA  . GLY A 1 19  ? -3.862  5.225   11.924  1.00 10.00 ? 19  GLY A CA  1 
ATOM   146  C C   . GLY A 1 19  ? -4.752  6.375   11.469  1.00 10.00 ? 19  GLY A C   1 
ATOM   147  O O   . GLY A 1 19  ? -5.126  6.454   10.281  1.00 10.00 ? 19  GLY A O   1 
ATOM   148  N N   . SER A 1 20  ? -5.087  7.268   12.398  1.00 17.54 ? 20  SER A N   1 
ATOM   149  C CA  . SER A 1 20  ? -5.908  8.423   12.070  1.00 17.54 ? 20  SER A CA  1 
ATOM   150  C C   . SER A 1 20  ? -5.003  9.589   11.782  1.00 17.54 ? 20  SER A C   1 
ATOM   151  O O   . SER A 1 20  ? -5.471  10.675  11.486  1.00 17.54 ? 20  SER A O   1 
ATOM   152  C CB  . SER A 1 20  ? -6.863  8.766   13.213  1.00 10.00 ? 20  SER A CB  1 
ATOM   153  O OG  . SER A 1 20  ? -6.244  8.600   14.475  1.00 10.00 ? 20  SER A OG  1 
ATOM   154  N N   . PHE A 1 21  ? -3.698  9.365   11.876  1.00 10.00 ? 21  PHE A N   1 
ATOM   155  C CA  . PHE A 1 21  ? -2.722  10.419  11.629  1.00 10.00 ? 21  PHE A CA  1 
ATOM   156  C C   . PHE A 1 21  ? -2.397  10.586  10.147  1.00 10.00 ? 21  PHE A C   1 
ATOM   157  O O   . PHE A 1 21  ? -2.138  9.603   9.452   1.00 10.00 ? 21  PHE A O   1 
ATOM   158  C CB  . PHE A 1 21  ? -1.424  10.108  12.374  1.00 10.50 ? 21  PHE A CB  1 
ATOM   159  C CG  . PHE A 1 21  ? -1.623  9.655   13.776  1.00 10.50 ? 21  PHE A CG  1 
ATOM   160  C CD1 . PHE A 1 21  ? -2.623  10.195  14.558  1.00 10.50 ? 21  PHE A CD1 1 
ATOM   161  C CD2 . PHE A 1 21  ? -0.804  8.678   14.318  1.00 10.50 ? 21  PHE A CD2 1 
ATOM   162  C CE1 . PHE A 1 21  ? -2.808  9.763   15.869  1.00 10.50 ? 21  PHE A CE1 1 
ATOM   163  C CE2 . PHE A 1 21  ? -0.979  8.240   15.623  1.00 10.50 ? 21  PHE A CE2 1 
ATOM   164  C CZ  . PHE A 1 21  ? -1.983  8.786   16.403  1.00 10.50 ? 21  PHE A CZ  1 
ATOM   165  N N   . VAL A 1 22  ? -2.374  11.821  9.668   1.00 13.79 ? 22  VAL A N   1 
ATOM   166  C CA  . VAL A 1 22  ? -2.033  12.067  8.271   1.00 13.79 ? 22  VAL A CA  1 
ATOM   167  C C   . VAL A 1 22  ? -1.112  13.274  8.197   1.00 13.79 ? 22  VAL A C   1 
ATOM   168  O O   . VAL A 1 22  ? -1.498  14.363  8.606   1.00 13.79 ? 22  VAL A O   1 
ATOM   169  C CB  . VAL A 1 22  ? -3.268  12.366  7.416   1.00 10.00 ? 22  VAL A CB  1 
ATOM   170  C CG1 . VAL A 1 22  ? -2.874  12.428  5.973   1.00 10.00 ? 22  VAL A CG1 1 
ATOM   171  C CG2 . VAL A 1 22  ? -4.346  11.328  7.638   1.00 10.00 ? 22  VAL A CG2 1 
ATOM   172  N N   . PHE A 1 23  ? 0.112   13.069  7.717   1.00 10.00 ? 23  PHE A N   1 
ATOM   173  C CA  . PHE A 1 23  ? 1.117   14.130  7.580   1.00 10.00 ? 23  PHE A CA  1 
ATOM   174  C C   . PHE A 1 23  ? 1.006   14.510  6.114   1.00 10.00 ? 23  PHE A C   1 
ATOM   175  O O   . PHE A 1 23  ? 1.619   13.863  5.264   1.00 10.00 ? 23  PHE A O   1 
ATOM   176  C CB  . PHE A 1 23  ? 2.505   13.534  7.890   1.00 10.00 ? 23  PHE A CB  1 
ATOM   177  C CG  . PHE A 1 23  ? 3.639   14.543  7.935   1.00 10.00 ? 23  PHE A CG  1 
ATOM   178  C CD1 . PHE A 1 23  ? 3.666   15.549  8.895   1.00 10.00 ? 23  PHE A CD1 1 
ATOM   179  C CD2 . PHE A 1 23  ? 4.715   14.429  7.061   1.00 10.00 ? 23  PHE A CD2 1 
ATOM   180  C CE1 . PHE A 1 23  ? 4.750   16.416  8.980   1.00 10.00 ? 23  PHE A CE1 1 
ATOM   181  C CE2 . PHE A 1 23  ? 5.796   15.289  7.144   1.00 10.00 ? 23  PHE A CE2 1 
ATOM   182  C CZ  . PHE A 1 23  ? 5.815   16.283  8.104   1.00 10.00 ? 23  PHE A CZ  1 
ATOM   183  N N   . ILE A 1 24  ? 0.213   15.538  5.815   1.00 10.00 ? 24  ILE A N   1 
ATOM   184  C CA  . ILE A 1 24  ? -0.025  15.939  4.426   1.00 10.00 ? 24  ILE A CA  1 
ATOM   185  C C   . ILE A 1 24  ? 0.629   17.214  3.915   1.00 10.00 ? 24  ILE A C   1 
ATOM   186  O O   . ILE A 1 24  ? 0.664   18.225  4.611   1.00 10.00 ? 24  ILE A O   1 
ATOM   187  C CB  . ILE A 1 24  ? -1.545  15.998  4.126   1.00 10.00 ? 24  ILE A CB  1 
ATOM   188  C CG1 . ILE A 1 24  ? -1.790  16.368  2.660   1.00 10.00 ? 24  ILE A CG1 1 
ATOM   189  C CG2 . ILE A 1 24  ? -2.231  16.962  5.076   1.00 10.00 ? 24  ILE A CG2 1 
ATOM   190  C CD1 . ILE A 1 24  ? -3.231  16.241  2.241   1.00 10.00 ? 24  ILE A CD1 1 
ATOM   191  N N   . MET A 1 25  ? 1.151   17.139  2.694   1.00 10.00 ? 25  MET A N   1 
ATOM   192  C CA  . MET A 1 25  ? 1.787   18.273  2.025   1.00 10.00 ? 25  MET A CA  1 
ATOM   193  C C   . MET A 1 25  ? 0.672   18.864  1.196   1.00 10.00 ? 25  MET A C   1 
ATOM   194  O O   . MET A 1 25  ? 0.390   18.376  0.109   1.00 10.00 ? 25  MET A O   1 
ATOM   195  C CB  . MET A 1 25  ? 2.900   17.796  1.086   1.00 10.00 ? 25  MET A CB  1 
ATOM   196  C CG  . MET A 1 25  ? 3.334   18.822  0.032   1.00 10.00 ? 25  MET A CG  1 
ATOM   197  S SD  . MET A 1 25  ? 4.521   20.047  0.688   1.00 10.00 ? 25  MET A SD  1 
ATOM   198  C CE  . MET A 1 25  ? 3.377   21.196  1.569   1.00 10.00 ? 25  MET A CE  1 
ATOM   199  N N   . GLN A 1 26  ? 0.044   19.919  1.701   1.00 10.00 ? 26  GLN A N   1 
ATOM   200  C CA  . GLN A 1 26  ? -1.087  20.537  1.018   1.00 10.00 ? 26  GLN A CA  1 
ATOM   201  C C   . GLN A 1 26  ? -0.785  21.415  -0.204  1.00 10.00 ? 26  GLN A C   1 
ATOM   202  O O   . GLN A 1 26  ? 0.355   21.817  -0.449  1.00 10.00 ? 26  GLN A O   1 
ATOM   203  C CB  . GLN A 1 26  ? -1.919  21.313  2.032   1.00 11.71 ? 26  GLN A CB  1 
ATOM   204  C CG  . GLN A 1 26  ? -2.161  20.545  3.315   1.00 11.71 ? 26  GLN A CG  1 
ATOM   205  C CD  . GLN A 1 26  ? -3.095  21.258  4.262   1.00 11.71 ? 26  GLN A CD  1 
ATOM   206  O OE1 . GLN A 1 26  ? -3.839  20.624  4.994   1.00 11.71 ? 26  GLN A OE1 1 
ATOM   207  N NE2 . GLN A 1 26  ? -3.076  22.583  4.241   1.00 11.71 ? 26  GLN A NE2 1 
ATOM   208  N N   . GLU A 1 27  ? -1.844  21.713  -0.953  1.00 16.11 ? 27  GLU A N   1 
ATOM   209  C CA  . GLU A 1 27  ? -1.780  22.546  -2.150  1.00 16.11 ? 27  GLU A CA  1 
ATOM   210  C C   . GLU A 1 27  ? -1.256  23.945  -1.839  1.00 16.11 ? 27  GLU A C   1 
ATOM   211  O O   . GLU A 1 27  ? -0.386  24.467  -2.532  1.00 16.11 ? 27  GLU A O   1 
ATOM   212  C CB  . GLU A 1 27  ? -3.166  22.612  -2.801  1.00 50.00 ? 27  GLU A CB  1 
ATOM   213  C CG  . GLU A 1 27  ? -3.253  23.466  -4.060  1.00 50.00 ? 27  GLU A CG  1 
ATOM   214  C CD  . GLU A 1 27  ? -2.457  22.912  -5.231  1.00 50.00 ? 27  GLU A CD  1 
ATOM   215  O OE1 . GLU A 1 27  ? -1.212  22.964  -5.187  1.00 50.00 ? 27  GLU A OE1 1 
ATOM   216  O OE2 . GLU A 1 27  ? -3.078  22.455  -6.210  1.00 50.00 ? 27  GLU A OE2 1 
ATOM   217  N N   . ASP A 1 28  ? -1.735  24.521  -0.747  1.00 14.77 ? 28  ASP A N   1 
ATOM   218  C CA  . ASP A 1 28  ? -1.318  25.854  -0.346  1.00 14.77 ? 28  ASP A CA  1 
ATOM   219  C C   . ASP A 1 28  ? 0.096   25.922  0.234   1.00 14.77 ? 28  ASP A C   1 
ATOM   220  O O   . ASP A 1 28  ? 0.524   26.977  0.718   1.00 14.77 ? 28  ASP A O   1 
ATOM   221  C CB  . ASP A 1 28  ? -2.317  26.439  0.650   1.00 12.95 ? 28  ASP A CB  1 
ATOM   222  C CG  . ASP A 1 28  ? -2.391  25.660  1.947   1.00 12.95 ? 28  ASP A CG  1 
ATOM   223  O OD1 . ASP A 1 28  ? -1.730  24.606  2.083   1.00 12.95 ? 28  ASP A OD1 1 
ATOM   224  O OD2 . ASP A 1 28  ? -3.131  26.114  2.845   1.00 12.95 ? 28  ASP A OD2 1 
ATOM   225  N N   . CYS A 1 29  ? 0.811   24.802  0.193   1.00 33.05 ? 29  CYS A N   1 
ATOM   226  C CA  . CYS A 1 29  ? 2.174   24.737  0.702   1.00 33.05 ? 29  CYS A CA  1 
ATOM   227  C C   . CYS A 1 29  ? 2.274   24.634  2.201   1.00 33.05 ? 29  CYS A C   1 
ATOM   228  O O   . CYS A 1 29  ? 3.306   24.962  2.770   1.00 33.05 ? 29  CYS A O   1 
ATOM   229  C CB  . CYS A 1 29  ? 2.983   25.936  0.237   1.00 19.33 ? 29  CYS A CB  1 
ATOM   230  S SG  . CYS A 1 29  ? 3.258   25.853  -1.540  1.00 19.33 ? 29  CYS A SG  1 
ATOM   231  N N   . ASN A 1 30  ? 1.209   24.187  2.851   1.00 20.21 ? 30  ASN A N   1 
ATOM   232  C CA  . ASN A 1 30  ? 1.256   24.060  4.285   1.00 20.21 ? 30  ASN A CA  1 
ATOM   233  C C   . ASN A 1 30  ? 1.416   22.596  4.626   1.00 20.21 ? 30  ASN A C   1 
ATOM   234  O O   . ASN A 1 30  ? 0.603   21.769  4.223   1.00 20.21 ? 30  ASN A O   1 
ATOM   235  C CB  . ASN A 1 30  ? -0.006  24.629  4.904   1.00 39.90 ? 30  ASN A CB  1 
ATOM   236  C CG  . ASN A 1 30  ? 0.213   25.066  6.317   1.00 39.90 ? 30  ASN A CG  1 
ATOM   237  O OD1 . ASN A 1 30  ? 1.352   25.090  6.793   1.00 39.90 ? 30  ASN A OD1 1 
ATOM   238  N ND2 . ASN A 1 30  ? -0.859  25.430  7.007   1.00 39.90 ? 30  ASN A ND2 1 
ATOM   239  N N   . LEU A 1 31  ? 2.538   22.253  5.240   1.00 10.91 ? 31  LEU A N   1 
ATOM   240  C CA  . LEU A 1 31  ? 2.781   20.873  5.631   1.00 10.91 ? 31  LEU A CA  1 
ATOM   241  C C   . LEU A 1 31  ? 2.124   20.790  6.984   1.00 10.91 ? 31  LEU A C   1 
ATOM   242  O O   . LEU A 1 31  ? 2.565   21.459  7.921   1.00 10.91 ? 31  LEU A O   1 
ATOM   243  C CB  . LEU A 1 31  ? 4.284   20.589  5.742   1.00 10.00 ? 31  LEU A CB  1 
ATOM   244  C CG  . LEU A 1 31  ? 4.740   19.160  6.094   1.00 10.00 ? 31  LEU A CG  1 
ATOM   245  C CD1 . LEU A 1 31  ? 4.150   18.128  5.159   1.00 10.00 ? 31  LEU A CD1 1 
ATOM   246  C CD2 . LEU A 1 31  ? 6.255   19.084  6.056   1.00 10.00 ? 31  LEU A CD2 1 
ATOM   247  N N   . VAL A 1 32  ? 1.043   20.019  7.062   1.00 10.00 ? 32  VAL A N   1 
ATOM   248  C CA  . VAL A 1 32  ? 0.265   19.867  8.287   1.00 10.00 ? 32  VAL A CA  1 
ATOM   249  C C   . VAL A 1 32  ? 0.129   18.420  8.749   1.00 10.00 ? 32  VAL A C   1 
ATOM   250  O O   . VAL A 1 32  ? 0.134   17.505  7.929   1.00 10.00 ? 32  VAL A O   1 
ATOM   251  C CB  . VAL A 1 32  ? -1.153  20.439  8.078   1.00 10.00 ? 32  VAL A CB  1 
ATOM   252  C CG1 . VAL A 1 32  ? -1.946  20.414  9.377   1.00 10.00 ? 32  VAL A CG1 1 
ATOM   253  C CG2 . VAL A 1 32  ? -1.065  21.852  7.505   1.00 10.00 ? 32  VAL A CG2 1 
ATOM   254  N N   . LEU A 1 33  ? 0.063   18.228  10.065  1.00 10.00 ? 33  LEU A N   1 
ATOM   255  C CA  . LEU A 1 33  ? -0.111  16.916  10.670  1.00 10.00 ? 33  LEU A CA  1 
ATOM   256  C C   . LEU A 1 33  ? -1.505  16.955  11.260  1.00 10.00 ? 33  LEU A C   1 
ATOM   257  O O   . LEU A 1 33  ? -1.766  17.775  12.140  1.00 10.00 ? 33  LEU A O   1 
ATOM   258  C CB  . LEU A 1 33  ? 0.882   16.694  11.817  1.00 10.00 ? 33  LEU A CB  1 
ATOM   259  C CG  . LEU A 1 33  ? 0.672   15.371  12.576  1.00 10.00 ? 33  LEU A CG  1 
ATOM   260  C CD1 . LEU A 1 33  ? 1.133   14.238  11.705  1.00 10.00 ? 33  LEU A CD1 1 
ATOM   261  C CD2 . LEU A 1 33  ? 1.427   15.321  13.863  1.00 10.00 ? 33  LEU A CD2 1 
ATOM   262  N N   . TYR A 1 34  ? -2.400  16.103  10.779  1.00 16.89 ? 34  TYR A N   1 
ATOM   263  C CA  . TYR A 1 34  ? -3.764  16.065  11.295  1.00 16.89 ? 34  TYR A CA  1 
ATOM   264  C C   . TYR A 1 34  ? -4.028  14.795  12.081  1.00 16.89 ? 34  TYR A C   1 
ATOM   265  O O   . TYR A 1 34  ? -3.486  13.735  11.744  1.00 16.89 ? 34  TYR A O   1 
ATOM   266  C CB  . TYR A 1 34  ? -4.775  16.081  10.153  1.00 10.00 ? 34  TYR A CB  1 
ATOM   267  C CG  . TYR A 1 34  ? -4.861  17.363  9.374   1.00 10.00 ? 34  TYR A CG  1 
ATOM   268  C CD1 . TYR A 1 34  ? -5.676  18.418  9.812   1.00 10.00 ? 34  TYR A CD1 1 
ATOM   269  C CD2 . TYR A 1 34  ? -4.153  17.520  8.181   1.00 10.00 ? 34  TYR A CD2 1 
ATOM   270  C CE1 . TYR A 1 34  ? -5.788  19.596  9.081   1.00 10.00 ? 34  TYR A CE1 1 
ATOM   271  C CE2 . TYR A 1 34  ? -4.252  18.693  7.440   1.00 10.00 ? 34  TYR A CE2 1 
ATOM   272  C CZ  . TYR A 1 34  ? -5.073  19.731  7.896   1.00 10.00 ? 34  TYR A CZ  1 
ATOM   273  O OH  . TYR A 1 34  ? -5.154  20.914  7.190   1.00 10.00 ? 34  TYR A OH  1 
ATOM   274  N N   . ASP A 1 35  ? -4.861  14.902  13.116  1.00 10.00 ? 35  ASP A N   1 
ATOM   275  C CA  . ASP A 1 35  ? -5.281  13.749  13.910  1.00 10.00 ? 35  ASP A CA  1 
ATOM   276  C C   . ASP A 1 35  ? -6.770  13.720  13.585  1.00 10.00 ? 35  ASP A C   1 
ATOM   277  O O   . ASP A 1 35  ? -7.609  14.296  14.296  1.00 10.00 ? 35  ASP A O   1 
ATOM   278  C CB  . ASP A 1 35  ? -5.077  13.994  15.396  1.00 24.91 ? 35  ASP A CB  1 
ATOM   279  C CG  . ASP A 1 35  ? -5.315  12.751  16.231  1.00 24.91 ? 35  ASP A CG  1 
ATOM   280  O OD1 . ASP A 1 35  ? -6.074  11.849  15.803  1.00 24.91 ? 35  ASP A OD1 1 
ATOM   281  O OD2 . ASP A 1 35  ? -4.731  12.681  17.334  1.00 24.91 ? 35  ASP A OD2 1 
ATOM   282  N N   . VAL A 1 36  ? -7.088  13.065  12.477  1.00 26.06 ? 36  VAL A N   1 
ATOM   283  C CA  . VAL A 1 36  ? -8.444  12.997  11.948  1.00 26.06 ? 36  VAL A CA  1 
ATOM   284  C C   . VAL A 1 36  ? -8.677  14.372  11.353  1.00 26.06 ? 36  VAL A C   1 
ATOM   285  O O   . VAL A 1 36  ? -7.946  14.772  10.454  1.00 26.06 ? 36  VAL A O   1 
ATOM   286  C CB  . VAL A 1 36  ? -9.527  12.686  13.001  1.00 15.23 ? 36  VAL A CB  1 
ATOM   287  C CG1 . VAL A 1 36  ? -10.815 12.330  12.297  1.00 15.23 ? 36  VAL A CG1 1 
ATOM   288  C CG2 . VAL A 1 36  ? -9.112  11.534  13.884  1.00 15.23 ? 36  VAL A CG2 1 
ATOM   289  N N   . ASP A 1 37  ? -9.594  15.147  11.914  1.00 10.00 ? 37  ASP A N   1 
ATOM   290  C CA  . ASP A 1 37  ? -9.870  16.468  11.359  1.00 10.00 ? 37  ASP A CA  1 
ATOM   291  C C   . ASP A 1 37  ? -9.199  17.584  12.154  1.00 10.00 ? 37  ASP A C   1 
ATOM   292  O O   . ASP A 1 37  ? -9.240  18.744  11.761  1.00 10.00 ? 37  ASP A O   1 
ATOM   293  C CB  . ASP A 1 37  ? -11.389 16.710  11.240  1.00 15.83 ? 37  ASP A CB  1 
ATOM   294  C CG  . ASP A 1 37  ? -12.102 16.747  12.595  1.00 15.83 ? 37  ASP A CG  1 
ATOM   295  O OD1 . ASP A 1 37  ? -11.646 16.095  13.553  1.00 15.83 ? 37  ASP A OD1 1 
ATOM   296  O OD2 . ASP A 1 37  ? -13.146 17.426  12.710  1.00 15.83 ? 37  ASP A OD2 1 
ATOM   297  N N   . LYS A 1 38  ? -8.524  17.230  13.237  1.00 25.59 ? 38  LYS A N   1 
ATOM   298  C CA  . LYS A 1 38  ? -7.869  18.232  14.064  1.00 25.59 ? 38  LYS A CA  1 
ATOM   299  C C   . LYS A 1 38  ? -6.441  18.489  13.635  1.00 25.59 ? 38  LYS A C   1 
ATOM   300  O O   . LYS A 1 38  ? -5.657  17.548  13.479  1.00 25.59 ? 38  LYS A O   1 
ATOM   301  C CB  . LYS A 1 38  ? -7.867  17.789  15.520  1.00 50.00 ? 38  LYS A CB  1 
ATOM   302  C CG  . LYS A 1 38  ? -9.228  17.406  16.024  1.00 50.00 ? 38  LYS A CG  1 
ATOM   303  C CD  . LYS A 1 38  ? -9.129  16.695  17.350  1.00 50.00 ? 38  LYS A CD  1 
ATOM   304  C CE  . LYS A 1 38  ? -10.495 16.193  17.795  1.00 50.00 ? 38  LYS A CE  1 
ATOM   305  N NZ  . LYS A 1 38  ? -10.444 15.558  19.147  1.00 50.00 ? 38  LYS A NZ  1 
ATOM   306  N N   . PRO A 1 39  ? -6.089  19.763  13.391  1.00 10.00 ? 39  PRO A N   1 
ATOM   307  C CA  . PRO A 1 39  ? -4.720  20.084  12.992  1.00 10.00 ? 39  PRO A CA  1 
ATOM   308  C C   . PRO A 1 39  ? -3.879  19.915  14.256  1.00 10.00 ? 39  PRO A C   1 
ATOM   309  O O   . PRO A 1 39  ? -4.311  20.306  15.342  1.00 10.00 ? 39  PRO A O   1 
ATOM   310  C CB  . PRO A 1 39  ? -4.817  21.557  12.617  1.00 10.00 ? 39  PRO A CB  1 
ATOM   311  C CG  . PRO A 1 39  ? -6.269  21.750  12.302  1.00 10.00 ? 39  PRO A CG  1 
ATOM   312  C CD  . PRO A 1 39  ? -6.926  20.964  13.371  1.00 10.00 ? 39  PRO A CD  1 
ATOM   313  N N   . ILE A 1 40  ? -2.703  19.310  14.122  1.00 11.10 ? 40  ILE A N   1 
ATOM   314  C CA  . ILE A 1 40  ? -1.830  19.069  15.261  1.00 11.10 ? 40  ILE A CA  1 
ATOM   315  C C   . ILE A 1 40  ? -0.541  19.854  15.133  1.00 11.10 ? 40  ILE A C   1 
ATOM   316  O O   . ILE A 1 40  ? -0.076  20.441  16.097  1.00 11.10 ? 40  ILE A O   1 
ATOM   317  C CB  . ILE A 1 40  ? -1.461  17.595  15.352  1.00 10.00 ? 40  ILE A CB  1 
ATOM   318  C CG1 . ILE A 1 40  ? -2.714  16.746  15.465  1.00 10.00 ? 40  ILE A CG1 1 
ATOM   319  C CG2 . ILE A 1 40  ? -0.584  17.347  16.571  1.00 10.00 ? 40  ILE A CG2 1 
ATOM   320  C CD1 . ILE A 1 40  ? -3.392  16.902  16.778  1.00 10.00 ? 40  ILE A CD1 1 
ATOM   321  N N   . TRP A 1 41  ? 0.040   19.861  13.938  1.00 20.35 ? 41  TRP A N   1 
ATOM   322  C CA  . TRP A 1 41  ? 1.299   20.563  13.689  1.00 20.35 ? 41  TRP A CA  1 
ATOM   323  C C   . TRP A 1 41  ? 1.235   21.120  12.281  1.00 20.35 ? 41  TRP A C   1 
ATOM   324  O O   . TRP A 1 41  ? 0.441   20.655  11.456  1.00 20.35 ? 41  TRP A O   1 
ATOM   325  C CB  . TRP A 1 41  ? 2.470   19.583  13.806  1.00 10.00 ? 41  TRP A CB  1 
ATOM   326  C CG  . TRP A 1 41  ? 3.832   20.205  13.747  1.00 10.00 ? 41  TRP A CG  1 
ATOM   327  C CD1 . TRP A 1 41  ? 4.534   20.739  14.789  1.00 10.00 ? 41  TRP A CD1 1 
ATOM   328  C CD2 . TRP A 1 41  ? 4.668   20.336  12.595  1.00 10.00 ? 41  TRP A CD2 1 
ATOM   329  N NE1 . TRP A 1 41  ? 5.754   21.195  14.357  1.00 10.00 ? 41  TRP A NE1 1 
ATOM   330  C CE2 . TRP A 1 41  ? 5.863   20.961  13.012  1.00 10.00 ? 41  TRP A CE2 1 
ATOM   331  C CE3 . TRP A 1 41  ? 4.524   19.986  11.253  1.00 10.00 ? 41  TRP A CE3 1 
ATOM   332  C CZ2 . TRP A 1 41  ? 6.911   21.245  12.132  1.00 10.00 ? 41  TRP A CZ2 1 
ATOM   333  C CZ3 . TRP A 1 41  ? 5.563   20.269  10.377  1.00 10.00 ? 41  TRP A CZ3 1 
ATOM   334  C CH2 . TRP A 1 41  ? 6.746   20.894  10.822  1.00 10.00 ? 41  TRP A CH2 1 
ATOM   335  N N   . ALA A 1 42  ? 2.085   22.096  11.990  1.00 23.04 ? 42  ALA A N   1 
ATOM   336  C CA  . ALA A 1 42  ? 2.084   22.703  10.674  1.00 23.04 ? 42  ALA A CA  1 
ATOM   337  C C   . ALA A 1 42  ? 3.287   23.602  10.522  1.00 23.04 ? 42  ALA A C   1 
ATOM   338  O O   . ALA A 1 42  ? 3.731   24.204  11.483  1.00 23.04 ? 42  ALA A O   1 
ATOM   339  C CB  . ALA A 1 42  ? 0.813   23.507  10.495  1.00 10.00 ? 42  ALA A CB  1 
ATOM   340  N N   . THR A 1 43  ? 3.820   23.695  9.315   1.00 26.08 ? 43  THR A N   1 
ATOM   341  C CA  . THR A 1 43  ? 4.962   24.562  9.082   1.00 26.08 ? 43  THR A CA  1 
ATOM   342  C C   . THR A 1 43  ? 4.493   26.016  9.014   1.00 26.08 ? 43  THR A C   1 
ATOM   343  O O   . THR A 1 43  ? 5.300   26.944  8.980   1.00 26.08 ? 43  THR A O   1 
ATOM   344  C CB  . THR A 1 43  ? 5.671   24.191  7.783   1.00 10.00 ? 43  THR A CB  1 
ATOM   345  O OG1 . THR A 1 43  ? 4.739   24.266  6.698   1.00 10.00 ? 43  THR A OG1 1 
ATOM   346  C CG2 . THR A 1 43  ? 6.217   22.769  7.880   1.00 10.00 ? 43  THR A CG2 1 
ATOM   347  N N   . ASN A 1 44  ? 3.178   26.204  8.958   1.00 22.52 ? 44  ASN A N   1 
ATOM   348  C CA  . ASN A 1 44  ? 2.583   27.527  8.892   1.00 22.52 ? 44  ASN A CA  1 
ATOM   349  C C   . ASN A 1 44  ? 3.081   28.341  7.717   1.00 22.52 ? 44  ASN A C   1 
ATOM   350  O O   . ASN A 1 44  ? 3.272   29.546  7.816   1.00 22.52 ? 44  ASN A O   1 
ATOM   351  C CB  . ASN A 1 44  ? 2.809   28.257  10.208  1.00 10.00 ? 44  ASN A CB  1 
ATOM   352  C CG  . ASN A 1 44  ? 1.977   27.675  11.318  1.00 10.00 ? 44  ASN A CG  1 
ATOM   353  O OD1 . ASN A 1 44  ? 0.894   27.113  11.063  1.00 10.00 ? 44  ASN A OD1 1 
ATOM   354  N ND2 . ASN A 1 44  ? 2.466   27.765  12.545  1.00 10.00 ? 44  ASN A ND2 1 
ATOM   355  N N   . THR A 1 45  ? 3.251   27.675  6.586   1.00 17.38 ? 45  THR A N   1 
ATOM   356  C CA  . THR A 1 45  ? 3.722   28.315  5.374   1.00 17.38 ? 45  THR A CA  1 
ATOM   357  C C   . THR A 1 45  ? 2.618   28.339  4.339   1.00 17.38 ? 45  THR A C   1 
ATOM   358  O O   . THR A 1 45  ? 2.868   28.587  3.165   1.00 17.38 ? 45  THR A O   1 
ATOM   359  C CB  . THR A 1 45  ? 4.912   27.550  4.803   1.00 10.00 ? 45  THR A CB  1 
ATOM   360  O OG1 . THR A 1 45  ? 4.547   26.185  4.615   1.00 10.00 ? 45  THR A OG1 1 
ATOM   361  C CG2 . THR A 1 45  ? 6.065   27.588  5.783   1.00 10.00 ? 45  THR A CG2 1 
ATOM   362  N N   . GLY A 1 46  ? 1.395   28.055  4.777   1.00 10.62 ? 46  GLY A N   1 
ATOM   363  C CA  . GLY A 1 46  ? 0.259   28.036  3.875   1.00 10.62 ? 46  GLY A CA  1 
ATOM   364  C C   . GLY A 1 46  ? 0.063   29.374  3.203   1.00 10.62 ? 46  GLY A C   1 
ATOM   365  O O   . GLY A 1 46  ? 0.198   30.427  3.838   1.00 10.62 ? 46  GLY A O   1 
ATOM   366  N N   . GLY A 1 47  ? -0.204  29.329  1.906   1.00 14.51 ? 47  GLY A N   1 
ATOM   367  C CA  . GLY A 1 47  ? -0.412  30.543  1.154   1.00 14.51 ? 47  GLY A CA  1 
ATOM   368  C C   . GLY A 1 47  ? 0.860   31.115  0.579   1.00 14.51 ? 47  GLY A C   1 
ATOM   369  O O   . GLY A 1 47  ? 0.792   31.904  -0.353  1.00 14.51 ? 47  GLY A O   1 
ATOM   370  N N   . LEU A 1 48  ? 2.016   30.733  1.117   1.00 26.96 ? 48  LEU A N   1 
ATOM   371  C CA  . LEU A 1 48  ? 3.276   31.250  0.595   1.00 26.96 ? 48  LEU A CA  1 
ATOM   372  C C   . LEU A 1 48  ? 3.548   30.819  -0.828  1.00 26.96 ? 48  LEU A C   1 
ATOM   373  O O   . LEU A 1 48  ? 4.447   31.354  -1.461  1.00 26.96 ? 48  LEU A O   1 
ATOM   374  C CB  . LEU A 1 48  ? 4.451   30.847  1.468   1.00 23.99 ? 48  LEU A CB  1 
ATOM   375  C CG  . LEU A 1 48  ? 4.438   31.443  2.866   1.00 23.99 ? 48  LEU A CG  1 
ATOM   376  C CD1 . LEU A 1 48  ? 5.786   31.207  3.542   1.00 23.99 ? 48  LEU A CD1 1 
ATOM   377  C CD2 . LEU A 1 48  ? 4.147   32.930  2.777   1.00 23.99 ? 48  LEU A CD2 1 
ATOM   378  N N   . SER A 1 49  ? 2.798   29.836  -1.314  1.00 15.39 ? 49  SER A N   1 
ATOM   379  C CA  . SER A 1 49  ? 2.949   29.340  -2.675  1.00 15.39 ? 49  SER A CA  1 
ATOM   380  C C   . SER A 1 49  ? 1.784   28.433  -3.050  1.00 15.39 ? 49  SER A C   1 
ATOM   381  O O   . SER A 1 49  ? 0.701   28.471  -2.432  1.00 15.39 ? 49  SER A O   1 
ATOM   382  C CB  . SER A 1 49  ? 4.256   28.560  -2.822  1.00 42.89 ? 49  SER A CB  1 
ATOM   383  O OG  . SER A 1 49  ? 5.337   29.401  -3.174  1.00 42.89 ? 49  SER A OG  1 
ATOM   384  N N   . ARG A 1 50  ? 1.997   27.643  -4.093  1.00 33.18 ? 50  ARG A N   1 
ATOM   385  C CA  . ARG A 1 50  ? 1.003   26.701  -4.562  1.00 33.18 ? 50  ARG A CA  1 
ATOM   386  C C   . ARG A 1 50  ? 1.799   25.557  -5.143  1.00 33.18 ? 50  ARG A C   1 
ATOM   387  O O   . ARG A 1 50  ? 2.918   25.763  -5.611  1.00 33.18 ? 50  ARG A O   1 
ATOM   388  C CB  . ARG A 1 50  ? 0.130   27.335  -5.644  1.00 50.00 ? 50  ARG A CB  1 
ATOM   389  C CG  . ARG A 1 50  ? -1.007  26.447  -6.105  1.00 50.00 ? 50  ARG A CG  1 
ATOM   390  C CD  . ARG A 1 50  ? -2.252  27.263  -6.382  1.00 50.00 ? 50  ARG A CD  1 
ATOM   391  N NE  . ARG A 1 50  ? -2.565  28.158  -5.269  1.00 50.00 ? 50  ARG A NE  1 
ATOM   392  C CZ  . ARG A 1 50  ? -2.878  27.755  -4.039  1.00 50.00 ? 50  ARG A CZ  1 
ATOM   393  N NH1 . ARG A 1 50  ? -2.935  26.459  -3.745  1.00 50.00 ? 50  ARG A NH1 1 
ATOM   394  N NH2 . ARG A 1 50  ? -3.093  28.653  -3.085  1.00 50.00 ? 50  ARG A NH2 1 
ATOM   395  N N   . SER A 1 51  ? 1.249   24.354  -5.057  1.00 30.33 ? 51  SER A N   1 
ATOM   396  C CA  . SER A 1 51  ? 1.897   23.174  -5.595  1.00 30.33 ? 51  SER A CA  1 
ATOM   397  C C   . SER A 1 51  ? 3.325   22.980  -5.090  1.00 30.33 ? 51  SER A C   1 
ATOM   398  O O   . SER A 1 51  ? 4.274   22.908  -5.871  1.00 30.33 ? 51  SER A O   1 
ATOM   399  C CB  . SER A 1 51  ? 1.867   23.203  -7.128  1.00 50.00 ? 51  SER A CB  1 
ATOM   400  O OG  . SER A 1 51  ? 0.540   23.346  -7.612  1.00 50.00 ? 51  SER A OG  1 
ATOM   401  N N   . CYS A 1 52  ? 3.477   22.967  -3.774  1.00 12.84 ? 52  CYS A N   1 
ATOM   402  C CA  . CYS A 1 52  ? 4.784   22.734  -3.180  1.00 12.84 ? 52  CYS A CA  1 
ATOM   403  C C   . CYS A 1 52  ? 4.946   21.217  -3.109  1.00 12.84 ? 52  CYS A C   1 
ATOM   404  O O   . CYS A 1 52  ? 4.006   20.481  -3.426  1.00 12.84 ? 52  CYS A O   1 
ATOM   405  C CB  . CYS A 1 52  ? 4.849   23.306  -1.762  1.00 14.39 ? 52  CYS A CB  1 
ATOM   406  S SG  . CYS A 1 52  ? 5.135   25.097  -1.655  1.00 14.39 ? 52  CYS A SG  1 
ATOM   407  N N   . PHE A 1 53  ? 6.132   20.760  -2.707  1.00 14.44 ? 53  PHE A N   1 
ATOM   408  C CA  . PHE A 1 53  ? 6.391   19.337  -2.569  1.00 14.44 ? 53  PHE A CA  1 
ATOM   409  C C   . PHE A 1 53  ? 7.406   19.153  -1.467  1.00 14.44 ? 53  PHE A C   1 
ATOM   410  O O   . PHE A 1 53  ? 8.378   19.911  -1.386  1.00 14.44 ? 53  PHE A O   1 
ATOM   411  C CB  . PHE A 1 53  ? 6.892   18.734  -3.878  1.00 50.00 ? 53  PHE A CB  1 
ATOM   412  C CG  . PHE A 1 53  ? 8.078   19.440  -4.457  1.00 50.00 ? 53  PHE A CG  1 
ATOM   413  C CD1 . PHE A 1 53  ? 7.906   20.561  -5.267  1.00 50.00 ? 53  PHE A CD1 1 
ATOM   414  C CD2 . PHE A 1 53  ? 9.370   18.979  -4.207  1.00 50.00 ? 53  PHE A CD2 1 
ATOM   415  C CE1 . PHE A 1 53  ? 9.004   21.220  -5.824  1.00 50.00 ? 53  PHE A CE1 1 
ATOM   416  C CE2 . PHE A 1 53  ? 10.479  19.626  -4.756  1.00 50.00 ? 53  PHE A CE2 1 
ATOM   417  C CZ  . PHE A 1 53  ? 10.293  20.752  -5.572  1.00 50.00 ? 53  PHE A CZ  1 
ATOM   418  N N   . LEU A 1 54  ? 7.138   18.200  -0.577  1.00 13.46 ? 54  LEU A N   1 
ATOM   419  C CA  . LEU A 1 54  ? 8.024   17.907  0.547   1.00 13.46 ? 54  LEU A CA  1 
ATOM   420  C C   . LEU A 1 54  ? 9.084   16.967  0.057   1.00 13.46 ? 54  LEU A C   1 
ATOM   421  O O   . LEU A 1 54  ? 8.768   15.942  -0.542  1.00 13.46 ? 54  LEU A O   1 
ATOM   422  C CB  . LEU A 1 54  ? 7.251   17.224  1.667   1.00 10.00 ? 54  LEU A CB  1 
ATOM   423  C CG  . LEU A 1 54  ? 8.049   16.756  2.884   1.00 10.00 ? 54  LEU A CG  1 
ATOM   424  C CD1 . LEU A 1 54  ? 8.710   17.944  3.519   1.00 10.00 ? 54  LEU A CD1 1 
ATOM   425  C CD2 . LEU A 1 54  ? 7.139   16.053  3.888   1.00 10.00 ? 54  LEU A CD2 1 
ATOM   426  N N   . SER A 1 55  ? 10.332  17.267  0.372   1.00 15.38 ? 55  SER A N   1 
ATOM   427  C CA  . SER A 1 55  ? 11.435  16.436  -0.065  1.00 15.38 ? 55  SER A CA  1 
ATOM   428  C C   . SER A 1 55  ? 12.336  16.028  1.093   1.00 15.38 ? 55  SER A C   1 
ATOM   429  O O   . SER A 1 55  ? 12.753  16.877  1.879   1.00 15.38 ? 55  SER A O   1 
ATOM   430  C CB  . SER A 1 55  ? 12.244  17.203  -1.097  1.00 29.15 ? 55  SER A CB  1 
ATOM   431  O OG  . SER A 1 55  ? 13.294  16.416  -1.611  1.00 29.15 ? 55  SER A OG  1 
ATOM   432  N N   . MET A 1 56  ? 12.589  14.730  1.241   1.00 34.78 ? 56  MET A N   1 
ATOM   433  C CA  . MET A 1 56  ? 13.484  14.230  2.289   1.00 34.78 ? 56  MET A CA  1 
ATOM   434  C C   . MET A 1 56  ? 14.805  14.060  1.567   1.00 34.78 ? 56  MET A C   1 
ATOM   435  O O   . MET A 1 56  ? 14.943  13.165  0.738   1.00 34.78 ? 56  MET A O   1 
ATOM   436  C CB  . MET A 1 56  ? 13.011  12.875  2.816   1.00 13.66 ? 56  MET A CB  1 
ATOM   437  C CG  . MET A 1 56  ? 13.975  12.176  3.763   1.00 13.66 ? 56  MET A CG  1 
ATOM   438  S SD  . MET A 1 56  ? 14.105  12.871  5.422   1.00 13.66 ? 56  MET A SD  1 
ATOM   439  C CE  . MET A 1 56  ? 15.559  13.897  5.291   1.00 13.66 ? 56  MET A CE  1 
ATOM   440  N N   . GLN A 1 57  ? 15.757  14.945  1.843   1.00 20.89 ? 57  GLN A N   1 
ATOM   441  C CA  . GLN A 1 57  ? 17.053  14.905  1.180   1.00 20.89 ? 57  GLN A CA  1 
ATOM   442  C C   . GLN A 1 57  ? 18.068  13.947  1.795   1.00 20.89 ? 57  GLN A C   1 
ATOM   443  O O   . GLN A 1 57  ? 17.973  13.602  2.978   1.00 20.89 ? 57  GLN A O   1 
ATOM   444  C CB  . GLN A 1 57  ? 17.642  16.297  1.147   1.00 25.06 ? 57  GLN A CB  1 
ATOM   445  C CG  . GLN A 1 57  ? 16.680  17.363  0.689   1.00 25.06 ? 57  GLN A CG  1 
ATOM   446  C CD  . GLN A 1 57  ? 17.364  18.702  0.517   1.00 25.06 ? 57  GLN A CD  1 
ATOM   447  O OE1 . GLN A 1 57  ? 17.042  19.450  -0.391  1.00 25.06 ? 57  GLN A OE1 1 
ATOM   448  N NE2 . GLN A 1 57  ? 18.336  18.996  1.374   1.00 25.06 ? 57  GLN A NE2 1 
ATOM   449  N N   . THR A 1 58  ? 19.064  13.559  0.993   1.00 33.48 ? 58  THR A N   1 
ATOM   450  C CA  . THR A 1 58  ? 20.128  12.636  1.421   1.00 33.48 ? 58  THR A CA  1 
ATOM   451  C C   . THR A 1 58  ? 21.096  13.269  2.392   1.00 33.48 ? 58  THR A C   1 
ATOM   452  O O   . THR A 1 58  ? 21.835  12.573  3.077   1.00 33.48 ? 58  THR A O   1 
ATOM   453  C CB  . THR A 1 58  ? 20.943  12.138  0.244   1.00 28.36 ? 58  THR A CB  1 
ATOM   454  O OG1 . THR A 1 58  ? 21.056  13.192  -0.716  1.00 28.36 ? 58  THR A OG1 1 
ATOM   455  C CG2 . THR A 1 58  ? 20.284  10.928  -0.387  1.00 28.36 ? 58  THR A CG2 1 
ATOM   456  N N   . ASP A 1 59  ? 21.152  14.592  2.389   1.00 10.00 ? 59  ASP A N   1 
ATOM   457  C CA  . ASP A 1 59  ? 22.013  15.290  3.312   1.00 10.00 ? 59  ASP A CA  1 
ATOM   458  C C   . ASP A 1 59  ? 21.357  15.347  4.690   1.00 10.00 ? 59  ASP A C   1 
ATOM   459  O O   . ASP A 1 59  ? 21.971  15.804  5.650   1.00 10.00 ? 59  ASP A O   1 
ATOM   460  C CB  . ASP A 1 59  ? 22.343  16.690  2.795   1.00 20.66 ? 59  ASP A CB  1 
ATOM   461  C CG  . ASP A 1 59  ? 21.149  17.620  2.783   1.00 20.66 ? 59  ASP A CG  1 
ATOM   462  O OD1 . ASP A 1 59  ? 19.988  17.165  2.874   1.00 20.66 ? 59  ASP A OD1 1 
ATOM   463  O OD2 . ASP A 1 59  ? 21.389  18.833  2.675   1.00 20.66 ? 59  ASP A OD2 1 
ATOM   464  N N   . GLY A 1 60  ? 20.096  14.924  4.768   1.00 13.00 ? 60  GLY A N   1 
ATOM   465  C CA  . GLY A 1 60  ? 19.397  14.894  6.038   1.00 13.00 ? 60  GLY A CA  1 
ATOM   466  C C   . GLY A 1 60  ? 18.428  16.029  6.268   1.00 13.00 ? 60  GLY A C   1 
ATOM   467  O O   . GLY A 1 60  ? 17.720  16.059  7.277   1.00 13.00 ? 60  GLY A O   1 
ATOM   468  N N   . ASN A 1 61  ? 18.388  16.972  5.342   1.00 22.08 ? 61  ASN A N   1 
ATOM   469  C CA  . ASN A 1 61  ? 17.490  18.112  5.470   1.00 22.08 ? 61  ASN A CA  1 
ATOM   470  C C   . ASN A 1 61  ? 16.088  17.775  4.951   1.00 22.08 ? 61  ASN A C   1 
ATOM   471  O O   . ASN A 1 61  ? 15.934  17.198  3.873   1.00 22.08 ? 61  ASN A O   1 
ATOM   472  C CB  . ASN A 1 61  ? 18.070  19.296  4.694   1.00 10.36 ? 61  ASN A CB  1 
ATOM   473  C CG  . ASN A 1 61  ? 17.553  20.616  5.184   1.00 10.36 ? 61  ASN A CG  1 
ATOM   474  O OD1 . ASN A 1 61  ? 16.595  20.675  5.950   1.00 10.36 ? 61  ASN A OD1 1 
ATOM   475  N ND2 . ASN A 1 61  ? 18.205  21.686  4.776   1.00 10.36 ? 61  ASN A ND2 1 
ATOM   476  N N   . LEU A 1 62  ? 15.069  18.093  5.734   1.00 16.31 ? 62  LEU A N   1 
ATOM   477  C CA  . LEU A 1 62  ? 13.696  17.839  5.313   1.00 16.31 ? 62  LEU A CA  1 
ATOM   478  C C   . LEU A 1 62  ? 13.197  19.182  4.796   1.00 16.31 ? 62  LEU A C   1 
ATOM   479  O O   . LEU A 1 62  ? 12.882  20.072  5.582   1.00 16.31 ? 62  LEU A O   1 
ATOM   480  C CB  . LEU A 1 62  ? 12.841  17.354  6.490   1.00 10.00 ? 62  LEU A CB  1 
ATOM   481  C CG  . LEU A 1 62  ? 11.387  17.054  6.126   1.00 10.00 ? 62  LEU A CG  1 
ATOM   482  C CD1 . LEU A 1 62  ? 11.315  15.922  5.120   1.00 10.00 ? 62  LEU A CD1 1 
ATOM   483  C CD2 . LEU A 1 62  ? 10.600  16.695  7.357   1.00 10.00 ? 62  LEU A CD2 1 
ATOM   484  N N   . VAL A 1 63  ? 13.136  19.335  3.479   1.00 10.00 ? 63  VAL A N   1 
ATOM   485  C CA  . VAL A 1 63  ? 12.730  20.599  2.888   1.00 10.00 ? 63  VAL A CA  1 
ATOM   486  C C   . VAL A 1 63  ? 11.414  20.623  2.118   1.00 10.00 ? 63  VAL A C   1 
ATOM   487  O O   . VAL A 1 63  ? 11.082  19.679  1.405   1.00 10.00 ? 63  VAL A O   1 
ATOM   488  C CB  . VAL A 1 63  ? 13.827  21.106  1.935   1.00 10.00 ? 63  VAL A CB  1 
ATOM   489  C CG1 . VAL A 1 63  ? 13.436  22.423  1.334   1.00 10.00 ? 63  VAL A CG1 1 
ATOM   490  C CG2 . VAL A 1 63  ? 15.145  21.212  2.664   1.00 10.00 ? 63  VAL A CG2 1 
ATOM   491  N N   . VAL A 1 64  ? 10.686  21.730  2.239   1.00 12.32 ? 64  VAL A N   1 
ATOM   492  C CA  . VAL A 1 64  ? 9.435   21.953  1.508   1.00 12.32 ? 64  VAL A CA  1 
ATOM   493  C C   . VAL A 1 64  ? 9.796   22.976  0.437   1.00 12.32 ? 64  VAL A C   1 
ATOM   494  O O   . VAL A 1 64  ? 10.148  24.113  0.761   1.00 12.32 ? 64  VAL A O   1 
ATOM   495  C CB  . VAL A 1 64  ? 8.339   22.527  2.430   1.00 13.05 ? 64  VAL A CB  1 
ATOM   496  C CG1 . VAL A 1 64  ? 7.368   23.420  1.659   1.00 13.05 ? 64  VAL A CG1 1 
ATOM   497  C CG2 . VAL A 1 64  ? 7.591   21.389  3.099   1.00 13.05 ? 64  VAL A CG2 1 
ATOM   498  N N   . TYR A 1 65  ? 9.785   22.553  -0.822  1.00 18.23 ? 65  TYR A N   1 
ATOM   499  C CA  . TYR A 1 65  ? 10.133  23.434  -1.940  1.00 18.23 ? 65  TYR A CA  1 
ATOM   500  C C   . TYR A 1 65  ? 8.917   23.885  -2.701  1.00 18.23 ? 65  TYR A C   1 
ATOM   501  O O   . TYR A 1 65  ? 7.907   23.184  -2.735  1.00 18.23 ? 65  TYR A O   1 
ATOM   502  C CB  . TYR A 1 65  ? 11.008  22.703  -2.950  1.00 13.78 ? 65  TYR A CB  1 
ATOM   503  C CG  . TYR A 1 65  ? 12.393  22.402  -2.495  1.00 13.78 ? 65  TYR A CG  1 
ATOM   504  C CD1 . TYR A 1 65  ? 13.369  23.387  -2.510  1.00 13.78 ? 65  TYR A CD1 1 
ATOM   505  C CD2 . TYR A 1 65  ? 12.749  21.115  -2.091  1.00 13.78 ? 65  TYR A CD2 1 
ATOM   506  C CE1 . TYR A 1 65  ? 14.678  23.101  -2.139  1.00 13.78 ? 65  TYR A CE1 1 
ATOM   507  C CE2 . TYR A 1 65  ? 14.062  20.812  -1.716  1.00 13.78 ? 65  TYR A CE2 1 
ATOM   508  C CZ  . TYR A 1 65  ? 15.017  21.810  -1.747  1.00 13.78 ? 65  TYR A CZ  1 
ATOM   509  O OH  . TYR A 1 65  ? 16.310  21.535  -1.396  1.00 13.78 ? 65  TYR A OH  1 
ATOM   510  N N   . ASN A 1 66  ? 9.025   25.029  -3.354  1.00 10.00 ? 66  ASN A N   1 
ATOM   511  C CA  . ASN A 1 66  ? 7.912   25.493  -4.169  1.00 10.00 ? 66  ASN A CA  1 
ATOM   512  C C   . ASN A 1 66  ? 8.238   25.038  -5.599  1.00 10.00 ? 66  ASN A C   1 
ATOM   513  O O   . ASN A 1 66  ? 9.351   24.567  -5.850  1.00 10.00 ? 66  ASN A O   1 
ATOM   514  C CB  . ASN A 1 66  ? 7.725   27.016  -4.062  1.00 11.35 ? 66  ASN A CB  1 
ATOM   515  C CG  . ASN A 1 66  ? 8.796   27.799  -4.780  1.00 11.35 ? 66  ASN A CG  1 
ATOM   516  O OD1 . ASN A 1 66  ? 9.630   27.241  -5.471  1.00 11.35 ? 66  ASN A OD1 1 
ATOM   517  N ND2 . ASN A 1 66  ? 8.756   29.108  -4.637  1.00 11.35 ? 66  ASN A ND2 1 
ATOM   518  N N   . PRO A 1 67  ? 7.278   25.134  -6.541  1.00 28.49 ? 67  PRO A N   1 
ATOM   519  C CA  . PRO A 1 67  ? 7.560   24.706  -7.913  1.00 28.49 ? 67  PRO A CA  1 
ATOM   520  C C   . PRO A 1 67  ? 8.778   25.390  -8.507  1.00 28.49 ? 67  PRO A C   1 
ATOM   521  O O   . PRO A 1 67  ? 9.476   24.822  -9.345  1.00 28.49 ? 67  PRO A O   1 
ATOM   522  C CB  . PRO A 1 67  ? 6.280   25.081  -8.660  1.00 25.33 ? 67  PRO A CB  1 
ATOM   523  C CG  . PRO A 1 67  ? 5.668   26.163  -7.819  1.00 25.33 ? 67  PRO A CG  1 
ATOM   524  C CD  . PRO A 1 67  ? 5.901   25.641  -6.436  1.00 25.33 ? 67  PRO A CD  1 
ATOM   525  N N   . SER A 1 68  ? 9.054   26.598  -8.038  1.00 26.39 ? 68  SER A N   1 
ATOM   526  C CA  . SER A 1 68  ? 10.198  27.360  -8.513  1.00 26.39 ? 68  SER A CA  1 
ATOM   527  C C   . SER A 1 68  ? 11.479  26.882  -7.820  1.00 26.39 ? 68  SER A C   1 
ATOM   528  O O   . SER A 1 68  ? 12.556  27.437  -8.024  1.00 26.39 ? 68  SER A O   1 
ATOM   529  C CB  . SER A 1 68  ? 9.963   28.849  -8.242  1.00 50.00 ? 68  SER A CB  1 
ATOM   530  O OG  . SER A 1 68  ? 8.656   29.242  -8.642  1.00 50.00 ? 68  SER A OG  1 
ATOM   531  N N   . ASN A 1 69  ? 11.345  25.851  -6.995  1.00 22.51 ? 69  ASN A N   1 
ATOM   532  C CA  . ASN A 1 69  ? 12.450  25.262  -6.244  1.00 22.51 ? 69  ASN A CA  1 
ATOM   533  C C   . ASN A 1 69  ? 13.054  26.107  -5.135  1.00 22.51 ? 69  ASN A C   1 
ATOM   534  O O   . ASN A 1 69  ? 14.132  25.804  -4.636  1.00 22.51 ? 69  ASN A O   1 
ATOM   535  C CB  . ASN A 1 69  ? 13.531  24.731  -7.170  1.00 50.00 ? 69  ASN A CB  1 
ATOM   536  C CG  . ASN A 1 69  ? 13.354  23.272  -7.451  1.00 50.00 ? 69  ASN A CG  1 
ATOM   537  O OD1 . ASN A 1 69  ? 14.216  22.458  -7.125  1.00 50.00 ? 69  ASN A OD1 1 
ATOM   538  N ND2 . ASN A 1 69  ? 12.205  22.914  -8.009  1.00 50.00 ? 69  ASN A ND2 1 
ATOM   539  N N   . LYS A 1 70  ? 12.371  27.180  -4.748  1.00 10.00 ? 70  LYS A N   1 
ATOM   540  C CA  . LYS A 1 70  ? 12.859  28.001  -3.666  1.00 10.00 ? 70  LYS A CA  1 
ATOM   541  C C   . LYS A 1 70  ? 12.329  27.266  -2.453  1.00 10.00 ? 70  LYS A C   1 
ATOM   542  O O   . LYS A 1 70  ? 11.183  26.784  -2.459  1.00 10.00 ? 70  LYS A O   1 
ATOM   543  C CB  . LYS A 1 70  ? 12.261  29.410  -3.717  1.00 50.00 ? 70  LYS A CB  1 
ATOM   544  C CG  . LYS A 1 70  ? 12.818  30.321  -2.632  1.00 50.00 ? 70  LYS A CG  1 
ATOM   545  C CD  . LYS A 1 70  ? 11.806  31.339  -2.127  1.00 50.00 ? 70  LYS A CD  1 
ATOM   546  C CE  . LYS A 1 70  ? 12.290  31.945  -0.809  1.00 50.00 ? 70  LYS A CE  1 
ATOM   547  N NZ  . LYS A 1 70  ? 11.347  32.932  -0.207  1.00 50.00 ? 70  LYS A NZ  1 
ATOM   548  N N   . PRO A 1 71  ? 13.177  27.058  -1.444  1.00 22.44 ? 71  PRO A N   1 
ATOM   549  C CA  . PRO A 1 71  ? 12.747  26.366  -0.228  1.00 22.44 ? 71  PRO A CA  1 
ATOM   550  C C   . PRO A 1 71  ? 11.895  27.297  0.618   1.00 22.44 ? 71  PRO A C   1 
ATOM   551  O O   . PRO A 1 71  ? 12.300  28.424  0.894   1.00 22.44 ? 71  PRO A O   1 
ATOM   552  C CB  . PRO A 1 71  ? 14.066  26.042  0.461   1.00 10.18 ? 71  PRO A CB  1 
ATOM   553  C CG  . PRO A 1 71  ? 14.959  27.126  0.030   1.00 10.18 ? 71  PRO A CG  1 
ATOM   554  C CD  . PRO A 1 71  ? 14.632  27.279  -1.436  1.00 10.18 ? 71  PRO A CD  1 
ATOM   555  N N   . ILE A 1 72  ? 10.686  26.857  0.950   1.00 10.00 ? 72  ILE A N   1 
ATOM   556  C CA  . ILE A 1 72  ? 9.756   27.625  1.772   1.00 10.00 ? 72  ILE A CA  1 
ATOM   557  C C   . ILE A 1 72  ? 9.964   27.308  3.256   1.00 10.00 ? 72  ILE A C   1 
ATOM   558  O O   . ILE A 1 72  ? 9.767   28.162  4.123   1.00 10.00 ? 72  ILE A O   1 
ATOM   559  C CB  . ILE A 1 72  ? 8.317   27.266  1.416   1.00 19.05 ? 72  ILE A CB  1 
ATOM   560  C CG1 . ILE A 1 72  ? 8.078   27.530  -0.061  1.00 19.05 ? 72  ILE A CG1 1 
ATOM   561  C CG2 . ILE A 1 72  ? 7.336   28.030  2.267   1.00 19.05 ? 72  ILE A CG2 1 
ATOM   562  C CD1 . ILE A 1 72  ? 8.469   28.921  -0.514  1.00 19.05 ? 72  ILE A CD1 1 
ATOM   563  N N   . TRP A 1 73  ? 10.339  26.067  3.548   1.00 18.28 ? 73  TRP A N   1 
ATOM   564  C CA  . TRP A 1 73  ? 10.547  25.620  4.919   1.00 18.28 ? 73  TRP A CA  1 
ATOM   565  C C   . TRP A 1 73  ? 11.528  24.462  4.857   1.00 18.28 ? 73  TRP A C   1 
ATOM   566  O O   . TRP A 1 73  ? 11.663  23.816  3.808   1.00 18.28 ? 73  TRP A O   1 
ATOM   567  C CB  . TRP A 1 73  ? 9.210   25.137  5.505   1.00 10.00 ? 73  TRP A CB  1 
ATOM   568  C CG  . TRP A 1 73  ? 9.303   24.561  6.877   1.00 10.00 ? 73  TRP A CG  1 
ATOM   569  C CD1 . TRP A 1 73  ? 9.179   25.241  8.051   1.00 10.00 ? 73  TRP A CD1 1 
ATOM   570  C CD2 . TRP A 1 73  ? 9.574   23.194  7.231   1.00 10.00 ? 73  TRP A CD2 1 
ATOM   571  N NE1 . TRP A 1 73  ? 9.369   24.390  9.119   1.00 10.00 ? 73  TRP A NE1 1 
ATOM   572  C CE2 . TRP A 1 73  ? 9.614   23.129  8.647   1.00 10.00 ? 73  TRP A CE2 1 
ATOM   573  C CE3 . TRP A 1 73  ? 9.793   22.026  6.496   1.00 10.00 ? 73  TRP A CE3 1 
ATOM   574  C CZ2 . TRP A 1 73  ? 9.865   21.934  9.346   1.00 10.00 ? 73  TRP A CZ2 1 
ATOM   575  C CZ3 . TRP A 1 73  ? 10.047  20.831  7.195   1.00 10.00 ? 73  TRP A CZ3 1 
ATOM   576  C CH2 . TRP A 1 73  ? 10.080  20.802  8.606   1.00 10.00 ? 73  TRP A CH2 1 
ATOM   577  N N   . ALA A 1 74  ? 12.195  24.188  5.977   1.00 23.06 ? 74  ALA A N   1 
ATOM   578  C CA  . ALA A 1 74  ? 13.168  23.101  6.058   1.00 23.06 ? 74  ALA A CA  1 
ATOM   579  C C   . ALA A 1 74  ? 13.478  22.816  7.515   1.00 23.06 ? 74  ALA A C   1 
ATOM   580  O O   . ALA A 1 74  ? 13.386  23.712  8.353   1.00 23.06 ? 74  ALA A O   1 
ATOM   581  C CB  . ALA A 1 74  ? 14.436  23.474  5.320   1.00 10.00 ? 74  ALA A CB  1 
ATOM   582  N N   . SER A 1 75  ? 13.822  21.575  7.829   1.00 10.41 ? 75  SER A N   1 
ATOM   583  C CA  . SER A 1 75  ? 14.133  21.232  9.204   1.00 10.41 ? 75  SER A CA  1 
ATOM   584  C C   . SER A 1 75  ? 15.530  21.730  9.559   1.00 10.41 ? 75  SER A C   1 
ATOM   585  O O   . SER A 1 75  ? 15.911  21.794  10.734  1.00 10.41 ? 75  SER A O   1 
ATOM   586  C CB  . SER A 1 75  ? 14.025  19.722  9.426   1.00 10.00 ? 75  SER A CB  1 
ATOM   587  O OG  . SER A 1 75  ? 14.728  19.032  8.424   1.00 10.00 ? 75  SER A OG  1 
ATOM   588  N N   . ASN A 1 76  ? 16.304  22.066  8.535   1.00 28.14 ? 76  ASN A N   1 
ATOM   589  C CA  . ASN A 1 76  ? 17.665  22.552  8.718   1.00 28.14 ? 76  ASN A CA  1 
ATOM   590  C C   . ASN A 1 76  ? 18.608  21.507  9.279   1.00 28.14 ? 76  ASN A C   1 
ATOM   591  O O   . ASN A 1 76  ? 19.669  21.836  9.786   1.00 28.14 ? 76  ASN A O   1 
ATOM   592  C CB  . ASN A 1 76  ? 17.680  23.787  9.605   1.00 15.57 ? 76  ASN A CB  1 
ATOM   593  C CG  . ASN A 1 76  ? 17.093  24.984  8.923   1.00 15.57 ? 76  ASN A CG  1 
ATOM   594  O OD1 . ASN A 1 76  ? 17.074  25.068  7.693   1.00 15.57 ? 76  ASN A OD1 1 
ATOM   595  N ND2 . ASN A 1 76  ? 16.607  25.927  9.709   1.00 15.57 ? 76  ASN A ND2 1 
ATOM   596  N N   . THR A 1 77  ? 18.218  20.246  9.187   1.00 14.49 ? 77  THR A N   1 
ATOM   597  C CA  . THR A 1 77  ? 19.041  19.150  9.660   1.00 14.49 ? 77  THR A CA  1 
ATOM   598  C C   . THR A 1 77  ? 19.935  18.637  8.524   1.00 14.49 ? 77  THR A C   1 
ATOM   599  O O   . THR A 1 77  ? 20.233  17.440  8.453   1.00 14.49 ? 77  THR A O   1 
ATOM   600  C CB  . THR A 1 77  ? 18.158  18.009  10.154  1.00 23.17 ? 77  THR A CB  1 
ATOM   601  O OG1 . THR A 1 77  ? 17.083  17.816  9.227   1.00 23.17 ? 77  THR A OG1 1 
ATOM   602  C CG2 . THR A 1 77  ? 17.593  18.320  11.530  1.00 23.17 ? 77  THR A CG2 1 
ATOM   603  N N   . GLY A 1 78  ? 20.317  19.531  7.610   1.00 27.25 ? 78  GLY A N   1 
ATOM   604  C CA  . GLY A 1 78  ? 21.166  19.152  6.490   1.00 27.25 ? 78  GLY A CA  1 
ATOM   605  C C   . GLY A 1 78  ? 22.624  19.083  6.897   1.00 27.25 ? 78  GLY A C   1 
ATOM   606  O O   . GLY A 1 78  ? 23.048  19.775  7.825   1.00 27.25 ? 78  GLY A O   1 
ATOM   607  N N   . GLY A 1 79  ? 23.396  18.228  6.241   1.00 44.60 ? 79  GLY A N   1 
ATOM   608  C CA  . GLY A 1 79  ? 24.793  18.129  6.603   1.00 44.60 ? 79  GLY A CA  1 
ATOM   609  C C   . GLY A 1 79  ? 25.482  16.846  6.203   1.00 44.60 ? 79  GLY A C   1 
ATOM   610  O O   . GLY A 1 79  ? 26.299  16.869  5.286   1.00 44.60 ? 79  GLY A O   1 
ATOM   611  N N   . GLN A 1 80  ? 25.201  15.750  6.910   1.00 34.44 ? 80  GLN A N   1 
ATOM   612  C CA  . GLN A 1 80  ? 25.836  14.465  6.610   1.00 34.44 ? 80  GLN A CA  1 
ATOM   613  C C   . GLN A 1 80  ? 25.150  13.732  5.461   1.00 34.44 ? 80  GLN A C   1 
ATOM   614  O O   . GLN A 1 80  ? 23.978  13.363  5.556   1.00 34.44 ? 80  GLN A O   1 
ATOM   615  C CB  . GLN A 1 80  ? 25.910  13.563  7.858   1.00 50.00 ? 80  GLN A CB  1 
ATOM   616  C CG  . GLN A 1 80  ? 26.686  12.251  7.624   1.00 50.00 ? 80  GLN A CG  1 
ATOM   617  C CD  . GLN A 1 80  ? 26.801  11.368  8.863   1.00 50.00 ? 80  GLN A CD  1 
ATOM   618  O OE1 . GLN A 1 80  ? 27.885  10.883  9.193   1.00 50.00 ? 80  GLN A OE1 1 
ATOM   619  N NE2 . GLN A 1 80  ? 25.679  11.125  9.530   1.00 50.00 ? 80  GLN A NE2 1 
ATOM   620  N N   . ASN A 1 81  ? 25.875  13.555  4.361   1.00 38.10 ? 81  ASN A N   1 
ATOM   621  C CA  . ASN A 1 81  ? 25.312  12.856  3.223   1.00 38.10 ? 81  ASN A CA  1 
ATOM   622  C C   . ASN A 1 81  ? 25.141  11.394  3.611   1.00 38.10 ? 81  ASN A C   1 
ATOM   623  O O   . ASN A 1 81  ? 26.051  10.795  4.189   1.00 38.10 ? 81  ASN A O   1 
ATOM   624  C CB  . ASN A 1 81  ? 26.223  12.977  2.015   1.00 50.00 ? 81  ASN A CB  1 
ATOM   625  C CG  . ASN A 1 81  ? 25.643  12.306  0.799   1.00 50.00 ? 81  ASN A CG  1 
ATOM   626  O OD1 . ASN A 1 81  ? 24.893  12.916  0.037   1.00 50.00 ? 81  ASN A OD1 1 
ATOM   627  N ND2 . ASN A 1 81  ? 25.956  11.032  0.624   1.00 50.00 ? 81  ASN A ND2 1 
ATOM   628  N N   . GLY A 1 82  ? 23.972  10.828  3.330   1.00 20.76 ? 82  GLY A N   1 
ATOM   629  C CA  . GLY A 1 82  ? 23.733  9.441   3.669   1.00 20.76 ? 82  GLY A CA  1 
ATOM   630  C C   . GLY A 1 82  ? 22.293  9.012   3.483   1.00 20.76 ? 82  GLY A C   1 
ATOM   631  O O   . GLY A 1 82  ? 21.553  9.618   2.714   1.00 20.76 ? 82  GLY A O   1 
ATOM   632  N N   . ASN A 1 83  ? 21.908  7.936   4.156   1.00 40.27 ? 83  ASN A N   1 
ATOM   633  C CA  . ASN A 1 83  ? 20.549  7.428   4.066   1.00 40.27 ? 83  ASN A CA  1 
ATOM   634  C C   . ASN A 1 83  ? 19.768  7.911   5.270   1.00 40.27 ? 83  ASN A C   1 
ATOM   635  O O   . ASN A 1 83  ? 20.262  7.823   6.397   1.00 40.27 ? 83  ASN A O   1 
ATOM   636  C CB  . ASN A 1 83  ? 20.556  5.907   4.056   1.00 50.00 ? 83  ASN A CB  1 
ATOM   637  C CG  . ASN A 1 83  ? 21.067  5.339   2.758   1.00 50.00 ? 83  ASN A CG  1 
ATOM   638  O OD1 . ASN A 1 83  ? 21.243  6.062   1.778   1.00 50.00 ? 83  ASN A OD1 1 
ATOM   639  N ND2 . ASN A 1 83  ? 21.283  4.033   2.731   1.00 50.00 ? 83  ASN A ND2 1 
ATOM   640  N N   . TYR A 1 84  ? 18.549  8.398   5.035   1.00 27.60 ? 84  TYR A N   1 
ATOM   641  C CA  . TYR A 1 84  ? 17.678  8.906   6.097   1.00 27.60 ? 84  TYR A CA  1 
ATOM   642  C C   . TYR A 1 84  ? 16.237  8.490   5.867   1.00 27.60 ? 84  TYR A C   1 
ATOM   643  O O   . TYR A 1 84  ? 15.849  8.163   4.742   1.00 27.60 ? 84  TYR A O   1 
ATOM   644  C CB  . TYR A 1 84  ? 17.714  10.427  6.136   1.00 13.96 ? 84  TYR A CB  1 
ATOM   645  C CG  . TYR A 1 84  ? 19.041  11.011  6.530   1.00 13.96 ? 84  TYR A CG  1 
ATOM   646  C CD1 . TYR A 1 84  ? 19.402  11.107  7.864   1.00 13.96 ? 84  TYR A CD1 1 
ATOM   647  C CD2 . TYR A 1 84  ? 19.934  11.472  5.567   1.00 13.96 ? 84  TYR A CD2 1 
ATOM   648  C CE1 . TYR A 1 84  ? 20.608  11.642  8.227   1.00 13.96 ? 84  TYR A CE1 1 
ATOM   649  C CE2 . TYR A 1 84  ? 21.139  12.011  5.920   1.00 13.96 ? 84  TYR A CE2 1 
ATOM   650  C CZ  . TYR A 1 84  ? 21.471  12.095  7.246   1.00 13.96 ? 84  TYR A CZ  1 
ATOM   651  O OH  . TYR A 1 84  ? 22.658  12.662  7.608   1.00 13.96 ? 84  TYR A OH  1 
ATOM   652  N N   . VAL A 1 85  ? 15.435  8.535   6.929   1.00 38.36 ? 85  VAL A N   1 
ATOM   653  C CA  . VAL A 1 85  ? 14.021  8.186   6.851   1.00 38.36 ? 85  VAL A CA  1 
ATOM   654  C C   . VAL A 1 85  ? 13.190  9.155   7.680   1.00 38.36 ? 85  VAL A C   1 
ATOM   655  O O   . VAL A 1 85  ? 13.612  9.591   8.753   1.00 38.36 ? 85  VAL A O   1 
ATOM   656  C CB  . VAL A 1 85  ? 13.744  6.779   7.409   1.00 24.61 ? 85  VAL A CB  1 
ATOM   657  C CG1 . VAL A 1 85  ? 14.426  5.722   6.576   1.00 24.61 ? 85  VAL A CG1 1 
ATOM   658  C CG2 . VAL A 1 85  ? 14.202  6.688   8.849   1.00 24.61 ? 85  VAL A CG2 1 
ATOM   659  N N   . CYS A 1 86  ? 12.036  9.535   7.152   1.00 25.38 ? 86  CYS A N   1 
ATOM   660  C CA  . CYS A 1 86  ? 11.113  10.400  7.866   1.00 25.38 ? 86  CYS A CA  1 
ATOM   661  C C   . CYS A 1 86  ? 9.973   9.449   8.176   1.00 25.38 ? 86  CYS A C   1 
ATOM   662  O O   . CYS A 1 86  ? 9.365   8.889   7.263   1.00 25.38 ? 86  CYS A O   1 
ATOM   663  C CB  . CYS A 1 86  ? 10.621  11.525  6.982   1.00 14.51 ? 86  CYS A CB  1 
ATOM   664  S SG  . CYS A 1 86  ? 9.623   12.694  7.897   1.00 14.51 ? 86  CYS A SG  1 
ATOM   665  N N   . ILE A 1 87  ? 9.708   9.225   9.454   1.00 10.00 ? 87  ILE A N   1 
ATOM   666  C CA  . ILE A 1 87  ? 8.687   8.283   9.852   1.00 10.00 ? 87  ILE A CA  1 
ATOM   667  C C   . ILE A 1 87  ? 7.543   8.923   10.621  1.00 10.00 ? 87  ILE A C   1 
ATOM   668  O O   . ILE A 1 87  ? 7.781   9.657   11.586  1.00 10.00 ? 87  ILE A O   1 
ATOM   669  C CB  . ILE A 1 87  ? 9.305   7.208   10.766  1.00 11.73 ? 87  ILE A CB  1 
ATOM   670  C CG1 . ILE A 1 87  ? 10.459  6.505   10.053  1.00 11.73 ? 87  ILE A CG1 1 
ATOM   671  C CG2 . ILE A 1 87  ? 8.238   6.212   11.232  1.00 11.73 ? 87  ILE A CG2 1 
ATOM   672  C CD1 . ILE A 1 87  ? 11.245  5.578   10.963  1.00 11.73 ? 87  ILE A CD1 1 
ATOM   673  N N   . LEU A 1 88  ? 6.307   8.643   10.210  1.00 13.04 ? 88  LEU A N   1 
ATOM   674  C CA  . LEU A 1 88  ? 5.148   9.157   10.934  1.00 13.04 ? 88  LEU A CA  1 
ATOM   675  C C   . LEU A 1 88  ? 4.856   8.085   11.982  1.00 13.04 ? 88  LEU A C   1 
ATOM   676  O O   . LEU A 1 88  ? 4.073   7.163   11.754  1.00 13.04 ? 88  LEU A O   1 
ATOM   677  C CB  . LEU A 1 88  ? 3.971   9.338   9.983   1.00 10.00 ? 88  LEU A CB  1 
ATOM   678  C CG  . LEU A 1 88  ? 2.589   9.574   10.602  1.00 10.00 ? 88  LEU A CG  1 
ATOM   679  C CD1 . LEU A 1 88  ? 2.607   10.699  11.622  1.00 10.00 ? 88  LEU A CD1 1 
ATOM   680  C CD2 . LEU A 1 88  ? 1.617   9.869   9.487   1.00 10.00 ? 88  LEU A CD2 1 
ATOM   681  N N   . GLN A 1 89  ? 5.526   8.181   13.116  1.00 19.63 ? 89  GLN A N   1 
ATOM   682  C CA  . GLN A 1 89  ? 5.388   7.170   14.150  1.00 19.63 ? 89  GLN A CA  1 
ATOM   683  C C   . GLN A 1 89  ? 3.993   6.847   14.681  1.00 19.63 ? 89  GLN A C   1 
ATOM   684  O O   . GLN A 1 89  ? 3.062   7.636   14.547  1.00 19.63 ? 89  GLN A O   1 
ATOM   685  C CB  . GLN A 1 89  ? 6.349   7.454   15.294  1.00 12.37 ? 89  GLN A CB  1 
ATOM   686  C CG  . GLN A 1 89  ? 7.791   7.488   14.841  1.00 12.37 ? 89  GLN A CG  1 
ATOM   687  C CD  . GLN A 1 89  ? 8.738   7.725   15.984  1.00 12.37 ? 89  GLN A CD  1 
ATOM   688  O OE1 . GLN A 1 89  ? 8.343   7.670   17.138  1.00 12.37 ? 89  GLN A OE1 1 
ATOM   689  N NE2 . GLN A 1 89  ? 9.994   8.005   15.669  1.00 12.37 ? 89  GLN A NE2 1 
ATOM   690  N N   . LYS A 1 90  ? 3.874   5.672   15.296  1.00 32.75 ? 90  LYS A N   1 
ATOM   691  C CA  . LYS A 1 90  ? 2.613   5.216   15.851  1.00 32.75 ? 90  LYS A CA  1 
ATOM   692  C C   . LYS A 1 90  ? 2.159   6.047   17.039  1.00 32.75 ? 90  LYS A C   1 
ATOM   693  O O   . LYS A 1 90  ? 1.011   5.959   17.456  1.00 32.75 ? 90  LYS A O   1 
ATOM   694  C CB  . LYS A 1 90  ? 2.685   3.726   16.218  1.00 50.00 ? 90  LYS A CB  1 
ATOM   695  C CG  . LYS A 1 90  ? 3.790   3.328   17.187  1.00 50.00 ? 90  LYS A CG  1 
ATOM   696  C CD  . LYS A 1 90  ? 3.866   1.809   17.291  1.00 50.00 ? 90  LYS A CD  1 
ATOM   697  C CE  . LYS A 1 90  ? 5.013   1.331   18.178  1.00 50.00 ? 90  LYS A CE  1 
ATOM   698  N NZ  . LYS A 1 90  ? 5.453   -0.077  17.857  1.00 50.00 ? 90  LYS A NZ  1 
ATOM   699  N N   . ASP A 1 91  ? 3.049   6.860   17.586  1.00 15.28 ? 91  ASP A N   1 
ATOM   700  C CA  . ASP A 1 91  ? 2.678   7.690   18.727  1.00 15.28 ? 91  ASP A CA  1 
ATOM   701  C C   . ASP A 1 91  ? 2.363   9.127   18.288  1.00 15.28 ? 91  ASP A C   1 
ATOM   702  O O   . ASP A 1 91  ? 2.357   10.065  19.098  1.00 15.28 ? 91  ASP A O   1 
ATOM   703  C CB  . ASP A 1 91  ? 3.790   7.674   19.785  1.00 13.03 ? 91  ASP A CB  1 
ATOM   704  C CG  . ASP A 1 91  ? 5.101   8.209   19.264  1.00 13.03 ? 91  ASP A CG  1 
ATOM   705  O OD1 . ASP A 1 91  ? 5.174   8.564   18.066  1.00 13.03 ? 91  ASP A OD1 1 
ATOM   706  O OD2 . ASP A 1 91  ? 6.050   8.283   20.077  1.00 13.03 ? 91  ASP A OD2 1 
ATOM   707  N N   . ARG A 1 92  ? 2.142   9.292   16.990  1.00 18.60 ? 92  ARG A N   1 
ATOM   708  C CA  . ARG A 1 92  ? 1.810   10.583  16.409  1.00 18.60 ? 92  ARG A CA  1 
ATOM   709  C C   . ARG A 1 92  ? 2.962   11.586  16.502  1.00 18.60 ? 92  ARG A C   1 
ATOM   710  O O   . ARG A 1 92  ? 2.773   12.729  16.924  1.00 18.60 ? 92  ARG A O   1 
ATOM   711  C CB  . ARG A 1 92  ? 0.552   11.154  17.065  1.00 13.95 ? 92  ARG A CB  1 
ATOM   712  C CG  . ARG A 1 92  ? -0.147  12.168  16.218  1.00 13.95 ? 92  ARG A CG  1 
ATOM   713  C CD  . ARG A 1 92  ? -1.236  12.846  16.974  1.00 13.95 ? 92  ARG A CD  1 
ATOM   714  N NE  . ARG A 1 92  ? -0.704  13.640  18.076  1.00 13.95 ? 92  ARG A NE  1 
ATOM   715  C CZ  . ARG A 1 92  ? -1.451  14.407  18.869  1.00 13.95 ? 92  ARG A CZ  1 
ATOM   716  N NH1 . ARG A 1 92  ? -2.768  14.481  18.674  1.00 13.95 ? 92  ARG A NH1 1 
ATOM   717  N NH2 . ARG A 1 92  ? -0.892  15.079  19.874  1.00 13.95 ? 92  ARG A NH2 1 
ATOM   718  N N   . ASN A 1 93  ? 4.156   11.152  16.118  1.00 19.98 ? 93  ASN A N   1 
ATOM   719  C CA  . ASN A 1 93  ? 5.324   12.021  16.137  1.00 19.98 ? 93  ASN A CA  1 
ATOM   720  C C   . ASN A 1 93  ? 6.071   11.776  14.850  1.00 19.98 ? 93  ASN A C   1 
ATOM   721  O O   . ASN A 1 93  ? 6.382   10.631  14.536  1.00 19.98 ? 93  ASN A O   1 
ATOM   722  C CB  . ASN A 1 93  ? 6.236   11.674  17.316  1.00 31.71 ? 93  ASN A CB  1 
ATOM   723  C CG  . ASN A 1 93  ? 7.354   12.693  17.519  1.00 31.71 ? 93  ASN A CG  1 
ATOM   724  O OD1 . ASN A 1 93  ? 7.389   13.738  16.873  1.00 31.71 ? 93  ASN A OD1 1 
ATOM   725  N ND2 . ASN A 1 93  ? 8.260   12.401  18.439  1.00 31.71 ? 93  ASN A ND2 1 
ATOM   726  N N   . VAL A 1 94  ? 6.279   12.822  14.055  1.00 12.53 ? 94  VAL A N   1 
ATOM   727  C CA  . VAL A 1 94  ? 7.014   12.685  12.801  1.00 12.53 ? 94  VAL A CA  1 
ATOM   728  C C   . VAL A 1 94  ? 8.479   12.888  13.180  1.00 12.53 ? 94  VAL A C   1 
ATOM   729  O O   . VAL A 1 94  ? 8.844   13.941  13.702  1.00 12.53 ? 94  VAL A O   1 
ATOM   730  C CB  . VAL A 1 94  ? 6.571   13.742  11.765  1.00 28.00 ? 94  VAL A CB  1 
ATOM   731  C CG1 . VAL A 1 94  ? 7.202   13.465  10.396  1.00 28.00 ? 94  VAL A CG1 1 
ATOM   732  C CG2 . VAL A 1 94  ? 5.062   13.749  11.652  1.00 28.00 ? 94  VAL A CG2 1 
ATOM   733  N N   . VAL A 1 95  ? 9.304   11.873  12.949  1.00 10.00 ? 95  VAL A N   1 
ATOM   734  C CA  . VAL A 1 95  ? 10.715  11.933  13.313  1.00 10.00 ? 95  VAL A CA  1 
ATOM   735  C C   . VAL A 1 95  ? 11.663  11.582  12.154  1.00 10.00 ? 95  VAL A C   1 
ATOM   736  O O   . VAL A 1 95  ? 11.299  10.826  11.252  1.00 10.00 ? 95  VAL A O   1 
ATOM   737  C CB  . VAL A 1 95  ? 10.980  10.967  14.478  1.00 17.00 ? 95  VAL A CB  1 
ATOM   738  C CG1 . VAL A 1 95  ? 12.436  10.981  14.871  1.00 17.00 ? 95  VAL A CG1 1 
ATOM   739  C CG2 . VAL A 1 95  ? 10.104  11.320  15.654  1.00 17.00 ? 95  VAL A CG2 1 
ATOM   740  N N   . ILE A 1 96  ? 12.870  12.148  12.170  1.00 26.06 ? 96  ILE A N   1 
ATOM   741  C CA  . ILE A 1 96  ? 13.878  11.871  11.143  1.00 26.06 ? 96  ILE A CA  1 
ATOM   742  C C   . ILE A 1 96  ? 14.963  11.028  11.790  1.00 26.06 ? 96  ILE A C   1 
ATOM   743  O O   . ILE A 1 96  ? 15.379  11.323  12.899  1.00 26.06 ? 96  ILE A O   1 
ATOM   744  C CB  . ILE A 1 96  ? 14.551  13.152  10.629  1.00 10.00 ? 96  ILE A CB  1 
ATOM   745  C CG1 . ILE A 1 96  ? 13.520  14.079  10.005  1.00 10.00 ? 96  ILE A CG1 1 
ATOM   746  C CG2 . ILE A 1 96  ? 15.624  12.813  9.616   1.00 10.00 ? 96  ILE A CG2 1 
ATOM   747  C CD1 . ILE A 1 96  ? 14.133  15.298  9.346   1.00 10.00 ? 96  ILE A CD1 1 
ATOM   748  N N   . TYR A 1 97  ? 15.416  9.987   11.104  1.00 19.54 ? 97  TYR A N   1 
ATOM   749  C CA  . TYR A 1 97  ? 16.467  9.122   11.627  1.00 19.54 ? 97  TYR A CA  1 
ATOM   750  C C   . TYR A 1 97  ? 17.586  8.976   10.597  1.00 19.54 ? 97  TYR A C   1 
ATOM   751  O O   . TYR A 1 97  ? 17.340  9.013   9.381   1.00 19.54 ? 97  TYR A O   1 
ATOM   752  C CB  . TYR A 1 97  ? 15.916  7.736   11.944  1.00 10.00 ? 97  TYR A CB  1 
ATOM   753  C CG  . TYR A 1 97  ? 14.965  7.678   13.104  1.00 10.00 ? 97  TYR A CG  1 
ATOM   754  C CD1 . TYR A 1 97  ? 15.434  7.680   14.404  1.00 10.00 ? 97  TYR A CD1 1 
ATOM   755  C CD2 . TYR A 1 97  ? 13.591  7.601   12.903  1.00 10.00 ? 97  TYR A CD2 1 
ATOM   756  C CE1 . TYR A 1 97  ? 14.554  7.604   15.499  1.00 10.00 ? 97  TYR A CE1 1 
ATOM   757  C CE2 . TYR A 1 97  ? 12.701  7.523   13.978  1.00 10.00 ? 97  TYR A CE2 1 
ATOM   758  C CZ  . TYR A 1 97  ? 13.187  7.522   15.277  1.00 10.00 ? 97  TYR A CZ  1 
ATOM   759  O OH  . TYR A 1 97  ? 12.319  7.388   16.352  1.00 10.00 ? 97  TYR A OH  1 
ATOM   760  N N   . GLY A 1 98  ? 18.811  8.806   11.085  1.00 38.33 ? 98  GLY A N   1 
ATOM   761  C CA  . GLY A 1 98  ? 19.945  8.647   10.196  1.00 38.33 ? 98  GLY A CA  1 
ATOM   762  C C   . GLY A 1 98  ? 21.255  9.025   10.860  1.00 38.33 ? 98  GLY A C   1 
ATOM   763  O O   . GLY A 1 98  ? 21.246  9.635   11.921  1.00 38.33 ? 98  GLY A O   1 
ATOM   764  N N   . THR A 1 99  ? 22.383  8.624   10.282  1.00 26.21 ? 99  THR A N   1 
ATOM   765  C CA  . THR A 1 99  ? 22.400  7.833   9.058   1.00 26.21 ? 99  THR A CA  1 
ATOM   766  C C   . THR A 1 99  ? 22.098  6.387   9.386   1.00 26.21 ? 99  THR A C   1 
ATOM   767  O O   . THR A 1 99  ? 21.841  6.052   10.547  1.00 26.21 ? 99  THR A O   1 
ATOM   768  C CB  . THR A 1 99  ? 23.769  7.897   8.388   1.00 50.00 ? 99  THR A CB  1 
ATOM   769  O OG1 . THR A 1 99  ? 24.757  8.263   9.360   1.00 50.00 ? 99  THR A OG1 1 
ATOM   770  C CG2 . THR A 1 99  ? 23.759  8.905   7.258   1.00 50.00 ? 99  THR A CG2 1 
ATOM   771  N N   . ASP A 1 100 ? 22.059  5.543   8.363   1.00 25.94 ? 100 ASP A N   1 
ATOM   772  C CA  . ASP A 1 100 ? 21.810  4.123   8.579   1.00 25.94 ? 100 ASP A CA  1 
ATOM   773  C C   . ASP A 1 100 ? 23.047  3.519   9.222   1.00 25.94 ? 100 ASP A C   1 
ATOM   774  O O   . ASP A 1 100 ? 24.170  3.865   8.866   1.00 25.94 ? 100 ASP A O   1 
ATOM   775  C CB  . ASP A 1 100 ? 21.484  3.410   7.267   1.00 31.31 ? 100 ASP A CB  1 
ATOM   776  C CG  . ASP A 1 100 ? 22.571  3.555   6.240   1.00 31.31 ? 100 ASP A CG  1 
ATOM   777  O OD1 . ASP A 1 100 ? 23.011  4.698   5.973   1.00 31.31 ? 100 ASP A OD1 1 
ATOM   778  O OD2 . ASP A 1 100 ? 22.957  2.518   5.672   1.00 31.31 ? 100 ASP A OD2 1 
ATOM   779  N N   . ARG A 1 101 ? 22.824  2.682   10.227  1.00 29.44 ? 101 ARG A N   1 
ATOM   780  C CA  . ARG A 1 101 ? 23.900  2.034   10.947  1.00 29.44 ? 101 ARG A CA  1 
ATOM   781  C C   . ARG A 1 101 ? 24.180  0.607   10.475  1.00 29.44 ? 101 ARG A C   1 
ATOM   782  O O   . ARG A 1 101 ? 25.333  0.253   10.239  1.00 29.44 ? 101 ARG A O   1 
ATOM   783  C CB  . ARG A 1 101 ? 23.606  2.042   12.449  1.00 50.00 ? 101 ARG A CB  1 
ATOM   784  C CG  . ARG A 1 101 ? 23.390  3.429   13.010  1.00 50.00 ? 101 ARG A CG  1 
ATOM   785  C CD  . ARG A 1 101 ? 24.539  4.342   12.626  1.00 50.00 ? 101 ARG A CD  1 
ATOM   786  N NE  . ARG A 1 101 ? 24.248  5.746   12.900  1.00 50.00 ? 101 ARG A NE  1 
ATOM   787  C CZ  . ARG A 1 101 ? 24.922  6.768   12.375  1.00 50.00 ? 101 ARG A CZ  1 
ATOM   788  N NH1 . ARG A 1 101 ? 25.936  6.549   11.543  1.00 50.00 ? 101 ARG A NH1 1 
ATOM   789  N NH2 . ARG A 1 101 ? 24.572  8.016   12.669  1.00 50.00 ? 101 ARG A NH2 1 
ATOM   790  N N   . TRP A 1 102 ? 23.133  -0.191  10.279  1.00 48.38 ? 102 TRP A N   1 
ATOM   791  C CA  . TRP A 1 102 ? 23.296  -1.589  9.881   1.00 48.38 ? 102 TRP A CA  1 
ATOM   792  C C   . TRP A 1 102 ? 22.230  -2.002  8.881   1.00 48.38 ? 102 TRP A C   1 
ATOM   793  O O   . TRP A 1 102 ? 21.200  -1.348  8.780   1.00 48.38 ? 102 TRP A O   1 
ATOM   794  C CB  . TRP A 1 102 ? 23.193  -2.470  11.132  1.00 50.00 ? 102 TRP A CB  1 
ATOM   795  C CG  . TRP A 1 102 ? 23.263  -3.948  10.883  1.00 50.00 ? 102 TRP A CG  1 
ATOM   796  C CD1 . TRP A 1 102 ? 24.390  -4.687  10.676  1.00 50.00 ? 102 TRP A CD1 1 
ATOM   797  C CD2 . TRP A 1 102 ? 22.165  -4.869  10.832  1.00 50.00 ? 102 TRP A CD2 1 
ATOM   798  N NE1 . TRP A 1 102 ? 24.062  -6.010  10.499  1.00 50.00 ? 102 TRP A NE1 1 
ATOM   799  C CE2 . TRP A 1 102 ? 22.704  -6.152  10.591  1.00 50.00 ? 102 TRP A CE2 1 
ATOM   800  C CE3 . TRP A 1 102 ? 20.778  -4.735  10.969  1.00 50.00 ? 102 TRP A CE3 1 
ATOM   801  C CZ2 . TRP A 1 102 ? 21.911  -7.289  10.484  1.00 50.00 ? 102 TRP A CZ2 1 
ATOM   802  C CZ3 . TRP A 1 102 ? 19.989  -5.870  10.863  1.00 50.00 ? 102 TRP A CZ3 1 
ATOM   803  C CH2 . TRP A 1 102 ? 20.560  -7.131  10.623  1.00 50.00 ? 102 TRP A CH2 1 
ATOM   804  N N   . ALA A 1 103 ? 22.464  -3.102  8.171   1.00 48.76 ? 103 ALA A N   1 
ATOM   805  C CA  . ALA A 1 103 ? 21.501  -3.620  7.200   1.00 48.76 ? 103 ALA A CA  1 
ATOM   806  C C   . ALA A 1 103 ? 21.803  -5.070  6.867   1.00 48.76 ? 103 ALA A C   1 
ATOM   807  O O   . ALA A 1 103 ? 22.966  -5.464  6.833   1.00 48.76 ? 103 ALA A O   1 
ATOM   808  C CB  . ALA A 1 103 ? 21.524  -2.789  5.917   1.00 10.00 ? 103 ALA A CB  1 
ATOM   809  N N   . THR A 1 104 ? 20.761  -5.860  6.616   1.00 34.96 ? 104 THR A N   1 
ATOM   810  C CA  . THR A 1 104 ? 20.948  -7.257  6.245   1.00 34.96 ? 104 THR A CA  1 
ATOM   811  C C   . THR A 1 104 ? 21.466  -7.292  4.819   1.00 34.96 ? 104 THR A C   1 
ATOM   812  O O   . THR A 1 104 ? 21.884  -8.338  4.323   1.00 34.96 ? 104 THR A O   1 
ATOM   813  C CB  . THR A 1 104 ? 19.638  -8.057  6.287   1.00 41.35 ? 104 THR A CB  1 
ATOM   814  O OG1 . THR A 1 104 ? 18.686  -7.468  5.393   1.00 41.35 ? 104 THR A OG1 1 
ATOM   815  C CG2 . THR A 1 104 ? 19.083  -8.089  7.697   1.00 41.35 ? 104 THR A CG2 1 
ATOM   816  N N   . GLY A 1 105 ? 21.363  -6.156  4.140   1.00 20.93 ? 105 GLY A N   1 
ATOM   817  C CA  . GLY A 1 105 ? 21.845  -6.062  2.778   1.00 20.93 ? 105 GLY A CA  1 
ATOM   818  C C   . GLY A 1 105 ? 21.027  -6.864  1.787   1.00 20.93 ? 105 GLY A C   1 
ATOM   819  O O   . GLY A 1 105 ? 21.388  -6.960  0.614   1.00 20.93 ? 105 GLY A O   1 
ATOM   820  N N   . THR A 1 106 ? 19.883  -7.362  2.244   1.00 40.27 ? 106 THR A N   1 
ATOM   821  C CA  . THR A 1 106 ? 18.973  -8.157  1.427   1.00 40.27 ? 106 THR A CA  1 
ATOM   822  C C   . THR A 1 106 ? 18.260  -7.339  0.337   1.00 40.27 ? 106 THR A C   1 
ATOM   823  O O   . THR A 1 106 ? 17.420  -7.859  -0.412  1.00 40.27 ? 106 THR A O   1 
ATOM   824  C CB  . THR A 1 106 ? 17.946  -8.816  2.335   1.00 50.00 ? 106 THR A CB  1 
ATOM   825  O OG1 . THR A 1 106 ? 17.449  -7.843  3.263   1.00 50.00 ? 106 THR A OG1 1 
ATOM   826  C CG2 . THR A 1 106 ? 18.598  -9.929  3.123   1.00 50.00 ? 106 THR A CG2 1 
ATOM   827  N N   . HIS A 1 107 ? 18.617  -6.056  0.277   1.00 50.00 ? 107 HIS A N   1 
ATOM   828  C CA  . HIS A 1 107 ? 18.088  -5.072  -0.666  1.00 50.00 ? 107 HIS A CA  1 
ATOM   829  C C   . HIS A 1 107 ? 17.867  -5.580  -2.093  1.00 50.00 ? 107 HIS A C   1 
ATOM   830  O O   . HIS A 1 107 ? 18.705  -6.285  -2.644  1.00 50.00 ? 107 HIS A O   1 
ATOM   831  C CB  . HIS A 1 107 ? 19.031  -3.858  -0.668  1.00 50.00 ? 107 HIS A CB  1 
ATOM   832  C CG  . HIS A 1 107 ? 18.911  -2.989  -1.881  1.00 50.00 ? 107 HIS A CG  1 
ATOM   833  N ND1 . HIS A 1 107 ? 17.892  -2.077  -2.048  1.00 50.00 ? 107 HIS A ND1 1 
ATOM   834  C CD2 . HIS A 1 107 ? 19.675  -2.908  -2.995  1.00 50.00 ? 107 HIS A CD2 1 
ATOM   835  C CE1 . HIS A 1 107 ? 18.030  -1.474  -3.214  1.00 50.00 ? 107 HIS A CE1 1 
ATOM   836  N NE2 . HIS A 1 107 ? 19.102  -1.963  -3.810  1.00 50.00 ? 107 HIS A NE2 1 
ATOM   837  N N   . THR A 1 108 ? 16.734  -5.211  -2.680  1.00 50.00 ? 108 THR A N   1 
ATOM   838  C CA  . THR A 1 108 ? 16.424  -5.605  -4.046  1.00 50.00 ? 108 THR A CA  1 
ATOM   839  C C   . THR A 1 108 ? 16.708  -4.398  -4.944  1.00 50.00 ? 108 THR A C   1 
ATOM   840  O O   . THR A 1 108 ? 15.812  -3.540  -5.103  1.00 50.00 ? 108 THR A O   1 
ATOM   841  C CB  . THR A 1 108 ? 14.945  -6.046  -4.189  1.00 50.00 ? 108 THR A CB  1 
ATOM   842  O OG1 . THR A 1 108 ? 14.626  -6.985  -3.153  1.00 50.00 ? 108 THR A OG1 1 
ATOM   843  C CG2 . THR A 1 108 ? 14.712  -6.701  -5.545  1.00 50.00 ? 108 THR A CG2 1 
ATOM   844  N N   . ASP B 1 1   ? -2.070  -5.386  0.384   1.00 50.00 ? 1   ASP C N   1 
ATOM   845  C CA  . ASP B 1 1   ? -3.553  -5.313  0.406   1.00 50.00 ? 1   ASP C CA  1 
ATOM   846  C C   . ASP B 1 1   ? -4.036  -6.708  0.772   1.00 50.00 ? 1   ASP C C   1 
ATOM   847  O O   . ASP B 1 1   ? -3.326  -7.685  0.524   1.00 50.00 ? 1   ASP C O   1 
ATOM   848  C CB  . ASP B 1 1   ? -4.071  -4.923  -0.984  1.00 50.00 ? 1   ASP C CB  1 
ATOM   849  C CG  . ASP B 1 1   ? -5.503  -4.413  -0.961  1.00 50.00 ? 1   ASP C CG  1 
ATOM   850  O OD1 . ASP B 1 1   ? -6.049  -4.202  0.142   1.00 50.00 ? 1   ASP C OD1 1 
ATOM   851  O OD2 . ASP B 1 1   ? -6.079  -4.211  -2.053  1.00 50.00 ? 1   ASP C OD2 1 
ATOM   852  N N   . ASN B 1 2   ? -5.190  -6.801  1.426   1.00 50.00 ? 2   ASN C N   1 
ATOM   853  C CA  . ASN B 1 2   ? -5.741  -8.106  1.787   1.00 50.00 ? 2   ASN C CA  1 
ATOM   854  C C   . ASN B 1 2   ? -7.145  -8.324  1.227   1.00 50.00 ? 2   ASN C C   1 
ATOM   855  O O   . ASN B 1 2   ? -7.871  -9.220  1.670   1.00 50.00 ? 2   ASN C O   1 
ATOM   856  C CB  . ASN B 1 2   ? -5.691  -8.361  3.301   1.00 24.34 ? 2   ASN C CB  1 
ATOM   857  C CG  . ASN B 1 2   ? -6.685  -7.531  4.076   1.00 24.34 ? 2   ASN C CG  1 
ATOM   858  O OD1 . ASN B 1 2   ? -6.868  -6.347  3.804   1.00 24.34 ? 2   ASN C OD1 1 
ATOM   859  N ND2 . ASN B 1 2   ? -7.310  -8.143  5.077   1.00 24.34 ? 2   ASN C ND2 1 
ATOM   860  N N   . ILE B 1 3   ? -7.506  -7.513  0.237   1.00 17.88 ? 3   ILE C N   1 
ATOM   861  C CA  . ILE B 1 3   ? -8.795  -7.632  -0.427  1.00 17.88 ? 3   ILE C CA  1 
ATOM   862  C C   . ILE B 1 3   ? -8.701  -7.633  -1.958  1.00 17.88 ? 3   ILE C C   1 
ATOM   863  O O   . ILE B 1 3   ? -8.191  -6.696  -2.574  1.00 17.88 ? 3   ILE C O   1 
ATOM   864  C CB  . ILE B 1 3   ? -9.781  -6.505  -0.035  1.00 33.76 ? 3   ILE C CB  1 
ATOM   865  C CG1 . ILE B 1 3   ? -10.124 -6.571  1.454   1.00 33.76 ? 3   ILE C CG1 1 
ATOM   866  C CG2 . ILE B 1 3   ? -11.079 -6.633  -0.850  1.00 33.76 ? 3   ILE C CG2 1 
ATOM   867  C CD1 . ILE B 1 3   ? -11.275 -5.665  1.825   1.00 33.76 ? 3   ILE C CD1 1 
ATOM   868  N N   . LEU B 1 4   ? -9.205  -8.691  -2.573  1.00 20.88 ? 4   LEU C N   1 
ATOM   869  C CA  . LEU B 1 4   ? -9.234  -8.768  -4.019  1.00 20.88 ? 4   LEU C CA  1 
ATOM   870  C C   . LEU B 1 4   ? -10.693 -8.451  -4.305  1.00 20.88 ? 4   LEU C C   1 
ATOM   871  O O   . LEU B 1 4   ? -11.580 -9.183  -3.873  1.00 20.88 ? 4   LEU C O   1 
ATOM   872  C CB  . LEU B 1 4   ? -8.892  -10.183 -4.476  1.00 45.45 ? 4   LEU C CB  1 
ATOM   873  C CG  . LEU B 1 4   ? -8.929  -10.460 -5.980  1.00 45.45 ? 4   LEU C CG  1 
ATOM   874  C CD1 . LEU B 1 4   ? -8.019  -9.499  -6.714  1.00 45.45 ? 4   LEU C CD1 1 
ATOM   875  C CD2 . LEU B 1 4   ? -8.515  -11.903 -6.246  1.00 45.45 ? 4   LEU C CD2 1 
ATOM   876  N N   . TYR B 1 5   ? -10.961 -7.306  -4.908  1.00 38.35 ? 5   TYR C N   1 
ATOM   877  C CA  . TYR B 1 5   ? -12.345 -6.949  -5.200  1.00 38.35 ? 5   TYR C CA  1 
ATOM   878  C C   . TYR B 1 5   ? -12.780 -7.619  -6.507  1.00 38.35 ? 5   TYR C C   1 
ATOM   879  O O   . TYR B 1 5   ? -11.946 -7.920  -7.361  1.00 38.35 ? 5   TYR C O   1 
ATOM   880  C CB  . TYR B 1 5   ? -12.516 -5.423  -5.301  1.00 39.77 ? 5   TYR C CB  1 
ATOM   881  C CG  . TYR B 1 5   ? -12.114 -4.645  -4.060  1.00 39.77 ? 5   TYR C CG  1 
ATOM   882  C CD1 . TYR B 1 5   ? -10.796 -4.247  -3.866  1.00 39.77 ? 5   TYR C CD1 1 
ATOM   883  C CD2 . TYR B 1 5   ? -13.060 -4.277  -3.102  1.00 39.77 ? 5   TYR C CD2 1 
ATOM   884  C CE1 . TYR B 1 5   ? -10.427 -3.500  -2.759  1.00 39.77 ? 5   TYR C CE1 1 
ATOM   885  C CE2 . TYR B 1 5   ? -12.700 -3.524  -1.986  1.00 39.77 ? 5   TYR C CE2 1 
ATOM   886  C CZ  . TYR B 1 5   ? -11.378 -3.139  -1.822  1.00 39.77 ? 5   TYR C CZ  1 
ATOM   887  O OH  . TYR B 1 5   ? -10.998 -2.370  -0.742  1.00 39.77 ? 5   TYR C OH  1 
ATOM   888  N N   . SER B 1 6   ? -14.074 -7.905  -6.635  1.00 32.71 ? 6   SER C N   1 
ATOM   889  C CA  . SER B 1 6   ? -14.600 -8.522  -7.848  1.00 32.71 ? 6   SER C CA  1 
ATOM   890  C C   . SER B 1 6   ? -14.249 -7.638  -9.044  1.00 32.71 ? 6   SER C C   1 
ATOM   891  O O   . SER B 1 6   ? -14.372 -6.415  -8.986  1.00 32.71 ? 6   SER C O   1 
ATOM   892  C CB  . SER B 1 6   ? -16.117 -8.720  -7.744  1.00 45.59 ? 6   SER C CB  1 
ATOM   893  O OG  . SER B 1 6   ? -16.790 -7.507  -7.442  1.00 45.59 ? 6   SER C OG  1 
ATOM   894  N N   . GLY B 1 7   ? -13.777 -8.254  -10.115 1.00 44.89 ? 7   GLY C N   1 
ATOM   895  C CA  . GLY B 1 7   ? -13.405 -7.481  -11.278 1.00 44.89 ? 7   GLY C CA  1 
ATOM   896  C C   . GLY B 1 7   ? -11.911 -7.237  -11.276 1.00 44.89 ? 7   GLY C C   1 
ATOM   897  O O   . GLY B 1 7   ? -11.388 -6.574  -12.169 1.00 44.89 ? 7   GLY C O   1 
ATOM   898  N N   . GLU B 1 8   ? -11.229 -7.744  -10.255 1.00 49.56 ? 8   GLU C N   1 
ATOM   899  C CA  . GLU B 1 8   ? -9.786  -7.601  -10.160 1.00 49.56 ? 8   GLU C CA  1 
ATOM   900  C C   . GLU B 1 8   ? -9.110  -8.939  -10.446 1.00 49.56 ? 8   GLU C C   1 
ATOM   901  O O   . GLU B 1 8   ? -9.783  -9.977  -10.513 1.00 49.56 ? 8   GLU C O   1 
ATOM   902  C CB  . GLU B 1 8   ? -9.384  -7.079  -8.791  1.00 45.72 ? 8   GLU C CB  1 
ATOM   903  C CG  . GLU B 1 8   ? -9.911  -5.698  -8.504  1.00 45.72 ? 8   GLU C CG  1 
ATOM   904  C CD  . GLU B 1 8   ? -9.248  -5.061  -7.307  1.00 45.72 ? 8   GLU C CD  1 
ATOM   905  O OE1 . GLU B 1 8   ? -8.837  -5.781  -6.364  1.00 45.72 ? 8   GLU C OE1 1 
ATOM   906  O OE2 . GLU B 1 8   ? -9.128  -3.820  -7.308  1.00 45.72 ? 8   GLU C OE2 1 
ATOM   907  N N   . THR B 1 9   ? -7.782  -8.917  -10.559 1.00 50.00 ? 9   THR C N   1 
ATOM   908  C CA  . THR B 1 9   ? -7.015  -10.115 -10.890 1.00 50.00 ? 9   THR C CA  1 
ATOM   909  C C   . THR B 1 9   ? -5.593  -10.148 -10.334 1.00 50.00 ? 9   THR C C   1 
ATOM   910  O O   . THR B 1 9   ? -4.812  -9.219  -10.552 1.00 50.00 ? 9   THR C O   1 
ATOM   911  C CB  . THR B 1 9   ? -6.873  -10.241 -12.418 1.00 50.00 ? 9   THR C CB  1 
ATOM   912  O OG1 . THR B 1 9   ? -8.165  -10.264 -13.033 1.00 50.00 ? 9   THR C OG1 1 
ATOM   913  C CG2 . THR B 1 9   ? -6.121  -11.495 -12.778 1.00 50.00 ? 9   THR C CG2 1 
ATOM   914  N N   . LEU B 1 10  ? -5.260  -11.227 -9.634  1.00 42.16 ? 10  LEU C N   1 
ATOM   915  C CA  . LEU B 1 10  ? -3.914  -11.411 -9.109  1.00 42.16 ? 10  LEU C CA  1 
ATOM   916  C C   . LEU B 1 10  ? -3.199  -12.118 -10.245 1.00 42.16 ? 10  LEU C C   1 
ATOM   917  O O   . LEU B 1 10  ? -3.657  -13.170 -10.700 1.00 42.16 ? 10  LEU C O   1 
ATOM   918  C CB  . LEU B 1 10  ? -3.899  -12.352 -7.895  1.00 50.00 ? 10  LEU C CB  1 
ATOM   919  C CG  . LEU B 1 10  ? -4.401  -11.932 -6.515  1.00 50.00 ? 10  LEU C CG  1 
ATOM   920  C CD1 . LEU B 1 10  ? -4.150  -13.048 -5.522  1.00 50.00 ? 10  LEU C CD1 1 
ATOM   921  C CD2 . LEU B 1 10  ? -3.677  -10.688 -6.058  1.00 50.00 ? 10  LEU C CD2 1 
ATOM   922  N N   . SER B 1 11  ? -2.136  -11.514 -10.761 1.00 50.00 ? 11  SER C N   1 
ATOM   923  C CA  . SER B 1 11  ? -1.375  -12.149 -11.826 1.00 50.00 ? 11  SER C CA  1 
ATOM   924  C C   . SER B 1 11  ? -0.375  -13.087 -11.164 1.00 50.00 ? 11  SER C C   1 
ATOM   925  O O   . SER B 1 11  ? -0.379  -13.268 -9.940  1.00 50.00 ? 11  SER C O   1 
ATOM   926  C CB  . SER B 1 11  ? -0.640  -11.117 -12.684 1.00 50.00 ? 11  SER C CB  1 
ATOM   927  O OG  . SER B 1 11  ? -1.532  -10.142 -13.189 1.00 50.00 ? 11  SER C OG  1 
ATOM   928  N N   . THR B 1 12  ? 0.479   -13.687 -11.975 1.00 50.00 ? 12  THR C N   1 
ATOM   929  C CA  . THR B 1 12  ? 1.467   -14.603 -11.460 1.00 50.00 ? 12  THR C CA  1 
ATOM   930  C C   . THR B 1 12  ? 2.387   -13.881 -10.504 1.00 50.00 ? 12  THR C C   1 
ATOM   931  O O   . THR B 1 12  ? 2.840   -12.769 -10.784 1.00 50.00 ? 12  THR C O   1 
ATOM   932  C CB  . THR B 1 12  ? 2.288   -15.180 -12.580 1.00 50.00 ? 12  THR C CB  1 
ATOM   933  O OG1 . THR B 1 12  ? 1.494   -15.224 -13.773 1.00 50.00 ? 12  THR C OG1 1 
ATOM   934  C CG2 . THR B 1 12  ? 2.705   -16.564 -12.218 1.00 50.00 ? 12  THR C CG2 1 
ATOM   935  N N   . GLY B 1 13  ? 2.621   -14.498 -9.356  1.00 50.00 ? 13  GLY C N   1 
ATOM   936  C CA  . GLY B 1 13  ? 3.491   -13.902 -8.366  1.00 50.00 ? 13  GLY C CA  1 
ATOM   937  C C   . GLY B 1 13  ? 2.816   -12.855 -7.502  1.00 50.00 ? 13  GLY C C   1 
ATOM   938  O O   . GLY B 1 13  ? 3.399   -12.421 -6.504  1.00 50.00 ? 13  GLY C O   1 
ATOM   939  N N   . GLU B 1 14  ? 1.615   -12.423 -7.890  1.00 50.00 ? 14  GLU C N   1 
ATOM   940  C CA  . GLU B 1 14  ? 0.882   -11.432 -7.112  1.00 50.00 ? 14  GLU C CA  1 
ATOM   941  C C   . GLU B 1 14  ? 0.220   -12.148 -5.953  1.00 50.00 ? 14  GLU C C   1 
ATOM   942  O O   . GLU B 1 14  ? 0.034   -13.367 -5.994  1.00 50.00 ? 14  GLU C O   1 
ATOM   943  C CB  . GLU B 1 14  ? -0.150  -10.717 -7.970  1.00 50.00 ? 14  GLU C CB  1 
ATOM   944  C CG  . GLU B 1 14  ? 0.470   -9.979  -9.133  1.00 50.00 ? 14  GLU C CG  1 
ATOM   945  C CD  . GLU B 1 14  ? -0.360  -8.799  -9.562  1.00 50.00 ? 14  GLU C CD  1 
ATOM   946  O OE1 . GLU B 1 14  ? -0.338  -7.780  -8.847  1.00 50.00 ? 14  GLU C OE1 1 
ATOM   947  O OE2 . GLU B 1 14  ? -1.041  -8.889  -10.601 1.00 50.00 ? 14  GLU C OE2 1 
ATOM   948  N N   . PHE B 1 15  ? -0.178  -11.400 -4.936  1.00 50.00 ? 15  PHE C N   1 
ATOM   949  C CA  . PHE B 1 15  ? -0.756  -12.028 -3.759  1.00 50.00 ? 15  PHE C CA  1 
ATOM   950  C C   . PHE B 1 15  ? -1.486  -11.057 -2.864  1.00 50.00 ? 15  PHE C C   1 
ATOM   951  O O   . PHE B 1 15  ? -1.264  -9.851  -2.915  1.00 50.00 ? 15  PHE C O   1 
ATOM   952  C CB  . PHE B 1 15  ? 0.381   -12.584 -2.916  1.00 43.17 ? 15  PHE C CB  1 
ATOM   953  C CG  . PHE B 1 15  ? 1.386   -11.539 -2.541  1.00 43.17 ? 15  PHE C CG  1 
ATOM   954  C CD1 . PHE B 1 15  ? 2.380   -11.173 -3.440  1.00 43.17 ? 15  PHE C CD1 1 
ATOM   955  C CD2 . PHE B 1 15  ? 1.291   -10.856 -1.334  1.00 43.17 ? 15  PHE C CD2 1 
ATOM   956  C CE1 . PHE B 1 15  ? 3.254   -10.149 -3.150  1.00 43.17 ? 15  PHE C CE1 1 
ATOM   957  C CE2 . PHE B 1 15  ? 2.163   -9.830  -1.038  1.00 43.17 ? 15  PHE C CE2 1 
ATOM   958  C CZ  . PHE B 1 15  ? 3.145   -9.477  -1.951  1.00 43.17 ? 15  PHE C CZ  1 
ATOM   959  N N   . LEU B 1 16  ? -2.334  -11.612 -2.017  1.00 37.30 ? 16  LEU C N   1 
ATOM   960  C CA  . LEU B 1 16  ? -3.031  -10.833 -1.027  1.00 37.30 ? 16  LEU C CA  1 
ATOM   961  C C   . LEU B 1 16  ? -2.140  -11.119 0.160   1.00 37.30 ? 16  LEU C C   1 
ATOM   962  O O   . LEU B 1 16  ? -1.437  -12.135 0.184   1.00 37.30 ? 16  LEU C O   1 
ATOM   963  C CB  . LEU B 1 16  ? -4.431  -11.388 -0.773  1.00 33.99 ? 16  LEU C CB  1 
ATOM   964  C CG  . LEU B 1 16  ? -5.342  -11.325 -1.995  1.00 33.99 ? 16  LEU C CG  1 
ATOM   965  C CD1 . LEU B 1 16  ? -6.721  -11.873 -1.645  1.00 33.99 ? 16  LEU C CD1 1 
ATOM   966  C CD2 . LEU B 1 16  ? -5.436  -9.890  -2.496  1.00 33.99 ? 16  LEU C CD2 1 
ATOM   967  N N   . ASN B 1 17  ? -2.133  -10.233 1.136   1.00 31.46 ? 17  ASN C N   1 
ATOM   968  C CA  . ASN B 1 17  ? -1.300  -10.474 2.285   1.00 31.46 ? 17  ASN C CA  1 
ATOM   969  C C   . ASN B 1 17  ? -1.825  -9.726  3.489   1.00 31.46 ? 17  ASN C C   1 
ATOM   970  O O   . ASN B 1 17  ? -2.395  -8.636  3.371   1.00 31.46 ? 17  ASN C O   1 
ATOM   971  C CB  . ASN B 1 17  ? 0.119   -10.023 1.991   1.00 28.72 ? 17  ASN C CB  1 
ATOM   972  C CG  . ASN B 1 17  ? 0.293   -8.547  2.191   1.00 28.72 ? 17  ASN C CG  1 
ATOM   973  O OD1 . ASN B 1 17  ? -0.183  -7.741  1.391   1.00 28.72 ? 17  ASN C OD1 1 
ATOM   974  N ND2 . ASN B 1 17  ? 0.923   -8.175  3.298   1.00 28.72 ? 17  ASN C ND2 1 
ATOM   975  N N   . TYR B 1 18  ? -1.573  -10.302 4.651   1.00 20.38 ? 18  TYR C N   1 
ATOM   976  C CA  . TYR B 1 18  ? -1.990  -9.722  5.904   1.00 20.38 ? 18  TYR C CA  1 
ATOM   977  C C   . TYR B 1 18  ? -1.177  -10.415 6.985   1.00 20.38 ? 18  TYR C C   1 
ATOM   978  O O   . TYR B 1 18  ? -1.115  -11.639 7.022   1.00 20.38 ? 18  TYR C O   1 
ATOM   979  C CB  . TYR B 1 18  ? -3.484  -9.957  6.123   1.00 42.29 ? 18  TYR C CB  1 
ATOM   980  C CG  . TYR B 1 18  ? -3.943  -9.464  7.466   1.00 42.29 ? 18  TYR C CG  1 
ATOM   981  C CD1 . TYR B 1 18  ? -3.861  -10.285 8.591   1.00 42.29 ? 18  TYR C CD1 1 
ATOM   982  C CD2 . TYR B 1 18  ? -4.369  -8.148  7.638   1.00 42.29 ? 18  TYR C CD2 1 
ATOM   983  C CE1 . TYR B 1 18  ? -4.176  -9.807  9.848   1.00 42.29 ? 18  TYR C CE1 1 
ATOM   984  C CE2 . TYR B 1 18  ? -4.690  -7.659  8.901   1.00 42.29 ? 18  TYR C CE2 1 
ATOM   985  C CZ  . TYR B 1 18  ? -4.584  -8.498  9.999   1.00 42.29 ? 18  TYR C CZ  1 
ATOM   986  O OH  . TYR B 1 18  ? -4.854  -8.027  11.256  1.00 42.29 ? 18  TYR C OH  1 
ATOM   987  N N   . GLY B 1 19  ? -0.554  -9.636  7.859   1.00 50.00 ? 19  GLY C N   1 
ATOM   988  C CA  . GLY B 1 19  ? 0.263   -10.218 8.911   1.00 50.00 ? 19  GLY C CA  1 
ATOM   989  C C   . GLY B 1 19  ? 1.334   -11.095 8.291   1.00 50.00 ? 19  GLY C C   1 
ATOM   990  O O   . GLY B 1 19  ? 2.046   -10.663 7.377   1.00 50.00 ? 19  GLY C O   1 
ATOM   991  N N   . SER B 1 20  ? 1.446   -12.325 8.777   1.00 38.09 ? 20  SER C N   1 
ATOM   992  C CA  . SER B 1 20  ? 2.415   -13.269 8.233   1.00 38.09 ? 20  SER C CA  1 
ATOM   993  C C   . SER B 1 20  ? 1.755   -14.134 7.163   1.00 38.09 ? 20  SER C C   1 
ATOM   994  O O   . SER B 1 20  ? 2.389   -14.996 6.569   1.00 38.09 ? 20  SER C O   1 
ATOM   995  C CB  . SER B 1 20  ? 2.971   -14.155 9.350   1.00 27.66 ? 20  SER C CB  1 
ATOM   996  O OG  . SER B 1 20  ? 1.957   -14.541 10.267  1.00 27.66 ? 20  SER C OG  1 
ATOM   997  N N   . PHE B 1 21  ? 0.474   -13.887 6.921   1.00 36.33 ? 21  PHE C N   1 
ATOM   998  C CA  . PHE B 1 21  ? -0.292  -14.651 5.953   1.00 36.33 ? 21  PHE C CA  1 
ATOM   999  C C   . PHE B 1 21  ? -0.132  -14.099 4.558   1.00 36.33 ? 21  PHE C C   1 
ATOM   1000 O O   . PHE B 1 21  ? -0.242  -12.886 4.353   1.00 36.33 ? 21  PHE C O   1 
ATOM   1001 C CB  . PHE B 1 21  ? -1.772  -14.615 6.311   1.00 39.67 ? 21  PHE C CB  1 
ATOM   1002 C CG  . PHE B 1 21  ? -2.046  -14.828 7.761   1.00 39.67 ? 21  PHE C CG  1 
ATOM   1003 C CD1 . PHE B 1 21  ? -1.293  -15.726 8.498   1.00 39.67 ? 21  PHE C CD1 1 
ATOM   1004 C CD2 . PHE B 1 21  ? -3.065  -14.139 8.392   1.00 39.67 ? 21  PHE C CD2 1 
ATOM   1005 C CE1 . PHE B 1 21  ? -1.556  -15.936 9.849   1.00 39.67 ? 21  PHE C CE1 1 
ATOM   1006 C CE2 . PHE B 1 21  ? -3.336  -14.344 9.747   1.00 39.67 ? 21  PHE C CE2 1 
ATOM   1007 C CZ  . PHE B 1 21  ? -2.578  -15.248 10.475  1.00 39.67 ? 21  PHE C CZ  1 
ATOM   1008 N N   . VAL B 1 22  ? 0.101   -14.984 3.595   1.00 50.00 ? 22  VAL C N   1 
ATOM   1009 C CA  . VAL B 1 22  ? 0.239   -14.577 2.199   1.00 50.00 ? 22  VAL C CA  1 
ATOM   1010 C C   . VAL B 1 22  ? -0.522  -15.559 1.306   1.00 50.00 ? 22  VAL C C   1 
ATOM   1011 O O   . VAL B 1 22  ? -0.215  -16.746 1.276   1.00 50.00 ? 22  VAL C O   1 
ATOM   1012 C CB  . VAL B 1 22  ? 1.715   -14.539 1.739   1.00 30.32 ? 22  VAL C CB  1 
ATOM   1013 C CG1 . VAL B 1 22  ? 1.809   -13.880 0.369   1.00 30.32 ? 22  VAL C CG1 1 
ATOM   1014 C CG2 . VAL B 1 22  ? 2.583   -13.809 2.751   1.00 30.32 ? 22  VAL C CG2 1 
ATOM   1015 N N   . PHE B 1 23  ? -1.537  -15.059 0.614   1.00 47.25 ? 23  PHE C N   1 
ATOM   1016 C CA  . PHE B 1 23  ? -2.359  -15.859 -0.291  1.00 47.25 ? 23  PHE C CA  1 
ATOM   1017 C C   . PHE B 1 23  ? -1.769  -15.541 -1.661  1.00 47.25 ? 23  PHE C C   1 
ATOM   1018 O O   . PHE B 1 23  ? -2.145  -14.551 -2.292  1.00 47.25 ? 23  PHE C O   1 
ATOM   1019 C CB  . PHE B 1 23  ? -3.810  -15.373 -0.196  1.00 36.48 ? 23  PHE C CB  1 
ATOM   1020 C CG  . PHE B 1 23  ? -4.805  -16.204 -0.960  1.00 36.48 ? 23  PHE C CG  1 
ATOM   1021 C CD1 . PHE B 1 23  ? -5.062  -17.516 -0.595  1.00 36.48 ? 23  PHE C CD1 1 
ATOM   1022 C CD2 . PHE B 1 23  ? -5.540  -15.646 -2.002  1.00 36.48 ? 23  PHE C CD2 1 
ATOM   1023 C CE1 . PHE B 1 23  ? -6.046  -18.258 -1.257  1.00 36.48 ? 23  PHE C CE1 1 
ATOM   1024 C CE2 . PHE B 1 23  ? -6.518  -16.374 -2.667  1.00 36.48 ? 23  PHE C CE2 1 
ATOM   1025 C CZ  . PHE B 1 23  ? -6.774  -17.679 -2.296  1.00 36.48 ? 23  PHE C CZ  1 
ATOM   1026 N N   . ILE B 1 24  ? -0.831  -16.369 -2.110  1.00 29.86 ? 24  ILE C N   1 
ATOM   1027 C CA  . ILE B 1 24  ? -0.144  -16.140 -3.383  1.00 29.86 ? 24  ILE C CA  1 
ATOM   1028 C C   . ILE B 1 24  ? -0.512  -17.006 -4.600  1.00 29.86 ? 24  ILE C C   1 
ATOM   1029 O O   . ILE B 1 24  ? -0.697  -18.220 -4.494  1.00 29.86 ? 24  ILE C O   1 
ATOM   1030 C CB  . ILE B 1 24  ? 1.406   -16.163 -3.174  1.00 37.82 ? 24  ILE C CB  1 
ATOM   1031 C CG1 . ILE B 1 24  ? 2.134   -15.845 -4.480  1.00 37.82 ? 24  ILE C CG1 1 
ATOM   1032 C CG2 . ILE B 1 24  ? 1.862   -17.494 -2.590  1.00 37.82 ? 24  ILE C CG2 1 
ATOM   1033 C CD1 . ILE B 1 24  ? 3.614   -15.637 -4.285  1.00 37.82 ? 24  ILE C CD1 1 
ATOM   1034 N N   . MET B 1 25  ? -0.639  -16.347 -5.747  1.00 44.84 ? 25  MET C N   1 
ATOM   1035 C CA  . MET B 1 25  ? -0.932  -17.003 -7.016  1.00 44.84 ? 25  MET C CA  1 
ATOM   1036 C C   . MET B 1 25  ? 0.443   -17.235 -7.614  1.00 44.84 ? 25  MET C C   1 
ATOM   1037 O O   . MET B 1 25  ? 1.030   -16.320 -8.195  1.00 44.84 ? 25  MET C O   1 
ATOM   1038 C CB  . MET B 1 25  ? -1.718  -16.066 -7.933  1.00 50.00 ? 25  MET C CB  1 
ATOM   1039 C CG  . MET B 1 25  ? -1.718  -16.464 -9.406  1.00 50.00 ? 25  MET C CG  1 
ATOM   1040 S SD  . MET B 1 25  ? -2.913  -17.740 -9.821  1.00 50.00 ? 25  MET C SD  1 
ATOM   1041 C CE  . MET B 1 25  ? -2.081  -19.239 -9.185  1.00 50.00 ? 25  MET C CE  1 
ATOM   1042 N N   . GLN B 1 26  ? 0.959   -18.450 -7.474  1.00 50.00 ? 26  GLN C N   1 
ATOM   1043 C CA  . GLN B 1 26  ? 2.297   -18.777 -7.957  1.00 50.00 ? 26  GLN C CA  1 
ATOM   1044 C C   . GLN B 1 26  ? 2.467   -18.981 -9.461  1.00 50.00 ? 26  GLN C C   1 
ATOM   1045 O O   . GLN B 1 26  ? 1.496   -19.134 -10.201 1.00 50.00 ? 26  GLN C O   1 
ATOM   1046 C CB  . GLN B 1 26  ? 2.835   -19.987 -7.199  1.00 42.02 ? 26  GLN C CB  1 
ATOM   1047 C CG  . GLN B 1 26  ? 2.632   -19.878 -5.697  1.00 42.02 ? 26  GLN C CG  1 
ATOM   1048 C CD  . GLN B 1 26  ? 3.292   -20.998 -4.917  1.00 42.02 ? 26  GLN C CD  1 
ATOM   1049 O OE1 . GLN B 1 26  ? 3.720   -20.804 -3.776  1.00 42.02 ? 26  GLN C OE1 1 
ATOM   1050 N NE2 . GLN B 1 26  ? 3.389   -22.175 -5.530  1.00 42.02 ? 26  GLN C NE2 1 
ATOM   1051 N N   . GLU B 1 27  ? 3.728   -18.976 -9.890  1.00 50.00 ? 27  GLU C N   1 
ATOM   1052 C CA  . GLU B 1 27  ? 4.102   -19.157 -11.290 1.00 50.00 ? 27  GLU C CA  1 
ATOM   1053 C C   . GLU B 1 27  ? 3.628   -20.509 -11.837 1.00 50.00 ? 27  GLU C C   1 
ATOM   1054 O O   . GLU B 1 27  ? 3.081   -20.595 -12.940 1.00 50.00 ? 27  GLU C O   1 
ATOM   1055 C CB  . GLU B 1 27  ? 5.623   -19.015 -11.432 1.00 50.00 ? 27  GLU C CB  1 
ATOM   1056 C CG  . GLU B 1 27  ? 6.164   -19.207 -12.845 1.00 50.00 ? 27  GLU C CG  1 
ATOM   1057 C CD  . GLU B 1 27  ? 5.724   -18.126 -13.824 1.00 50.00 ? 27  GLU C CD  1 
ATOM   1058 O OE1 . GLU B 1 27  ? 4.534   -18.096 -14.191 1.00 50.00 ? 27  GLU C OE1 1 
ATOM   1059 O OE2 . GLU B 1 27  ? 6.576   -17.325 -14.253 1.00 50.00 ? 27  GLU C OE2 1 
ATOM   1060 N N   . ASP B 1 28  ? 3.783   -21.549 -11.026 1.00 50.00 ? 28  ASP C N   1 
ATOM   1061 C CA  . ASP B 1 28  ? 3.388   -22.896 -11.415 1.00 50.00 ? 28  ASP C CA  1 
ATOM   1062 C C   . ASP B 1 28  ? 1.879   -23.122 -11.408 1.00 50.00 ? 28  ASP C C   1 
ATOM   1063 O O   . ASP B 1 28  ? 1.416   -24.241 -11.608 1.00 50.00 ? 28  ASP C O   1 
ATOM   1064 C CB  . ASP B 1 28  ? 4.076   -23.935 -10.516 1.00 50.00 ? 28  ASP C CB  1 
ATOM   1065 C CG  . ASP B 1 28  ? 3.683   -23.817 -9.043  1.00 50.00 ? 28  ASP C CG  1 
ATOM   1066 O OD1 . ASP B 1 28  ? 2.922   -22.898 -8.666  1.00 50.00 ? 28  ASP C OD1 1 
ATOM   1067 O OD2 . ASP B 1 28  ? 4.157   -24.654 -8.249  1.00 50.00 ? 28  ASP C OD2 1 
ATOM   1068 N N   . CYS B 1 29  ? 1.122   -22.061 -11.162 1.00 50.00 ? 29  CYS C N   1 
ATOM   1069 C CA  . CYS B 1 29  ? -0.330  -22.136 -11.125 1.00 50.00 ? 29  CYS C CA  1 
ATOM   1070 C C   . CYS B 1 29  ? -0.898  -22.710 -9.862  1.00 50.00 ? 29  CYS C C   1 
ATOM   1071 O O   . CYS B 1 29  ? -2.034  -23.176 -9.858  1.00 50.00 ? 29  CYS C O   1 
ATOM   1072 C CB  . CYS B 1 29  ? -0.867  -22.916 -12.305 1.00 50.00 ? 29  CYS C CB  1 
ATOM   1073 S SG  . CYS B 1 29  ? -0.555  -21.998 -13.820 1.00 50.00 ? 29  CYS C SG  1 
ATOM   1074 N N   . ASN B 1 30  ? -0.123  -22.686 -8.788  1.00 50.00 ? 30  ASN C N   1 
ATOM   1075 C CA  . ASN B 1 30  ? -0.619  -23.206 -7.529  1.00 50.00 ? 30  ASN C CA  1 
ATOM   1076 C C   . ASN B 1 30  ? -0.990  -22.044 -6.621  1.00 50.00 ? 30  ASN C C   1 
ATOM   1077 O O   . ASN B 1 30  ? -0.141  -21.214 -6.288  1.00 50.00 ? 30  ASN C O   1 
ATOM   1078 C CB  . ASN B 1 30  ? 0.430   -24.091 -6.861  1.00 50.00 ? 30  ASN C CB  1 
ATOM   1079 C CG  . ASN B 1 30  ? -0.186  -25.114 -5.941  1.00 50.00 ? 30  ASN C CG  1 
ATOM   1080 O OD1 . ASN B 1 30  ? -1.407  -25.291 -5.925  1.00 50.00 ? 30  ASN C OD1 1 
ATOM   1081 N ND2 . ASN B 1 30  ? 0.650   -25.809 -5.178  1.00 50.00 ? 30  ASN C ND2 1 
ATOM   1082 N N   . LEU B 1 31  ? -2.281  -21.915 -6.328  1.00 50.00 ? 31  LEU C N   1 
ATOM   1083 C CA  . LEU B 1 31  ? -2.754  -20.857 -5.448  1.00 50.00 ? 31  LEU C CA  1 
ATOM   1084 C C   . LEU B 1 31  ? -2.551  -21.440 -4.056  1.00 50.00 ? 31  LEU C C   1 
ATOM   1085 O O   . LEU B 1 31  ? -3.163  -22.447 -3.695  1.00 50.00 ? 31  LEU C O   1 
ATOM   1086 C CB  . LEU B 1 31  ? -4.230  -20.547 -5.715  1.00 50.00 ? 31  LEU C CB  1 
ATOM   1087 C CG  . LEU B 1 31  ? -4.886  -19.414 -4.918  1.00 50.00 ? 31  LEU C CG  1 
ATOM   1088 C CD1 . LEU B 1 31  ? -4.115  -18.119 -5.095  1.00 50.00 ? 31  LEU C CD1 1 
ATOM   1089 C CD2 . LEU B 1 31  ? -6.327  -19.238 -5.364  1.00 50.00 ? 31  LEU C CD2 1 
ATOM   1090 N N   . VAL B 1 32  ? -1.631  -20.845 -3.306  1.00 32.12 ? 32  VAL C N   1 
ATOM   1091 C CA  . VAL B 1 32  ? -1.292  -21.328 -1.978  1.00 32.12 ? 32  VAL C CA  1 
ATOM   1092 C C   . VAL B 1 32  ? -1.412  -20.256 -0.901  1.00 32.12 ? 32  VAL C C   1 
ATOM   1093 O O   . VAL B 1 32  ? -1.202  -19.075 -1.158  1.00 32.12 ? 32  VAL C O   1 
ATOM   1094 C CB  . VAL B 1 32  ? 0.152   -21.864 -1.970  1.00 34.64 ? 32  VAL C CB  1 
ATOM   1095 C CG1 . VAL B 1 32  ? 0.477   -22.517 -0.628  1.00 34.64 ? 32  VAL C CG1 1 
ATOM   1096 C CG2 . VAL B 1 32  ? 0.365   -22.828 -3.124  1.00 34.64 ? 32  VAL C CG2 1 
ATOM   1097 N N   . LEU B 1 33  ? -1.785  -20.686 0.298   1.00 27.67 ? 33  LEU C N   1 
ATOM   1098 C CA  . LEU B 1 33  ? -1.917  -19.808 1.446   1.00 27.67 ? 33  LEU C CA  1 
ATOM   1099 C C   . LEU B 1 33  ? -0.789  -20.214 2.360   1.00 27.67 ? 33  LEU C C   1 
ATOM   1100 O O   . LEU B 1 33  ? -0.759  -21.356 2.806   1.00 27.67 ? 33  LEU C O   1 
ATOM   1101 C CB  . LEU B 1 33  ? -3.236  -20.051 2.187   1.00 47.32 ? 33  LEU C CB  1 
ATOM   1102 C CG  . LEU B 1 33  ? -3.376  -19.233 3.483   1.00 47.32 ? 33  LEU C CG  1 
ATOM   1103 C CD1 . LEU B 1 33  ? -3.667  -17.797 3.116   1.00 47.32 ? 33  LEU C CD1 1 
ATOM   1104 C CD2 . LEU B 1 33  ? -4.464  -19.749 4.387   1.00 47.32 ? 33  LEU C CD2 1 
ATOM   1105 N N   . TYR B 1 34  ? 0.133   -19.299 2.633   1.00 32.66 ? 34  TYR C N   1 
ATOM   1106 C CA  . TYR B 1 34  ? 1.262   -19.587 3.505   1.00 32.66 ? 34  TYR C CA  1 
ATOM   1107 C C   . TYR B 1 34  ? 1.151   -18.825 4.807   1.00 32.66 ? 34  TYR C C   1 
ATOM   1108 O O   . TYR B 1 34  ? 0.621   -17.722 4.839   1.00 32.66 ? 34  TYR C O   1 
ATOM   1109 C CB  . TYR B 1 34  ? 2.576   -19.154 2.851   1.00 36.21 ? 34  TYR C CB  1 
ATOM   1110 C CG  . TYR B 1 34  ? 3.000   -19.947 1.646   1.00 36.21 ? 34  TYR C CG  1 
ATOM   1111 C CD1 . TYR B 1 34  ? 3.736   -21.125 1.786   1.00 36.21 ? 34  TYR C CD1 1 
ATOM   1112 C CD2 . TYR B 1 34  ? 2.716   -19.496 0.360   1.00 36.21 ? 34  TYR C CD2 1 
ATOM   1113 C CE1 . TYR B 1 34  ? 4.180   -21.830 0.672   1.00 36.21 ? 34  TYR C CE1 1 
ATOM   1114 C CE2 . TYR B 1 34  ? 3.158   -20.192 -0.765  1.00 36.21 ? 34  TYR C CE2 1 
ATOM   1115 C CZ  . TYR B 1 34  ? 3.886   -21.353 -0.604  1.00 36.21 ? 34  TYR C CZ  1 
ATOM   1116 O OH  . TYR B 1 34  ? 4.310   -22.031 -1.721  1.00 36.21 ? 34  TYR C OH  1 
ATOM   1117 N N   . ASP B 1 35  ? 1.648   -19.428 5.877   1.00 23.64 ? 35  ASP C N   1 
ATOM   1118 C CA  . ASP B 1 35  ? 1.702   -18.794 7.185   1.00 23.64 ? 35  ASP C CA  1 
ATOM   1119 C C   . ASP B 1 35  ? 3.216   -18.722 7.376   1.00 23.64 ? 35  ASP C C   1 
ATOM   1120 O O   . ASP B 1 35  ? 3.838   -19.602 7.991   1.00 23.64 ? 35  ASP C O   1 
ATOM   1121 C CB  . ASP B 1 35  ? 1.071   -19.678 8.261   1.00 50.00 ? 35  ASP C CB  1 
ATOM   1122 C CG  . ASP B 1 35  ? 0.955   -18.979 9.610   1.00 50.00 ? 35  ASP C CG  1 
ATOM   1123 O OD1 . ASP B 1 35  ? 1.721   -18.030 9.887   1.00 50.00 ? 35  ASP C OD1 1 
ATOM   1124 O OD2 . ASP B 1 35  ? 0.081   -19.386 10.402  1.00 50.00 ? 35  ASP C OD2 1 
ATOM   1125 N N   . VAL B 1 36  ? 3.803   -17.663 6.836   1.00 41.06 ? 36  VAL C N   1 
ATOM   1126 C CA  . VAL B 1 36  ? 5.249   -17.447 6.850   1.00 41.06 ? 36  VAL C CA  1 
ATOM   1127 C C   . VAL B 1 36  ? 5.760   -18.429 5.804   1.00 41.06 ? 36  VAL C C   1 
ATOM   1128 O O   . VAL B 1 36  ? 5.346   -18.341 4.652   1.00 41.06 ? 36  VAL C O   1 
ATOM   1129 C CB  . VAL B 1 36  ? 5.934   -17.704 8.225   1.00 24.68 ? 36  VAL C CB  1 
ATOM   1130 C CG1 . VAL B 1 36  ? 7.343   -17.135 8.201   1.00 24.68 ? 36  VAL C CG1 1 
ATOM   1131 C CG2 . VAL B 1 36  ? 5.149   -17.088 9.373   1.00 24.68 ? 36  VAL C CG2 1 
ATOM   1132 N N   . ASP B 1 37  ? 6.556   -19.416 6.206   1.00 50.00 ? 37  ASP C N   1 
ATOM   1133 C CA  . ASP B 1 37  ? 7.094   -20.389 5.257   1.00 50.00 ? 37  ASP C CA  1 
ATOM   1134 C C   . ASP B 1 37  ? 6.307   -21.696 5.202   1.00 50.00 ? 37  ASP C C   1 
ATOM   1135 O O   . ASP B 1 37  ? 6.573   -22.550 4.361   1.00 50.00 ? 37  ASP C O   1 
ATOM   1136 C CB  . ASP B 1 37  ? 8.576   -20.667 5.549   1.00 50.00 ? 37  ASP C CB  1 
ATOM   1137 C CG  . ASP B 1 37  ? 8.808   -21.349 6.899   1.00 50.00 ? 37  ASP C CG  1 
ATOM   1138 O OD1 . ASP B 1 37  ? 8.021   -21.142 7.846   1.00 50.00 ? 37  ASP C OD1 1 
ATOM   1139 O OD2 . ASP B 1 37  ? 9.809   -22.086 7.023   1.00 50.00 ? 37  ASP C OD2 1 
ATOM   1140 N N   . LYS B 1 38  ? 5.308   -21.832 6.066   1.00 50.00 ? 38  LYS C N   1 
ATOM   1141 C CA  . LYS B 1 38  ? 4.498   -23.045 6.112   1.00 50.00 ? 38  LYS C CA  1 
ATOM   1142 C C   . LYS B 1 38  ? 3.298   -22.979 5.181   1.00 50.00 ? 38  LYS C C   1 
ATOM   1143 O O   . LYS B 1 38  ? 2.549   -22.008 5.185   1.00 50.00 ? 38  LYS C O   1 
ATOM   1144 C CB  . LYS B 1 38  ? 4.006   -23.296 7.537   1.00 50.00 ? 38  LYS C CB  1 
ATOM   1145 C CG  . LYS B 1 38  ? 5.106   -23.251 8.562   1.00 50.00 ? 38  LYS C CG  1 
ATOM   1146 C CD  . LYS B 1 38  ? 4.541   -23.231 9.959   1.00 50.00 ? 38  LYS C CD  1 
ATOM   1147 C CE  . LYS B 1 38  ? 5.658   -23.077 10.978  1.00 50.00 ? 38  LYS C CE  1 
ATOM   1148 N NZ  . LYS B 1 38  ? 5.145   -23.103 12.380  1.00 50.00 ? 38  LYS C NZ  1 
ATOM   1149 N N   . PRO B 1 39  ? 3.139   -23.985 4.314   1.00 50.00 ? 39  PRO C N   1 
ATOM   1150 C CA  . PRO B 1 39  ? 1.993   -23.984 3.405   1.00 50.00 ? 39  PRO C CA  1 
ATOM   1151 C C   . PRO B 1 39  ? 0.795   -24.341 4.279   1.00 50.00 ? 39  PRO C C   1 
ATOM   1152 O O   . PRO B 1 39  ? 0.903   -25.193 5.160   1.00 50.00 ? 39  PRO C O   1 
ATOM   1153 C CB  . PRO B 1 39  ? 2.322   -25.127 2.441   1.00 50.00 ? 39  PRO C CB  1 
ATOM   1154 C CG  . PRO B 1 39  ? 3.808   -25.244 2.522   1.00 50.00 ? 39  PRO C CG  1 
ATOM   1155 C CD  . PRO B 1 39  ? 4.056   -25.083 3.992   1.00 50.00 ? 39  PRO C CD  1 
ATOM   1156 N N   . ILE B 1 40  ? -0.328  -23.670 4.061   1.00 44.46 ? 40  ILE C N   1 
ATOM   1157 C CA  . ILE B 1 40  ? -1.531  -23.906 4.853   1.00 44.46 ? 40  ILE C CA  1 
ATOM   1158 C C   . ILE B 1 40  ? -2.652  -24.472 3.996   1.00 44.46 ? 40  ILE C C   1 
ATOM   1159 O O   . ILE B 1 40  ? -3.357  -25.388 4.406   1.00 44.46 ? 40  ILE C O   1 
ATOM   1160 C CB  . ILE B 1 40  ? -2.037  -22.598 5.500   1.00 32.80 ? 40  ILE C CB  1 
ATOM   1161 C CG1 . ILE B 1 40  ? -0.959  -21.993 6.381   1.00 32.80 ? 40  ILE C CG1 1 
ATOM   1162 C CG2 . ILE B 1 40  ? -3.236  -22.873 6.380   1.00 32.80 ? 40  ILE C CG2 1 
ATOM   1163 C CD1 . ILE B 1 40  ? -0.684  -22.820 7.615   1.00 32.80 ? 40  ILE C CD1 1 
ATOM   1164 N N   . TRP B 1 41  ? -2.821  -23.908 2.806   1.00 27.39 ? 41  TRP C N   1 
ATOM   1165 C CA  . TRP B 1 41  ? -3.869  -24.329 1.887   1.00 27.39 ? 41  TRP C CA  1 
ATOM   1166 C C   . TRP B 1 41  ? -3.319  -24.183 0.474   1.00 27.39 ? 41  TRP C C   1 
ATOM   1167 O O   . TRP B 1 41  ? -2.350  -23.460 0.250   1.00 27.39 ? 41  TRP C O   1 
ATOM   1168 C CB  . TRP B 1 41  ? -5.090  -23.424 2.069   1.00 36.74 ? 41  TRP C CB  1 
ATOM   1169 C CG  . TRP B 1 41  ? -6.322  -23.839 1.316   1.00 36.74 ? 41  TRP C CG  1 
ATOM   1170 C CD1 . TRP B 1 41  ? -7.288  -24.700 1.745   1.00 36.74 ? 41  TRP C CD1 1 
ATOM   1171 C CD2 . TRP B 1 41  ? -6.733  -23.387 0.020   1.00 36.74 ? 41  TRP C CD2 1 
ATOM   1172 N NE1 . TRP B 1 41  ? -8.278  -24.811 0.799   1.00 36.74 ? 41  TRP C NE1 1 
ATOM   1173 C CE2 . TRP B 1 41  ? -7.963  -24.017 -0.270  1.00 36.74 ? 41  TRP C CE2 1 
ATOM   1174 C CE3 . TRP B 1 41  ? -6.186  -22.513 -0.921  1.00 36.74 ? 41  TRP C CE3 1 
ATOM   1175 C CZ2 . TRP B 1 41  ? -8.654  -23.800 -1.466  1.00 36.74 ? 41  TRP C CZ2 1 
ATOM   1176 C CZ3 . TRP B 1 41  ? -6.877  -22.296 -2.111  1.00 36.74 ? 41  TRP C CZ3 1 
ATOM   1177 C CH2 . TRP B 1 41  ? -8.095  -22.938 -2.371  1.00 36.74 ? 41  TRP C CH2 1 
ATOM   1178 N N   . ALA B 1 42  ? -3.949  -24.848 -0.482  1.00 25.30 ? 42  ALA C N   1 
ATOM   1179 C CA  . ALA B 1 42  ? -3.491  -24.791 -1.857  1.00 25.30 ? 42  ALA C CA  1 
ATOM   1180 C C   . ALA B 1 42  ? -4.522  -25.445 -2.741  1.00 25.30 ? 42  ALA C C   1 
ATOM   1181 O O   . ALA B 1 42  ? -5.219  -26.360 -2.313  1.00 25.30 ? 42  ALA C O   1 
ATOM   1182 C CB  . ALA B 1 42  ? -2.181  -25.522 -1.992  1.00 20.94 ? 42  ALA C CB  1 
ATOM   1183 N N   . THR B 1 43  ? -4.628  -24.973 -3.973  1.00 50.00 ? 43  THR C N   1 
ATOM   1184 C CA  . THR B 1 43  ? -5.580  -25.552 -4.906  1.00 50.00 ? 43  THR C CA  1 
ATOM   1185 C C   . THR B 1 43  ? -4.996  -26.850 -5.463  1.00 50.00 ? 43  THR C C   1 
ATOM   1186 O O   . THR B 1 43  ? -5.682  -27.618 -6.140  1.00 50.00 ? 43  THR C O   1 
ATOM   1187 C CB  . THR B 1 43  ? -5.881  -24.580 -6.051  1.00 50.00 ? 43  THR C CB  1 
ATOM   1188 O OG1 . THR B 1 43  ? -4.654  -24.217 -6.699  1.00 50.00 ? 43  THR C OG1 1 
ATOM   1189 C CG2 . THR B 1 43  ? -6.560  -23.324 -5.515  1.00 50.00 ? 43  THR C CG2 1 
ATOM   1190 N N   . ASN B 1 44  ? -3.712  -27.068 -5.190  1.00 50.00 ? 44  ASN C N   1 
ATOM   1191 C CA  . ASN B 1 44  ? -3.013  -28.263 -5.637  1.00 50.00 ? 44  ASN C CA  1 
ATOM   1192 C C   . ASN B 1 44  ? -3.069  -28.428 -7.141  1.00 50.00 ? 44  ASN C C   1 
ATOM   1193 O O   . ASN B 1 44  ? -3.213  -29.531 -7.655  1.00 50.00 ? 44  ASN C O   1 
ATOM   1194 C CB  . ASN B 1 44  ? -3.565  -29.492 -4.921  1.00 50.00 ? 44  ASN C CB  1 
ATOM   1195 C CG  . ASN B 1 44  ? -3.174  -29.518 -3.459  1.00 50.00 ? 44  ASN C CG  1 
ATOM   1196 O OD1 . ASN B 1 44  ? -2.131  -28.979 -3.085  1.00 50.00 ? 44  ASN C OD1 1 
ATOM   1197 N ND2 . ASN B 1 44  ? -4.009  -30.118 -2.623  1.00 50.00 ? 44  ASN C ND2 1 
ATOM   1198 N N   . THR B 1 45  ? -2.909  -27.312 -7.839  1.00 50.00 ? 45  THR C N   1 
ATOM   1199 C CA  . THR B 1 45  ? -2.934  -27.305 -9.288  1.00 50.00 ? 45  THR C CA  1 
ATOM   1200 C C   . THR B 1 45  ? -1.557  -26.918 -9.820  1.00 50.00 ? 45  THR C C   1 
ATOM   1201 O O   . THR B 1 45  ? -1.403  -26.563 -10.995 1.00 50.00 ? 45  THR C O   1 
ATOM   1202 C CB  . THR B 1 45  ? -3.982  -26.316 -9.809  1.00 50.00 ? 45  THR C CB  1 
ATOM   1203 O OG1 . THR B 1 45  ? -3.717  -25.015 -9.276  1.00 50.00 ? 45  THR C OG1 1 
ATOM   1204 C CG2 . THR B 1 45  ? -5.373  -26.754 -9.378  1.00 50.00 ? 45  THR C CG2 1 
ATOM   1205 N N   . GLY B 1 46  ? -0.562  -26.971 -8.940  1.00 50.00 ? 46  GLY C N   1 
ATOM   1206 C CA  . GLY B 1 46  ? 0.793   -26.635 -9.329  1.00 50.00 ? 46  GLY C CA  1 
ATOM   1207 C C   . GLY B 1 46  ? 1.290   -27.545 -10.431 1.00 50.00 ? 46  GLY C C   1 
ATOM   1208 O O   . GLY B 1 46  ? 1.055   -28.755 -10.408 1.00 50.00 ? 46  GLY C O   1 
ATOM   1209 N N   . GLY B 1 47  ? 1.938   -26.949 -11.424 1.00 50.00 ? 47  GLY C N   1 
ATOM   1210 C CA  . GLY B 1 47  ? 2.468   -27.715 -12.533 1.00 50.00 ? 47  GLY C CA  1 
ATOM   1211 C C   . GLY B 1 47  ? 1.498   -27.857 -13.682 1.00 50.00 ? 47  GLY C C   1 
ATOM   1212 O O   . GLY B 1 47  ? 1.919   -28.107 -14.805 1.00 50.00 ? 47  GLY C O   1 
ATOM   1213 N N   . LEU B 1 48  ? 0.207   -27.681 -13.424 1.00 50.00 ? 48  LEU C N   1 
ATOM   1214 C CA  . LEU B 1 48  ? -0.786  -27.813 -14.486 1.00 50.00 ? 48  LEU C CA  1 
ATOM   1215 C C   . LEU B 1 48  ? -0.633  -26.764 -15.574 1.00 50.00 ? 48  LEU C C   1 
ATOM   1216 O O   . LEU B 1 48  ? -1.244  -26.875 -16.638 1.00 50.00 ? 48  LEU C O   1 
ATOM   1217 C CB  . LEU B 1 48  ? -2.210  -27.772 -13.931 1.00 50.00 ? 48  LEU C CB  1 
ATOM   1218 C CG  . LEU B 1 48  ? -2.586  -28.941 -13.025 1.00 50.00 ? 48  LEU C CG  1 
ATOM   1219 C CD1 . LEU B 1 48  ? -4.084  -28.941 -12.775 1.00 50.00 ? 48  LEU C CD1 1 
ATOM   1220 C CD2 . LEU B 1 48  ? -2.162  -30.248 -13.667 1.00 50.00 ? 48  LEU C CD2 1 
ATOM   1221 N N   . SER B 1 49  ? 0.161   -25.736 -15.298 1.00 50.00 ? 49  SER C N   1 
ATOM   1222 C CA  . SER B 1 49  ? 0.400   -24.663 -16.256 1.00 50.00 ? 49  SER C CA  1 
ATOM   1223 C C   . SER B 1 49  ? 1.537   -23.761 -15.783 1.00 50.00 ? 49  SER C C   1 
ATOM   1224 O O   . SER B 1 49  ? 2.350   -24.133 -14.925 1.00 50.00 ? 49  SER C O   1 
ATOM   1225 C CB  . SER B 1 49  ? -0.870  -23.825 -16.472 1.00 50.00 ? 49  SER C CB  1 
ATOM   1226 O OG  . SER B 1 49  ? -1.695  -24.363 -17.493 1.00 50.00 ? 49  SER C OG  1 
ATOM   1227 N N   . ARG B 1 50  ? 1.593   -22.577 -16.372 1.00 50.00 ? 50  ARG C N   1 
ATOM   1228 C CA  . ARG B 1 50  ? 2.589   -21.588 -16.034 1.00 50.00 ? 50  ARG C CA  1 
ATOM   1229 C C   . ARG B 1 50  ? 1.921   -20.254 -16.278 1.00 50.00 ? 50  ARG C C   1 
ATOM   1230 O O   . ARG B 1 50  ? 1.057   -20.146 -17.155 1.00 50.00 ? 50  ARG C O   1 
ATOM   1231 C CB  . ARG B 1 50  ? 3.804   -21.728 -16.947 1.00 50.00 ? 50  ARG C CB  1 
ATOM   1232 C CG  . ARG B 1 50  ? 4.948   -20.802 -16.582 1.00 50.00 ? 50  ARG C CG  1 
ATOM   1233 C CD  . ARG B 1 50  ? 6.284   -21.490 -16.786 1.00 50.00 ? 50  ARG C CD  1 
ATOM   1234 N NE  . ARG B 1 50  ? 6.311   -22.811 -16.155 1.00 50.00 ? 50  ARG C NE  1 
ATOM   1235 C CZ  . ARG B 1 50  ? 6.189   -23.031 -14.846 1.00 50.00 ? 50  ARG C CZ  1 
ATOM   1236 N NH1 . ARG B 1 50  ? 6.039   -22.014 -14.006 1.00 50.00 ? 50  ARG C NH1 1 
ATOM   1237 N NH2 . ARG B 1 50  ? 6.177   -24.275 -14.382 1.00 50.00 ? 50  ARG C NH2 1 
ATOM   1238 N N   . SER B 1 51  ? 2.290   -19.258 -15.481 1.00 50.00 ? 51  SER C N   1 
ATOM   1239 C CA  . SER B 1 51  ? 1.741   -17.914 -15.616 1.00 50.00 ? 51  SER C CA  1 
ATOM   1240 C C   . SER B 1 51  ? 0.215   -17.861 -15.547 1.00 50.00 ? 51  SER C C   1 
ATOM   1241 O O   . SER B 1 51  ? -0.448  -17.361 -16.460 1.00 50.00 ? 51  SER C O   1 
ATOM   1242 C CB  . SER B 1 51  ? 2.250   -17.253 -16.905 1.00 50.00 ? 51  SER C CB  1 
ATOM   1243 O OG  . SER B 1 51  ? 3.671   -17.214 -16.937 1.00 50.00 ? 51  SER C OG  1 
ATOM   1244 N N   . CYS B 1 52  ? -0.338  -18.433 -14.485 1.00 50.00 ? 52  CYS C N   1 
ATOM   1245 C CA  . CYS B 1 52  ? -1.778  -18.403 -14.288 1.00 50.00 ? 52  CYS C CA  1 
ATOM   1246 C C   . CYS B 1 52  ? -2.083  -17.087 -13.601 1.00 50.00 ? 52  CYS C C   1 
ATOM   1247 O O   . CYS B 1 52  ? -1.170  -16.350 -13.225 1.00 50.00 ? 52  CYS C O   1 
ATOM   1248 C CB  . CYS B 1 52  ? -2.232  -19.544 -13.382 1.00 50.00 ? 52  CYS C CB  1 
ATOM   1249 S SG  . CYS B 1 52  ? -2.358  -21.156 -14.206 1.00 50.00 ? 52  CYS C SG  1 
ATOM   1250 N N   . PHE B 1 53  ? -3.364  -16.792 -13.442 1.00 50.00 ? 53  PHE C N   1 
ATOM   1251 C CA  . PHE B 1 53  ? -3.775  -15.575 -12.771 1.00 50.00 ? 53  PHE C CA  1 
ATOM   1252 C C   . PHE B 1 53  ? -5.100  -15.823 -12.082 1.00 50.00 ? 53  PHE C C   1 
ATOM   1253 O O   . PHE B 1 53  ? -6.004  -16.423 -12.670 1.00 50.00 ? 53  PHE C O   1 
ATOM   1254 C CB  . PHE B 1 53  ? -3.888  -14.414 -13.762 1.00 50.00 ? 53  PHE C CB  1 
ATOM   1255 C CG  . PHE B 1 53  ? -4.776  -14.697 -14.933 1.00 50.00 ? 53  PHE C CG  1 
ATOM   1256 C CD1 . PHE B 1 53  ? -4.268  -15.325 -16.062 1.00 50.00 ? 53  PHE C CD1 1 
ATOM   1257 C CD2 . PHE B 1 53  ? -6.113  -14.323 -14.916 1.00 50.00 ? 53  PHE C CD2 1 
ATOM   1258 C CE1 . PHE B 1 53  ? -5.081  -15.575 -17.165 1.00 50.00 ? 53  PHE C CE1 1 
ATOM   1259 C CE2 . PHE B 1 53  ? -6.935  -14.567 -16.011 1.00 50.00 ? 53  PHE C CE2 1 
ATOM   1260 C CZ  . PHE B 1 53  ? -6.417  -15.194 -17.140 1.00 50.00 ? 53  PHE C CZ  1 
ATOM   1261 N N   . LEU B 1 54  ? -5.184  -15.417 -10.816 1.00 33.01 ? 54  LEU C N   1 
ATOM   1262 C CA  . LEU B 1 54  ? -6.395  -15.574 -10.015 1.00 33.01 ? 54  LEU C CA  1 
ATOM   1263 C C   . LEU B 1 54  ? -7.334  -14.438 -10.352 1.00 33.01 ? 54  LEU C C   1 
ATOM   1264 O O   . LEU B 1 54  ? -6.934  -13.278 -10.363 1.00 33.01 ? 54  LEU C O   1 
ATOM   1265 C CB  . LEU B 1 54  ? -6.059  -15.521 -8.529  1.00 22.20 ? 54  LEU C CB  1 
ATOM   1266 C CG  . LEU B 1 54  ? -7.231  -15.595 -7.564  1.00 22.20 ? 54  LEU C CG  1 
ATOM   1267 C CD1 . LEU B 1 54  ? -7.946  -16.905 -7.757  1.00 22.20 ? 54  LEU C CD1 1 
ATOM   1268 C CD2 . LEU B 1 54  ? -6.734  -15.477 -6.149  1.00 22.20 ? 54  LEU C CD2 1 
ATOM   1269 N N   . SER B 1 55  ? -8.590  -14.773 -10.582 1.00 50.00 ? 55  SER C N   1 
ATOM   1270 C CA  . SER B 1 55  ? -9.570  -13.773 -10.933 1.00 50.00 ? 55  SER C CA  1 
ATOM   1271 C C   . SER B 1 55  ? -10.829 -13.883 -10.069 1.00 50.00 ? 55  SER C C   1 
ATOM   1272 O O   . SER B 1 55  ? -11.399 -14.962 -9.911  1.00 50.00 ? 55  SER C O   1 
ATOM   1273 C CB  . SER B 1 55  ? -9.921  -13.917 -12.415 1.00 47.01 ? 55  SER C CB  1 
ATOM   1274 O OG  . SER B 1 55  ? -10.829 -12.914 -12.824 1.00 47.01 ? 55  SER C OG  1 
ATOM   1275 N N   . MET B 1 56  ? -11.215 -12.775 -9.446  1.00 50.00 ? 56  MET C N   1 
ATOM   1276 C CA  . MET B 1 56  ? -12.421 -12.734 -8.632  1.00 50.00 ? 56  MET C CA  1 
ATOM   1277 C C   . MET B 1 56  ? -13.456 -12.160 -9.585  1.00 50.00 ? 56  MET C C   1 
ATOM   1278 O O   . MET B 1 56  ? -13.386 -10.989 -9.955  1.00 50.00 ? 56  MET C O   1 
ATOM   1279 C CB  . MET B 1 56  ? -12.230 -11.803 -7.433  1.00 49.08 ? 56  MET C CB  1 
ATOM   1280 C CG  . MET B 1 56  ? -13.491 -11.535 -6.631  1.00 49.08 ? 56  MET C CG  1 
ATOM   1281 S SD  . MET B 1 56  ? -13.992 -12.920 -5.619  1.00 49.08 ? 56  MET C SD  1 
ATOM   1282 C CE  . MET B 1 56  ? -15.325 -13.615 -6.614  1.00 49.08 ? 56  MET C CE  1 
ATOM   1283 N N   . GLN B 1 57  ? -14.387 -12.999 -10.019 1.00 50.00 ? 57  GLN C N   1 
ATOM   1284 C CA  . GLN B 1 57  ? -15.408 -12.578 -10.970 1.00 50.00 ? 57  GLN C CA  1 
ATOM   1285 C C   . GLN B 1 57  ? -16.645 -11.931 -10.355 1.00 50.00 ? 57  GLN C C   1 
ATOM   1286 O O   . GLN B 1 57  ? -16.973 -12.174 -9.191  1.00 50.00 ? 57  GLN C O   1 
ATOM   1287 C CB  . GLN B 1 57  ? -15.832 -13.765 -11.824 1.00 50.00 ? 57  GLN C CB  1 
ATOM   1288 C CG  . GLN B 1 57  ? -14.684 -14.581 -12.376 1.00 50.00 ? 57  GLN C CG  1 
ATOM   1289 C CD  . GLN B 1 57  ? -15.154 -15.651 -13.325 1.00 50.00 ? 57  GLN C CD  1 
ATOM   1290 O OE1 . GLN B 1 57  ? -14.517 -15.910 -14.336 1.00 50.00 ? 57  GLN C OE1 1 
ATOM   1291 N NE2 . GLN B 1 57  ? -16.289 -16.261 -13.023 1.00 50.00 ? 57  GLN C NE2 1 
ATOM   1292 N N   . THR B 1 58  ? -17.356 -11.152 -11.174 1.00 40.33 ? 58  THR C N   1 
ATOM   1293 C CA  . THR B 1 58  ? -18.568 -10.453 -10.752 1.00 40.33 ? 58  THR C CA  1 
ATOM   1294 C C   . THR B 1 58  ? -19.725 -11.391 -10.515 1.00 40.33 ? 58  THR C C   1 
ATOM   1295 O O   . THR B 1 58  ? -20.683 -11.036 -9.840  1.00 40.33 ? 58  THR C O   1 
ATOM   1296 C CB  . THR B 1 58  ? -19.013 -9.426  -11.786 1.00 50.00 ? 58  THR C CB  1 
ATOM   1297 O OG1 . THR B 1 58  ? -18.732 -9.922  -13.099 1.00 50.00 ? 58  THR C OG1 1 
ATOM   1298 C CG2 . THR B 1 58  ? -18.298 -8.110  -11.569 1.00 50.00 ? 58  THR C CG2 1 
ATOM   1299 N N   . ASP B 1 59  ? -19.662 -12.572 -11.110 1.00 50.00 ? 59  ASP C N   1 
ATOM   1300 C CA  . ASP B 1 59  ? -20.719 -13.546 -10.918 1.00 50.00 ? 59  ASP C CA  1 
ATOM   1301 C C   . ASP B 1 59  ? -20.519 -14.252 -9.576  1.00 50.00 ? 59  ASP C C   1 
ATOM   1302 O O   . ASP B 1 59  ? -21.363 -15.036 -9.144  1.00 50.00 ? 59  ASP C O   1 
ATOM   1303 C CB  . ASP B 1 59  ? -20.753 -14.548 -12.077 1.00 50.00 ? 59  ASP C CB  1 
ATOM   1304 C CG  . ASP B 1 59  ? -19.532 -15.453 -12.122 1.00 50.00 ? 59  ASP C CG  1 
ATOM   1305 O OD1 . ASP B 1 59  ? -18.507 -15.157 -11.473 1.00 50.00 ? 59  ASP C OD1 1 
ATOM   1306 O OD2 . ASP B 1 59  ? -19.601 -16.480 -12.819 1.00 50.00 ? 59  ASP C OD2 1 
ATOM   1307 N N   . GLY B 1 60  ? -19.391 -13.982 -8.928  1.00 37.87 ? 60  GLY C N   1 
ATOM   1308 C CA  . GLY B 1 60  ? -19.116 -14.584 -7.636  1.00 37.87 ? 60  GLY C CA  1 
ATOM   1309 C C   . GLY B 1 60  ? -18.153 -15.765 -7.645  1.00 37.87 ? 60  GLY C C   1 
ATOM   1310 O O   . GLY B 1 60  ? -17.748 -16.264 -6.587  1.00 37.87 ? 60  GLY C O   1 
ATOM   1311 N N   . ASN B 1 61  ? -17.769 -16.207 -8.836  1.00 50.00 ? 61  ASN C N   1 
ATOM   1312 C CA  . ASN B 1 61  ? -16.861 -17.334 -8.967  1.00 50.00 ? 61  ASN C CA  1 
ATOM   1313 C C   . ASN B 1 61  ? -15.402 -16.899 -8.828  1.00 50.00 ? 61  ASN C C   1 
ATOM   1314 O O   . ASN B 1 61  ? -14.963 -15.940 -9.465  1.00 50.00 ? 61  ASN C O   1 
ATOM   1315 C CB  . ASN B 1 61  ? -17.077 -18.006 -10.323 1.00 50.00 ? 61  ASN C CB  1 
ATOM   1316 C CG  . ASN B 1 61  ? -16.657 -19.457 -10.330 1.00 50.00 ? 61  ASN C CG  1 
ATOM   1317 O OD1 . ASN B 1 61  ? -16.004 -19.936 -9.403  1.00 50.00 ? 61  ASN C OD1 1 
ATOM   1318 N ND2 . ASN B 1 61  ? -17.051 -20.176 -11.368 1.00 50.00 ? 61  ASN C ND2 1 
ATOM   1319 N N   . LEU B 1 62  ? -14.661 -17.581 -7.966  1.00 50.00 ? 62  LEU C N   1 
ATOM   1320 C CA  . LEU B 1 62  ? -13.250 -17.278 -7.784  1.00 50.00 ? 62  LEU C CA  1 
ATOM   1321 C C   . LEU B 1 62  ? -12.505 -18.286 -8.661  1.00 50.00 ? 62  LEU C C   1 
ATOM   1322 O O   . LEU B 1 62  ? -12.357 -19.451 -8.285  1.00 50.00 ? 62  LEU C O   1 
ATOM   1323 C CB  . LEU B 1 62  ? -12.847 -17.448 -6.317  1.00 33.91 ? 62  LEU C CB  1 
ATOM   1324 C CG  . LEU B 1 62  ? -11.393 -17.091 -6.008  1.00 33.91 ? 62  LEU C CG  1 
ATOM   1325 C CD1 . LEU B 1 62  ? -11.153 -15.623 -6.334  1.00 33.91 ? 62  LEU C CD1 1 
ATOM   1326 C CD2 . LEU B 1 62  ? -11.066 -17.400 -4.551  1.00 33.91 ? 62  LEU C CD2 1 
ATOM   1327 N N   . VAL B 1 63  ? -12.038 -17.840 -9.823  1.00 50.00 ? 63  VAL C N   1 
ATOM   1328 C CA  . VAL B 1 63  ? -11.366 -18.723 -10.766 1.00 50.00 ? 63  VAL C CA  1 
ATOM   1329 C C   . VAL B 1 63  ? -9.881  -18.482 -11.009 1.00 50.00 ? 63  VAL C C   1 
ATOM   1330 O O   . VAL B 1 63  ? -9.426  -17.338 -11.075 1.00 50.00 ? 63  VAL C O   1 
ATOM   1331 C CB  . VAL B 1 63  ? -12.064 -18.665 -12.139 1.00 34.99 ? 63  VAL C CB  1 
ATOM   1332 C CG1 . VAL B 1 63  ? -11.392 -19.611 -13.111 1.00 34.99 ? 63  VAL C CG1 1 
ATOM   1333 C CG2 . VAL B 1 63  ? -13.530 -19.007 -11.998 1.00 34.99 ? 63  VAL C CG2 1 
ATOM   1334 N N   . VAL B 1 64  ? -9.143  -19.580 -11.168 1.00 50.00 ? 64  VAL C N   1 
ATOM   1335 C CA  . VAL B 1 64  ? -7.715  -19.547 -11.478 1.00 50.00 ? 64  VAL C CA  1 
ATOM   1336 C C   . VAL B 1 64  ? -7.637  -19.933 -12.956 1.00 50.00 ? 64  VAL C C   1 
ATOM   1337 O O   . VAL B 1 64  ? -7.991  -21.052 -13.322 1.00 50.00 ? 64  VAL C O   1 
ATOM   1338 C CB  . VAL B 1 64  ? -6.911  -20.559 -10.604 1.00 50.00 ? 64  VAL C CB  1 
ATOM   1339 C CG1 . VAL B 1 64  ? -5.657  -21.034 -11.329 1.00 50.00 ? 64  VAL C CG1 1 
ATOM   1340 C CG2 . VAL B 1 64  ? -6.507  -19.911 -9.296  1.00 50.00 ? 64  VAL C CG2 1 
ATOM   1341 N N   . TYR B 1 65  ? -7.257  -18.987 -13.807 1.00 50.00 ? 65  TYR C N   1 
ATOM   1342 C CA  . TYR B 1 65  ? -7.161  -19.234 -15.244 1.00 50.00 ? 65  TYR C CA  1 
ATOM   1343 C C   . TYR B 1 65  ? -5.724  -19.369 -15.698 1.00 50.00 ? 65  TYR C C   1 
ATOM   1344 O O   . TYR B 1 65  ? -4.822  -18.797 -15.090 1.00 50.00 ? 65  TYR C O   1 
ATOM   1345 C CB  . TYR B 1 65  ? -7.741  -18.062 -16.024 1.00 50.00 ? 65  TYR C CB  1 
ATOM   1346 C CG  . TYR B 1 65  ? -9.227  -17.910 -15.944 1.00 50.00 ? 65  TYR C CG  1 
ATOM   1347 C CD1 . TYR B 1 65  ? -10.060 -18.701 -16.721 1.00 50.00 ? 65  TYR C CD1 1 
ATOM   1348 C CD2 . TYR B 1 65  ? -9.806  -16.939 -15.135 1.00 50.00 ? 65  TYR C CD2 1 
ATOM   1349 C CE1 . TYR B 1 65  ? -11.436 -18.529 -16.701 1.00 50.00 ? 65  TYR C CE1 1 
ATOM   1350 C CE2 . TYR B 1 65  ? -11.184 -16.756 -15.107 1.00 50.00 ? 65  TYR C CE2 1 
ATOM   1351 C CZ  . TYR B 1 65  ? -11.991 -17.555 -15.896 1.00 50.00 ? 65  TYR C CZ  1 
ATOM   1352 O OH  . TYR B 1 65  ? -13.352 -17.387 -15.906 1.00 50.00 ? 65  TYR C OH  1 
ATOM   1353 N N   . ASN B 1 66  ? -5.512  -20.099 -16.785 1.00 50.00 ? 66  ASN C N   1 
ATOM   1354 C CA  . ASN B 1 66  ? -4.168  -20.219 -17.335 1.00 50.00 ? 66  ASN C CA  1 
ATOM   1355 C C   . ASN B 1 66  ? -4.078  -19.147 -18.430 1.00 50.00 ? 66  ASN C C   1 
ATOM   1356 O O   . ASN B 1 66  ? -5.092  -18.541 -18.784 1.00 50.00 ? 66  ASN C O   1 
ATOM   1357 C CB  . ASN B 1 66  ? -3.903  -21.637 -17.866 1.00 50.00 ? 66  ASN C CB  1 
ATOM   1358 C CG  . ASN B 1 66  ? -4.641  -21.943 -19.151 1.00 50.00 ? 66  ASN C CG  1 
ATOM   1359 O OD1 . ASN B 1 66  ? -5.285  -21.086 -19.745 1.00 50.00 ? 66  ASN C OD1 1 
ATOM   1360 N ND2 . ASN B 1 66  ? -4.513  -23.177 -19.608 1.00 50.00 ? 66  ASN C ND2 1 
ATOM   1361 N N   . PRO B 1 67  ? -2.875  -18.884 -18.977 1.00 50.00 ? 67  PRO C N   1 
ATOM   1362 C CA  . PRO B 1 67  ? -2.748  -17.862 -20.024 1.00 50.00 ? 67  PRO C CA  1 
ATOM   1363 C C   . PRO B 1 67  ? -3.649  -18.118 -21.217 1.00 50.00 ? 67  PRO C C   1 
ATOM   1364 O O   . PRO B 1 67  ? -4.060  -17.182 -21.901 1.00 50.00 ? 67  PRO C O   1 
ATOM   1365 C CB  . PRO B 1 67  ? -1.268  -17.930 -20.401 1.00 50.00 ? 67  PRO C CB  1 
ATOM   1366 C CG  . PRO B 1 67  ? -0.862  -19.313 -20.006 1.00 50.00 ? 67  PRO C CG  1 
ATOM   1367 C CD  . PRO B 1 67  ? -1.570  -19.500 -18.698 1.00 50.00 ? 67  PRO C CD  1 
ATOM   1368 N N   . SER B 1 68  ? -3.984  -19.386 -21.431 1.00 50.00 ? 68  SER C N   1 
ATOM   1369 C CA  . SER B 1 68  ? -4.853  -19.784 -22.533 1.00 50.00 ? 68  SER C CA  1 
ATOM   1370 C C   . SER B 1 68  ? -6.325  -19.591 -22.146 1.00 50.00 ? 68  SER C C   1 
ATOM   1371 O O   . SER B 1 68  ? -7.231  -19.936 -22.905 1.00 50.00 ? 68  SER C O   1 
ATOM   1372 C CB  . SER B 1 68  ? -4.593  -21.250 -22.891 1.00 50.00 ? 68  SER C CB  1 
ATOM   1373 O OG  . SER B 1 68  ? -3.200  -21.508 -22.998 1.00 50.00 ? 68  SER C OG  1 
ATOM   1374 N N   . ASN B 1 69  ? -6.540  -19.049 -20.951 1.00 50.00 ? 69  ASN C N   1 
ATOM   1375 C CA  . ASN B 1 69  ? -7.868  -18.782 -20.405 1.00 50.00 ? 69  ASN C CA  1 
ATOM   1376 C C   . ASN B 1 69  ? -8.715  -19.992 -20.045 1.00 50.00 ? 69  ASN C C   1 
ATOM   1377 O O   . ASN B 1 69  ? -9.924  -19.876 -19.824 1.00 50.00 ? 69  ASN C O   1 
ATOM   1378 C CB  . ASN B 1 69  ? -8.648  -17.808 -21.287 1.00 50.00 ? 69  ASN C CB  1 
ATOM   1379 C CG  . ASN B 1 69  ? -8.516  -16.383 -20.811 1.00 50.00 ? 69  ASN C CG  1 
ATOM   1380 O OD1 . ASN B 1 69  ? -9.505  -15.743 -20.459 1.00 50.00 ? 69  ASN C OD1 1 
ATOM   1381 N ND2 . ASN B 1 69  ? -7.286  -15.885 -20.758 1.00 50.00 ? 69  ASN C ND2 1 
ATOM   1382 N N   . LYS B 1 70  ? -8.089  -21.159 -19.991 1.00 50.00 ? 70  LYS C N   1 
ATOM   1383 C CA  . LYS B 1 70  ? -8.810  -22.348 -19.598 1.00 50.00 ? 70  LYS C CA  1 
ATOM   1384 C C   . LYS B 1 70  ? -8.752  -22.300 -18.084 1.00 50.00 ? 70  LYS C C   1 
ATOM   1385 O O   . LYS B 1 70  ? -7.700  -21.985 -17.510 1.00 50.00 ? 70  LYS C O   1 
ATOM   1386 C CB  . LYS B 1 70  ? -8.118  -23.622 -20.087 1.00 50.00 ? 70  LYS C CB  1 
ATOM   1387 C CG  . LYS B 1 70  ? -8.904  -24.881 -19.737 1.00 50.00 ? 70  LYS C CG  1 
ATOM   1388 C CD  . LYS B 1 70  ? -8.015  -26.078 -19.440 1.00 50.00 ? 70  LYS C CD  1 
ATOM   1389 C CE  . LYS B 1 70  ? -8.833  -27.186 -18.776 1.00 50.00 ? 70  LYS C CE  1 
ATOM   1390 N NZ  . LYS B 1 70  ? -8.034  -28.394 -18.418 1.00 50.00 ? 70  LYS C NZ  1 
ATOM   1391 N N   . PRO B 1 71  ? -9.897  -22.494 -17.418 1.00 50.00 ? 71  PRO C N   1 
ATOM   1392 C CA  . PRO B 1 71  ? -9.925  -22.469 -15.955 1.00 50.00 ? 71  PRO C CA  1 
ATOM   1393 C C   . PRO B 1 71  ? -9.284  -23.735 -15.386 1.00 50.00 ? 71  PRO C C   1 
ATOM   1394 O O   . PRO B 1 71  ? -9.632  -24.845 -15.778 1.00 50.00 ? 71  PRO C O   1 
ATOM   1395 C CB  . PRO B 1 71  ? -11.420 -22.402 -15.641 1.00 50.00 ? 71  PRO C CB  1 
ATOM   1396 C CG  . PRO B 1 71  ? -12.044 -23.115 -16.792 1.00 50.00 ? 71  PRO C CG  1 
ATOM   1397 C CD  . PRO B 1 71  ? -11.262 -22.585 -17.969 1.00 50.00 ? 71  PRO C CD  1 
ATOM   1398 N N   . ILE B 1 72  ? -8.308  -23.550 -14.512 1.00 50.00 ? 72  ILE C N   1 
ATOM   1399 C CA  . ILE B 1 72  ? -7.607  -24.661 -13.884 1.00 50.00 ? 72  ILE C CA  1 
ATOM   1400 C C   . ILE B 1 72  ? -8.285  -25.031 -12.568 1.00 50.00 ? 72  ILE C C   1 
ATOM   1401 O O   . ILE B 1 72  ? -8.306  -26.196 -12.171 1.00 50.00 ? 72  ILE C O   1 
ATOM   1402 C CB  . ILE B 1 72  ? -6.141  -24.278 -13.589 1.00 50.00 ? 72  ILE C CB  1 
ATOM   1403 C CG1 . ILE B 1 72  ? -5.435  -23.869 -14.882 1.00 50.00 ? 72  ILE C CG1 1 
ATOM   1404 C CG2 . ILE B 1 72  ? -5.411  -25.418 -12.910 1.00 50.00 ? 72  ILE C CG2 1 
ATOM   1405 C CD1 . ILE B 1 72  ? -5.544  -24.893 -15.993 1.00 50.00 ? 72  ILE C CD1 1 
ATOM   1406 N N   . TRP B 1 73  ? -8.827  -24.026 -11.891 1.00 50.00 ? 73  TRP C N   1 
ATOM   1407 C CA  . TRP B 1 73  ? -9.485  -24.220 -10.606 1.00 50.00 ? 73  TRP C CA  1 
ATOM   1408 C C   . TRP B 1 73  ? -10.500 -23.104 -10.447 1.00 50.00 ? 73  TRP C C   1 
ATOM   1409 O O   . TRP B 1 73  ? -10.372 -22.055 -11.081 1.00 50.00 ? 73  TRP C O   1 
ATOM   1410 C CB  . TRP B 1 73  ? -8.450  -24.136 -9.477  1.00 50.00 ? 73  TRP C CB  1 
ATOM   1411 C CG  . TRP B 1 73  ? -9.028  -24.255 -8.106  1.00 50.00 ? 73  TRP C CG  1 
ATOM   1412 C CD1 . TRP B 1 73  ? -9.215  -25.403 -7.397  1.00 50.00 ? 73  TRP C CD1 1 
ATOM   1413 C CD2 . TRP B 1 73  ? -9.502  -23.190 -7.277  1.00 50.00 ? 73  TRP C CD2 1 
ATOM   1414 N NE1 . TRP B 1 73  ? -9.779  -25.121 -6.177  1.00 50.00 ? 73  TRP C NE1 1 
ATOM   1415 C CE2 . TRP B 1 73  ? -9.967  -23.770 -6.077  1.00 50.00 ? 73  TRP C CE2 1 
ATOM   1416 C CE3 . TRP B 1 73  ? -9.580  -21.804 -7.432  1.00 50.00 ? 73  TRP C CE3 1 
ATOM   1417 C CZ2 . TRP B 1 73  ? -10.506 -23.011 -5.035  1.00 50.00 ? 73  TRP C CZ2 1 
ATOM   1418 C CZ3 . TRP B 1 73  ? -10.119 -21.046 -6.394  1.00 50.00 ? 73  TRP C CZ3 1 
ATOM   1419 C CH2 . TRP B 1 73  ? -10.575 -21.657 -5.209  1.00 50.00 ? 73  TRP C CH2 1 
ATOM   1420 N N   . ALA B 1 74  ? -11.493 -23.326 -9.594  1.00 50.00 ? 74  ALA C N   1 
ATOM   1421 C CA  . ALA B 1 74  ? -12.529 -22.332 -9.344  1.00 50.00 ? 74  ALA C CA  1 
ATOM   1422 C C   . ALA B 1 74  ? -13.294 -22.729 -8.090  1.00 50.00 ? 74  ALA C C   1 
ATOM   1423 O O   . ALA B 1 74  ? -13.363 -23.915 -7.757  1.00 50.00 ? 74  ALA C O   1 
ATOM   1424 C CB  . ALA B 1 74  ? -13.479 -22.243 -10.530 1.00 50.00 ? 74  ALA C CB  1 
ATOM   1425 N N   . SER B 1 75  ? -13.830 -21.741 -7.378  1.00 50.00 ? 75  SER C N   1 
ATOM   1426 C CA  . SER B 1 75  ? -14.594 -22.012 -6.162  1.00 50.00 ? 75  SER C CA  1 
ATOM   1427 C C   . SER B 1 75  ? -15.989 -22.517 -6.512  1.00 50.00 ? 75  SER C C   1 
ATOM   1428 O O   . SER B 1 75  ? -16.692 -23.072 -5.663  1.00 50.00 ? 75  SER C O   1 
ATOM   1429 C CB  . SER B 1 75  ? -14.685 -20.754 -5.290  1.00 50.00 ? 75  SER C CB  1 
ATOM   1430 O OG  . SER B 1 75  ? -15.089 -19.631 -6.051  1.00 50.00 ? 75  SER C OG  1 
ATOM   1431 N N   . ASN B 1 76  ? -16.374 -22.311 -7.770  1.00 50.00 ? 76  ASN C N   1 
ATOM   1432 C CA  . ASN B 1 76  ? -17.672 -22.739 -8.285  1.00 50.00 ? 76  ASN C CA  1 
ATOM   1433 C C   . ASN B 1 76  ? -18.825 -21.993 -7.646  1.00 50.00 ? 76  ASN C C   1 
ATOM   1434 O O   . ASN B 1 76  ? -19.973 -22.432 -7.703  1.00 50.00 ? 76  ASN C O   1 
ATOM   1435 C CB  . ASN B 1 76  ? -17.861 -24.247 -8.113  1.00 50.00 ? 76  ASN C CB  1 
ATOM   1436 C CG  . ASN B 1 76  ? -16.979 -25.049 -9.040  1.00 50.00 ? 76  ASN C CG  1 
ATOM   1437 O OD1 . ASN B 1 76  ? -16.590 -24.579 -10.110 1.00 50.00 ? 76  ASN C OD1 1 
ATOM   1438 N ND2 . ASN B 1 76  ? -16.661 -26.270 -8.640  1.00 50.00 ? 76  ASN C ND2 1 
ATOM   1439 N N   . THR B 1 77  ? -18.517 -20.845 -7.057  1.00 50.00 ? 77  THR C N   1 
ATOM   1440 C CA  . THR B 1 77  ? -19.527 -20.020 -6.419  1.00 50.00 ? 77  THR C CA  1 
ATOM   1441 C C   . THR B 1 77  ? -20.086 -19.002 -7.420  1.00 50.00 ? 77  THR C C   1 
ATOM   1442 O O   . THR B 1 77  ? -20.500 -17.905 -7.040  1.00 50.00 ? 77  THR C O   1 
ATOM   1443 C CB  . THR B 1 77  ? -18.935 -19.291 -5.197  1.00 50.00 ? 77  THR C CB  1 
ATOM   1444 O OG1 . THR B 1 77  ? -17.635 -18.790 -5.527  1.00 50.00 ? 77  THR C OG1 1 
ATOM   1445 C CG2 . THR B 1 77  ? -18.819 -20.233 -4.010  1.00 50.00 ? 77  THR C CG2 1 
ATOM   1446 N N   . GLY B 1 78  ? -20.074 -19.362 -8.700  1.00 50.00 ? 78  GLY C N   1 
ATOM   1447 C CA  . GLY B 1 78  ? -20.583 -18.470 -9.726  1.00 50.00 ? 78  GLY C CA  1 
ATOM   1448 C C   . GLY B 1 78  ? -22.097 -18.504 -9.787  1.00 50.00 ? 78  GLY C C   1 
ATOM   1449 O O   . GLY B 1 78  ? -22.707 -19.525 -9.459  1.00 50.00 ? 78  GLY C O   1 
ATOM   1450 N N   . GLY B 1 79  ? -22.712 -17.395 -10.181 1.00 50.00 ? 79  GLY C N   1 
ATOM   1451 C CA  . GLY B 1 79  ? -24.159 -17.370 -10.269 1.00 50.00 ? 79  GLY C CA  1 
ATOM   1452 C C   . GLY B 1 79  ? -24.790 -15.992 -10.276 1.00 50.00 ? 79  GLY C C   1 
ATOM   1453 O O   . GLY B 1 79  ? -25.238 -15.521 -11.322 1.00 50.00 ? 79  GLY C O   1 
ATOM   1454 N N   . GLN B 1 80  ? -24.856 -15.355 -9.108  1.00 50.00 ? 80  GLN C N   1 
ATOM   1455 C CA  . GLN B 1 80  ? -25.463 -14.030 -8.997  1.00 50.00 ? 80  GLN C CA  1 
ATOM   1456 C C   . GLN B 1 80  ? -24.506 -12.918 -9.413  1.00 50.00 ? 80  GLN C C   1 
ATOM   1457 O O   . GLN B 1 80  ? -23.460 -12.720 -8.804  1.00 50.00 ? 80  GLN C O   1 
ATOM   1458 C CB  . GLN B 1 80  ? -25.986 -13.779 -7.575  1.00 50.00 ? 80  GLN C CB  1 
ATOM   1459 C CG  . GLN B 1 80  ? -26.756 -12.461 -7.431  1.00 50.00 ? 80  GLN C CG  1 
ATOM   1460 C CD  . GLN B 1 80  ? -27.314 -12.220 -6.032  1.00 50.00 ? 80  GLN C CD  1 
ATOM   1461 O OE1 . GLN B 1 80  ? -28.479 -11.856 -5.876  1.00 50.00 ? 80  GLN C OE1 1 
ATOM   1462 N NE2 . GLN B 1 80  ? -26.476 -12.389 -5.015  1.00 50.00 ? 80  GLN C NE2 1 
ATOM   1463 N N   . ASN B 1 81  ? -24.853 -12.215 -10.480 1.00 50.00 ? 81  ASN C N   1 
ATOM   1464 C CA  . ASN B 1 81  ? -24.016 -11.128 -10.945 1.00 50.00 ? 81  ASN C CA  1 
ATOM   1465 C C   . ASN B 1 81  ? -24.110 -10.004 -9.924  1.00 50.00 ? 81  ASN C C   1 
ATOM   1466 O O   . ASN B 1 81  ? -25.211 -9.662  -9.480  1.00 50.00 ? 81  ASN C O   1 
ATOM   1467 C CB  . ASN B 1 81  ? -24.490 -10.632 -12.306 1.00 50.00 ? 81  ASN C CB  1 
ATOM   1468 C CG  . ASN B 1 81  ? -23.623 -9.519  -12.847 1.00 50.00 ? 81  ASN C CG  1 
ATOM   1469 O OD1 . ASN B 1 81  ? -22.631 -9.769  -13.525 1.00 50.00 ? 81  ASN C OD1 1 
ATOM   1470 N ND2 . ASN B 1 81  ? -23.983 -8.281  -12.536 1.00 50.00 ? 81  ASN C ND2 1 
ATOM   1471 N N   . GLY B 1 82  ? -22.965 -9.449  -9.533  1.00 50.00 ? 82  GLY C N   1 
ATOM   1472 C CA  . GLY B 1 82  ? -22.966 -8.365  -8.567  1.00 50.00 ? 82  GLY C CA  1 
ATOM   1473 C C   . GLY B 1 82  ? -21.579 -8.011  -8.073  1.00 50.00 ? 82  GLY C C   1 
ATOM   1474 O O   . GLY B 1 82  ? -20.589 -8.279  -8.752  1.00 50.00 ? 82  GLY C O   1 
ATOM   1475 N N   . ASN B 1 83  ? -21.512 -7.370  -6.911  1.00 32.39 ? 83  ASN C N   1 
ATOM   1476 C CA  . ASN B 1 83  ? -20.242 -6.983  -6.316  1.00 32.39 ? 83  ASN C CA  1 
ATOM   1477 C C   . ASN B 1 83  ? -19.834 -8.010  -5.276  1.00 32.39 ? 83  ASN C C   1 
ATOM   1478 O O   . ASN B 1 83  ? -20.653 -8.407  -4.447  1.00 32.39 ? 83  ASN C O   1 
ATOM   1479 C CB  . ASN B 1 83  ? -20.363 -5.618  -5.648  1.00 50.00 ? 83  ASN C CB  1 
ATOM   1480 C CG  . ASN B 1 83  ? -20.500 -4.497  -6.643  1.00 50.00 ? 83  ASN C CG  1 
ATOM   1481 O OD1 . ASN B 1 83  ? -20.297 -4.682  -7.844  1.00 50.00 ? 83  ASN C OD1 1 
ATOM   1482 N ND2 . ASN B 1 83  ? -20.831 -3.314  -6.150  1.00 50.00 ? 83  ASN C ND2 1 
ATOM   1483 N N   . TYR B 1 84  ? -18.568 -8.422  -5.308  1.00 48.03 ? 84  TYR C N   1 
ATOM   1484 C CA  . TYR B 1 84  ? -18.034 -9.410  -4.373  1.00 48.03 ? 84  TYR C CA  1 
ATOM   1485 C C   . TYR B 1 84  ? -16.638 -9.019  -3.920  1.00 48.03 ? 84  TYR C C   1 
ATOM   1486 O O   . TYR B 1 84  ? -15.974 -8.205  -4.565  1.00 48.03 ? 84  TYR C O   1 
ATOM   1487 C CB  . TYR B 1 84  ? -17.943 -10.780 -5.040  1.00 38.55 ? 84  TYR C CB  1 
ATOM   1488 C CG  . TYR B 1 84  ? -19.264 -11.388 -5.390  1.00 38.55 ? 84  TYR C CG  1 
ATOM   1489 C CD1 . TYR B 1 84  ? -20.006 -12.053 -4.431  1.00 38.55 ? 84  TYR C CD1 1 
ATOM   1490 C CD2 . TYR B 1 84  ? -19.774 -11.302 -6.680  1.00 38.55 ? 84  TYR C CD2 1 
ATOM   1491 C CE1 . TYR B 1 84  ? -21.225 -12.618 -4.738  1.00 38.55 ? 84  TYR C CE1 1 
ATOM   1492 C CE2 . TYR B 1 84  ? -20.993 -11.864 -7.001  1.00 38.55 ? 84  TYR C CE2 1 
ATOM   1493 C CZ  . TYR B 1 84  ? -21.711 -12.520 -6.020  1.00 38.55 ? 84  TYR C CZ  1 
ATOM   1494 O OH  . TYR B 1 84  ? -22.927 -13.088 -6.296  1.00 38.55 ? 84  TYR C OH  1 
ATOM   1495 N N   . VAL B 1 85  ? -16.185 -9.628  -2.831  1.00 13.38 ? 85  VAL C N   1 
ATOM   1496 C CA  . VAL B 1 85  ? -14.859 -9.369  -2.296  1.00 13.38 ? 85  VAL C CA  1 
ATOM   1497 C C   . VAL B 1 85  ? -14.239 -10.646 -1.765  1.00 13.38 ? 85  VAL C C   1 
ATOM   1498 O O   . VAL B 1 85  ? -14.924 -11.476 -1.175  1.00 13.38 ? 85  VAL C O   1 
ATOM   1499 C CB  . VAL B 1 85  ? -14.879 -8.380  -1.107  1.00 10.00 ? 85  VAL C CB  1 
ATOM   1500 C CG1 . VAL B 1 85  ? -15.376 -7.002  -1.544  1.00 10.00 ? 85  VAL C CG1 1 
ATOM   1501 C CG2 . VAL B 1 85  ? -15.705 -8.945  0.054   1.00 10.00 ? 85  VAL C CG2 1 
ATOM   1502 N N   . CYS B 1 86  ? -12.952 -10.823 -2.022  1.00 24.30 ? 86  CYS C N   1 
ATOM   1503 C CA  . CYS B 1 86  ? -12.226 -11.971 -1.515  1.00 24.30 ? 86  CYS C CA  1 
ATOM   1504 C C   . CYS B 1 86  ? -11.311 -11.342 -0.473  1.00 24.30 ? 86  CYS C C   1 
ATOM   1505 O O   . CYS B 1 86  ? -10.490 -10.472 -0.791  1.00 24.30 ? 86  CYS C O   1 
ATOM   1506 C CB  . CYS B 1 86  ? -11.424 -12.635 -2.626  1.00 39.95 ? 86  CYS C CB  1 
ATOM   1507 S SG  . CYS B 1 86  ? -10.624 -14.146 -2.087  1.00 39.95 ? 86  CYS C SG  1 
ATOM   1508 N N   . ILE B 1 87  ? -11.477 -11.746 0.775   1.00 26.21 ? 87  ILE C N   1 
ATOM   1509 C CA  . ILE B 1 87  ? -10.707 -11.157 1.851   1.00 26.21 ? 87  ILE C CA  1 
ATOM   1510 C C   . ILE B 1 87  ? -9.814  -12.142 2.570   1.00 26.21 ? 87  ILE C C   1 
ATOM   1511 O O   . ILE B 1 87  ? -10.278 -13.199 3.000   1.00 26.21 ? 87  ILE C O   1 
ATOM   1512 C CB  . ILE B 1 87  ? -11.667 -10.556 2.909   1.00 12.89 ? 87  ILE C CB  1 
ATOM   1513 C CG1 . ILE B 1 87  ? -12.608 -9.537  2.262   1.00 12.89 ? 87  ILE C CG1 1 
ATOM   1514 C CG2 . ILE B 1 87  ? -10.886 -9.968  4.087   1.00 12.89 ? 87  ILE C CG2 1 
ATOM   1515 C CD1 . ILE B 1 87  ? -13.725 -9.073  3.181   1.00 12.89 ? 87  ILE C CD1 1 
ATOM   1516 N N   . LEU B 1 88  ? -8.548  -11.789 2.743   1.00 15.01 ? 88  LEU C N   1 
ATOM   1517 C CA  . LEU B 1 88  ? -7.627  -12.649 3.493   1.00 15.01 ? 88  LEU C CA  1 
ATOM   1518 C C   . LEU B 1 88  ? -7.756  -12.178 4.944   1.00 15.01 ? 88  LEU C C   1 
ATOM   1519 O O   . LEU B 1 88  ? -7.001  -11.335 5.414   1.00 15.01 ? 88  LEU C O   1 
ATOM   1520 C CB  . LEU B 1 88  ? -6.193  -12.481 2.980   1.00 24.27 ? 88  LEU C CB  1 
ATOM   1521 C CG  . LEU B 1 88  ? -5.053  -13.059 3.816   1.00 24.27 ? 88  LEU C CG  1 
ATOM   1522 C CD1 . LEU B 1 88  ? -5.287  -14.506 4.169   1.00 24.27 ? 88  LEU C CD1 1 
ATOM   1523 C CD2 . LEU B 1 88  ? -3.771  -12.885 3.036   1.00 24.27 ? 88  LEU C CD2 1 
ATOM   1524 N N   . GLN B 1 89  ? -8.764  -12.686 5.634   1.00 20.11 ? 89  GLN C N   1 
ATOM   1525 C CA  . GLN B 1 89  ? -9.033  -12.257 6.996   1.00 20.11 ? 89  GLN C CA  1 
ATOM   1526 C C   . GLN B 1 89  ? -7.900  -12.313 8.022   1.00 20.11 ? 89  GLN C C   1 
ATOM   1527 O O   . GLN B 1 89  ? -6.905  -13.003 7.847   1.00 20.11 ? 89  GLN C O   1 
ATOM   1528 C CB  . GLN B 1 89  ? -10.274 -12.964 7.521   1.00 25.80 ? 89  GLN C CB  1 
ATOM   1529 C CG  . GLN B 1 89  ? -11.465 -12.784 6.624   1.00 25.80 ? 89  GLN C CG  1 
ATOM   1530 C CD  . GLN B 1 89  ? -12.693 -13.446 7.183   1.00 25.80 ? 89  GLN C CD  1 
ATOM   1531 O OE1 . GLN B 1 89  ? -12.689 -13.921 8.321   1.00 25.80 ? 89  GLN C OE1 1 
ATOM   1532 N NE2 . GLN B 1 89  ? -13.762 -13.470 6.400   1.00 25.80 ? 89  GLN C NE2 1 
ATOM   1533 N N   . LYS B 1 90  ? -8.087  -11.581 9.113   1.00 27.55 ? 90  LYS C N   1 
ATOM   1534 C CA  . LYS B 1 90  ? -7.102  -11.520 10.168  1.00 27.55 ? 90  LYS C CA  1 
ATOM   1535 C C   . LYS B 1 90  ? -6.962  -12.820 10.939  1.00 27.55 ? 90  LYS C C   1 
ATOM   1536 O O   . LYS B 1 90  ? -6.009  -12.991 11.699  1.00 27.55 ? 90  LYS C O   1 
ATOM   1537 C CB  . LYS B 1 90  ? -7.407  -10.361 11.118  1.00 49.44 ? 90  LYS C CB  1 
ATOM   1538 C CG  . LYS B 1 90  ? -8.782  -10.383 11.759  1.00 49.44 ? 90  LYS C CG  1 
ATOM   1539 C CD  . LYS B 1 90  ? -9.011  -9.086  12.509  1.00 49.44 ? 90  LYS C CD  1 
ATOM   1540 C CE  . LYS B 1 90  ? -10.416 -8.980  13.084  1.00 49.44 ? 90  LYS C CE  1 
ATOM   1541 N NZ  . LYS B 1 90  ? -10.841 -7.551  13.333  1.00 49.44 ? 90  LYS C NZ  1 
ATOM   1542 N N   . ASP B 1 91  ? -7.900  -13.738 10.751  1.00 49.58 ? 91  ASP C N   1 
ATOM   1543 C CA  . ASP B 1 91  ? -7.835  -15.020 11.447  1.00 49.58 ? 91  ASP C CA  1 
ATOM   1544 C C   . ASP B 1 91  ? -7.280  -16.113 10.537  1.00 49.58 ? 91  ASP C C   1 
ATOM   1545 O O   . ASP B 1 91  ? -7.459  -17.301 10.789  1.00 49.58 ? 91  ASP C O   1 
ATOM   1546 C CB  . ASP B 1 91  ? -9.215  -15.412 11.972  1.00 50.00 ? 91  ASP C CB  1 
ATOM   1547 C CG  . ASP B 1 91  ? -10.243 -15.577 10.867  1.00 50.00 ? 91  ASP C CG  1 
ATOM   1548 O OD1 . ASP B 1 91  ? -9.907  -15.385 9.678   1.00 50.00 ? 91  ASP C OD1 1 
ATOM   1549 O OD2 . ASP B 1 91  ? -11.398 -15.920 11.195  1.00 50.00 ? 91  ASP C OD2 1 
ATOM   1550 N N   . ARG B 1 92  ? -6.636  -15.688 9.458   1.00 50.00 ? 92  ARG C N   1 
ATOM   1551 C CA  . ARG B 1 92  ? -6.038  -16.597 8.498   1.00 50.00 ? 92  ARG C CA  1 
ATOM   1552 C C   . ARG B 1 92  ? -7.074  -17.444 7.766   1.00 50.00 ? 92  ARG C C   1 
ATOM   1553 O O   . ARG B 1 92  ? -6.932  -18.663 7.667   1.00 50.00 ? 92  ARG C O   1 
ATOM   1554 C CB  . ARG B 1 92  ? -5.007  -17.496 9.180   1.00 50.00 ? 92  ARG C CB  1 
ATOM   1555 C CG  . ARG B 1 92  ? -3.995  -18.074 8.222   1.00 50.00 ? 92  ARG C CG  1 
ATOM   1556 C CD  . ARG B 1 92  ? -3.138  -19.091 8.903   1.00 50.00 ? 92  ARG C CD  1 
ATOM   1557 N NE  . ARG B 1 92  ? -3.923  -20.249 9.303   1.00 50.00 ? 92  ARG C NE  1 
ATOM   1558 C CZ  . ARG B 1 92  ? -3.408  -21.327 9.878   1.00 50.00 ? 92  ARG C CZ  1 
ATOM   1559 N NH1 . ARG B 1 92  ? -2.102  -21.384 10.119  1.00 50.00 ? 92  ARG C NH1 1 
ATOM   1560 N NH2 . ARG B 1 92  ? -4.200  -22.337 10.224  1.00 50.00 ? 92  ARG C NH2 1 
ATOM   1561 N N   . ASN B 1 93  ? -8.123  -16.800 7.268   1.00 36.69 ? 93  ASN C N   1 
ATOM   1562 C CA  . ASN B 1 93  ? -9.157  -17.499 6.525   1.00 36.69 ? 93  ASN C CA  1 
ATOM   1563 C C   . ASN B 1 93  ? -9.484  -16.667 5.299   1.00 36.69 ? 93  ASN C C   1 
ATOM   1564 O O   . ASN B 1 93  ? -9.779  -15.482 5.421   1.00 36.69 ? 93  ASN C O   1 
ATOM   1565 C CB  . ASN B 1 93  ? -10.413 -17.675 7.381   1.00 50.00 ? 93  ASN C CB  1 
ATOM   1566 C CG  . ASN B 1 93  ? -11.439 -18.599 6.741   1.00 50.00 ? 93  ASN C CG  1 
ATOM   1567 O OD1 . ASN B 1 93  ? -11.183 -19.223 5.708   1.00 50.00 ? 93  ASN C OD1 1 
ATOM   1568 N ND2 . ASN B 1 93  ? -12.604 -18.701 7.364   1.00 50.00 ? 93  ASN C ND2 1 
ATOM   1569 N N   . VAL B 1 94  ? -9.337  -17.246 4.114   1.00 27.92 ? 94  VAL C N   1 
ATOM   1570 C CA  . VAL B 1 94  ? -9.664  -16.519 2.894   1.00 27.92 ? 94  VAL C CA  1 
ATOM   1571 C C   . VAL B 1 94  ? -11.161 -16.770 2.684   1.00 27.92 ? 94  VAL C C   1 
ATOM   1572 O O   . VAL B 1 94  ? -11.588 -17.923 2.604   1.00 27.92 ? 94  VAL C O   1 
ATOM   1573 C CB  . VAL B 1 94  ? -8.840  -17.036 1.679   1.00 25.25 ? 94  VAL C CB  1 
ATOM   1574 C CG1 . VAL B 1 94  ? -9.038  -16.133 0.464   1.00 25.25 ? 94  VAL C CG1 1 
ATOM   1575 C CG2 . VAL B 1 94  ? -7.384  -17.099 2.042   1.00 25.25 ? 94  VAL C CG2 1 
ATOM   1576 N N   . VAL B 1 95  ? -11.952 -15.700 2.646   1.00 35.47 ? 95  VAL C N   1 
ATOM   1577 C CA  . VAL B 1 95  ? -13.400 -15.818 2.486   1.00 35.47 ? 95  VAL C CA  1 
ATOM   1578 C C   . VAL B 1 95  ? -13.978 -14.922 1.378   1.00 35.47 ? 95  VAL C C   1 
ATOM   1579 O O   . VAL B 1 95  ? -13.426 -13.857 1.075   1.00 35.47 ? 95  VAL C O   1 
ATOM   1580 C CB  . VAL B 1 95  ? -14.101 -15.491 3.820   1.00 14.42 ? 95  VAL C CB  1 
ATOM   1581 C CG1 . VAL B 1 95  ? -15.608 -15.581 3.684   1.00 14.42 ? 95  VAL C CG1 1 
ATOM   1582 C CG2 . VAL B 1 95  ? -13.623 -16.420 4.895   1.00 14.42 ? 95  VAL C CG2 1 
ATOM   1583 N N   . ILE B 1 96  ? -15.067 -15.373 0.757   1.00 30.02 ? 96  ILE C N   1 
ATOM   1584 C CA  . ILE B 1 96  ? -15.739 -14.606 -0.286  1.00 30.02 ? 96  ILE C CA  1 
ATOM   1585 C C   . ILE B 1 96  ? -17.043 -14.069 0.297   1.00 30.02 ? 96  ILE C C   1 
ATOM   1586 O O   . ILE B 1 96  ? -17.749 -14.800 0.990   1.00 30.02 ? 96  ILE C O   1 
ATOM   1587 C CB  . ILE B 1 96  ? -16.097 -15.474 -1.504  1.00 28.17 ? 96  ILE C CB  1 
ATOM   1588 C CG1 . ILE B 1 96  ? -14.834 -16.083 -2.101  1.00 28.17 ? 96  ILE C CG1 1 
ATOM   1589 C CG2 . ILE B 1 96  ? -16.825 -14.640 -2.552  1.00 28.17 ? 96  ILE C CG2 1 
ATOM   1590 C CD1 . ILE B 1 96  ? -15.079 -16.810 -3.399  1.00 28.17 ? 96  ILE C CD1 1 
ATOM   1591 N N   . TYR B 1 97  ? -17.357 -12.803 0.022   1.00 22.41 ? 97  TYR C N   1 
ATOM   1592 C CA  . TYR B 1 97  ? -18.575 -12.179 0.515   1.00 22.41 ? 97  TYR C CA  1 
ATOM   1593 C C   . TYR B 1 97  ? -19.307 -11.512 -0.635  1.00 22.41 ? 97  TYR C C   1 
ATOM   1594 O O   . TYR B 1 97  ? -18.683 -11.049 -1.606  1.00 22.41 ? 97  TYR C O   1 
ATOM   1595 C CB  . TYR B 1 97  ? -18.246 -11.135 1.564   1.00 17.93 ? 97  TYR C CB  1 
ATOM   1596 C CG  . TYR B 1 97  ? -17.713 -11.694 2.858   1.00 17.93 ? 97  TYR C CG  1 
ATOM   1597 C CD1 . TYR B 1 97  ? -18.573 -12.198 3.829   1.00 17.93 ? 97  TYR C CD1 1 
ATOM   1598 C CD2 . TYR B 1 97  ? -16.356 -11.654 3.147   1.00 17.93 ? 97  TYR C CD2 1 
ATOM   1599 C CE1 . TYR B 1 97  ? -18.089 -12.640 5.060   1.00 17.93 ? 97  TYR C CE1 1 
ATOM   1600 C CE2 . TYR B 1 97  ? -15.865 -12.090 4.371   1.00 17.93 ? 97  TYR C CE2 1 
ATOM   1601 C CZ  . TYR B 1 97  ? -16.735 -12.580 5.324   1.00 17.93 ? 97  TYR C CZ  1 
ATOM   1602 O OH  . TYR B 1 97  ? -16.244 -12.989 6.547   1.00 17.93 ? 97  TYR C OH  1 
ATOM   1603 N N   . GLY B 1 98  ? -20.632 -11.488 -0.535  1.00 22.93 ? 98  GLY C N   1 
ATOM   1604 C CA  . GLY B 1 98  ? -21.433 -10.858 -1.565  1.00 22.93 ? 98  GLY C CA  1 
ATOM   1605 C C   . GLY B 1 98  ? -22.828 -11.427 -1.588  1.00 22.93 ? 98  GLY C C   1 
ATOM   1606 O O   . GLY B 1 98  ? -23.084 -12.430 -0.924  1.00 22.93 ? 98  GLY C O   1 
ATOM   1607 N N   . THR B 1 99  ? -23.754 -10.741 -2.252  1.00 26.06 ? 99  THR C N   1 
ATOM   1608 C CA  . THR B 1 99  ? -23.472 -9.474  -2.920  1.00 26.06 ? 99  THR C CA  1 
ATOM   1609 C C   . THR B 1 99  ? -23.404 -8.338  -1.903  1.00 26.06 ? 99  THR C C   1 
ATOM   1610 O O   . THR B 1 99  ? -23.521 -8.563  -0.695  1.00 26.06 ? 99  THR C O   1 
ATOM   1611 C CB  . THR B 1 99  ? -24.570 -9.139  -3.938  1.00 45.06 ? 99  THR C CB  1 
ATOM   1612 O OG1 . THR B 1 99  ? -25.781 -9.821  -3.584  1.00 45.06 ? 99  THR C OG1 1 
ATOM   1613 C CG2 . THR B 1 99  ? -24.151 -9.566  -5.320  1.00 45.06 ? 99  THR C CG2 1 
ATOM   1614 N N   . ASP B 1 100 ? -23.161 -7.125  -2.379  1.00 25.57 ? 100 ASP C N   1 
ATOM   1615 C CA  . ASP B 1 100 ? -23.111 -5.983  -1.482  1.00 25.57 ? 100 ASP C CA  1 
ATOM   1616 C C   . ASP B 1 100 ? -24.534 -5.645  -1.047  1.00 25.57 ? 100 ASP C C   1 
ATOM   1617 O O   . ASP B 1 100 ? -25.464 -5.711  -1.845  1.00 25.57 ? 100 ASP C O   1 
ATOM   1618 C CB  . ASP B 1 100 ? -22.444 -4.785  -2.153  1.00 50.00 ? 100 ASP C CB  1 
ATOM   1619 C CG  . ASP B 1 100 ? -23.132 -4.376  -3.430  1.00 50.00 ? 100 ASP C CG  1 
ATOM   1620 O OD1 . ASP B 1 100 ? -23.358 -5.250  -4.296  1.00 50.00 ? 100 ASP C OD1 1 
ATOM   1621 O OD2 . ASP B 1 100 ? -23.413 -3.172  -3.585  1.00 50.00 ? 100 ASP C OD2 1 
ATOM   1622 N N   . ARG B 1 101 ? -24.704 -5.370  0.243   1.00 19.54 ? 101 ARG C N   1 
ATOM   1623 C CA  . ARG B 1 101 ? -25.997 -5.044  0.808   1.00 19.54 ? 101 ARG C CA  1 
ATOM   1624 C C   . ARG B 1 101 ? -26.240 -3.543  0.971   1.00 19.54 ? 101 ARG C C   1 
ATOM   1625 O O   . ARG B 1 101 ? -27.298 -3.047  0.596   1.00 19.54 ? 101 ARG C O   1 
ATOM   1626 C CB  . ARG B 1 101 ? -26.171 -5.750  2.151   1.00 50.00 ? 101 ARG C CB  1 
ATOM   1627 C CG  . ARG B 1 101 ? -26.013 -7.249  2.065   1.00 50.00 ? 101 ARG C CG  1 
ATOM   1628 C CD  . ARG B 1 101 ? -26.895 -7.811  0.965   1.00 50.00 ? 101 ARG C CD  1 
ATOM   1629 N NE  . ARG B 1 101 ? -26.606 -9.211  0.667   1.00 50.00 ? 101 ARG C NE  1 
ATOM   1630 C CZ  . ARG B 1 101 ? -27.009 -9.840  -0.434  1.00 50.00 ? 101 ARG C CZ  1 
ATOM   1631 N NH1 . ARG B 1 101 ? -27.727 -9.190  -1.351  1.00 50.00 ? 101 ARG C NH1 1 
ATOM   1632 N NH2 . ARG B 1 101 ? -26.676 -11.115 -0.632  1.00 50.00 ? 101 ARG C NH2 1 
ATOM   1633 N N   . TRP B 1 102 ? -25.247 -2.814  1.474   1.00 33.27 ? 102 TRP C N   1 
ATOM   1634 C CA  . TRP B 1 102 ? -25.388 -1.376  1.722   1.00 33.27 ? 102 TRP C CA  1 
ATOM   1635 C C   . TRP B 1 102 ? -24.097 -0.633  1.436   1.00 33.27 ? 102 TRP C C   1 
ATOM   1636 O O   . TRP B 1 102 ? -23.027 -1.236  1.427   1.00 33.27 ? 102 TRP C O   1 
ATOM   1637 C CB  . TRP B 1 102 ? -25.755 -1.165  3.190   1.00 13.97 ? 102 TRP C CB  1 
ATOM   1638 C CG  . TRP B 1 102 ? -25.875 0.264   3.616   1.00 13.97 ? 102 TRP C CG  1 
ATOM   1639 C CD1 . TRP B 1 102 ? -26.948 1.081   3.440   1.00 13.97 ? 102 TRP C CD1 1 
ATOM   1640 C CD2 . TRP B 1 102 ? -24.898 1.035   4.327   1.00 13.97 ? 102 TRP C CD2 1 
ATOM   1641 N NE1 . TRP B 1 102 ? -26.704 2.310   3.998   1.00 13.97 ? 102 TRP C NE1 1 
ATOM   1642 C CE2 . TRP B 1 102 ? -25.452 2.311   4.549   1.00 13.97 ? 102 TRP C CE2 1 
ATOM   1643 C CE3 . TRP B 1 102 ? -23.611 0.769   4.801   1.00 13.97 ? 102 TRP C CE3 1 
ATOM   1644 C CZ2 . TRP B 1 102 ? -24.768 3.317   5.224   1.00 13.97 ? 102 TRP C CZ2 1 
ATOM   1645 C CZ3 . TRP B 1 102 ? -22.936 1.771   5.475   1.00 13.97 ? 102 TRP C CZ3 1 
ATOM   1646 C CH2 . TRP B 1 102 ? -23.517 3.029   5.678   1.00 13.97 ? 102 TRP C CH2 1 
ATOM   1647 N N   . ALA B 1 103 ? -24.191 0.679   1.253   1.00 26.58 ? 103 ALA C N   1 
ATOM   1648 C CA  . ALA B 1 103 ? -23.016 1.504   0.978   1.00 26.58 ? 103 ALA C CA  1 
ATOM   1649 C C   . ALA B 1 103 ? -23.326 2.962   1.226   1.00 26.58 ? 103 ALA C C   1 
ATOM   1650 O O   . ALA B 1 103 ? -24.456 3.410   1.006   1.00 26.58 ? 103 ALA C O   1 
ATOM   1651 C CB  . ALA B 1 103 ? -22.558 1.325   -0.463  1.00 12.00 ? 103 ALA C CB  1 
ATOM   1652 N N   . THR B 1 104 ? -22.323 3.709   1.678   1.00 26.68 ? 104 THR C N   1 
ATOM   1653 C CA  . THR B 1 104 ? -22.506 5.130   1.926   1.00 26.68 ? 104 THR C CA  1 
ATOM   1654 C C   . THR B 1 104 ? -22.569 5.835   0.582   1.00 26.68 ? 104 THR C C   1 
ATOM   1655 O O   . THR B 1 104 ? -22.916 7.010   0.495   1.00 26.68 ? 104 THR C O   1 
ATOM   1656 C CB  . THR B 1 104 ? -21.362 5.728   2.747   1.00 13.77 ? 104 THR C CB  1 
ATOM   1657 O OG1 . THR B 1 104 ? -20.122 5.526   2.056   1.00 13.77 ? 104 THR C OG1 1 
ATOM   1658 C CG2 . THR B 1 104 ? -21.306 5.095   4.116   1.00 13.77 ? 104 THR C CG2 1 
ATOM   1659 N N   . GLY B 1 105 ? -22.162 5.128   -0.462  1.00 25.82 ? 105 GLY C N   1 
ATOM   1660 C CA  . GLY B 1 105 ? -22.206 5.697   -1.793  1.00 25.82 ? 105 GLY C CA  1 
ATOM   1661 C C   . GLY B 1 105 ? -21.198 6.798   -2.015  1.00 25.82 ? 105 GLY C C   1 
ATOM   1662 O O   . GLY B 1 105 ? -21.188 7.426   -3.073  1.00 25.82 ? 105 GLY C O   1 
ATOM   1663 N N   . THR B 1 106 ? -20.302 6.967   -1.050  1.00 24.68 ? 106 THR C N   1 
ATOM   1664 C CA  . THR B 1 106 ? -19.250 7.977   -1.084  1.00 24.68 ? 106 THR C CA  1 
ATOM   1665 C C   . THR B 1 106 ? -18.157 7.680   -2.128  1.00 24.68 ? 106 THR C C   1 
ATOM   1666 O O   . THR B 1 106 ? -17.163 8.411   -2.249  1.00 24.68 ? 106 THR C O   1 
ATOM   1667 C CB  . THR B 1 106 ? -18.617 8.054   0.290   1.00 10.00 ? 106 THR C CB  1 
ATOM   1668 O OG1 . THR B 1 106 ? -18.369 6.722   0.762   1.00 10.00 ? 106 THR C OG1 1 
ATOM   1669 C CG2 . THR B 1 106 ? -19.542 8.762   1.261   1.00 10.00 ? 106 THR C CG2 1 
ATOM   1670 N N   . HIS B 1 107 ? -18.361 6.592   -2.866  1.00 49.43 ? 107 HIS C N   1 
ATOM   1671 C CA  . HIS B 1 107 ? -17.478 6.101   -3.928  1.00 49.43 ? 107 HIS C CA  1 
ATOM   1672 C C   . HIS B 1 107 ? -16.864 7.177   -4.827  1.00 49.43 ? 107 HIS C C   1 
ATOM   1673 O O   . HIS B 1 107 ? -17.545 8.105   -5.249  1.00 49.43 ? 107 HIS C O   1 
ATOM   1674 C CB  . HIS B 1 107 ? -18.274 5.089   -4.768  1.00 50.00 ? 107 HIS C CB  1 
ATOM   1675 C CG  . HIS B 1 107 ? -17.719 4.854   -6.137  1.00 50.00 ? 107 HIS C CG  1 
ATOM   1676 N ND1 . HIS B 1 107 ? -16.626 4.046   -6.368  1.00 50.00 ? 107 HIS C ND1 1 
ATOM   1677 C CD2 . HIS B 1 107 ? -18.101 5.326   -7.345  1.00 50.00 ? 107 HIS C CD2 1 
ATOM   1678 C CE1 . HIS B 1 107 ? -16.355 4.037   -7.660  1.00 50.00 ? 107 HIS C CE1 1 
ATOM   1679 N NE2 . HIS B 1 107 ? -17.233 4.806   -8.276  1.00 50.00 ? 107 HIS C NE2 1 
ATOM   1680 N N   . THR B 1 108 ? -15.579 7.040   -5.122  1.00 50.00 ? 108 THR C N   1 
ATOM   1681 C CA  . THR B 1 108 ? -14.905 7.993   -5.993  1.00 50.00 ? 108 THR C CA  1 
ATOM   1682 C C   . THR B 1 108 ? -14.799 7.355   -7.381  1.00 50.00 ? 108 THR C C   1 
ATOM   1683 O O   . THR B 1 108 ? -13.837 6.597   -7.620  1.00 50.00 ? 108 THR C O   1 
ATOM   1684 C CB  . THR B 1 108 ? -13.498 8.353   -5.459  1.00 50.00 ? 108 THR C CB  1 
ATOM   1685 O OG1 . THR B 1 108 ? -13.587 8.699   -4.069  1.00 50.00 ? 108 THR C OG1 1 
ATOM   1686 C CG2 . THR B 1 108 ? -12.922 9.530   -6.229  1.00 50.00 ? 108 THR C CG2 1 
HETATM 1687 C C1  . MMA C 2 .   ? 20.635  23.190  2.678   1.00 15.84 ? 1   MMA B C1  1 
HETATM 1688 C C2  . MMA C 2 .   ? 20.427  22.059  1.705   1.00 15.84 ? 1   MMA B C2  1 
HETATM 1689 C C3  . MMA C 2 .   ? 19.659  22.589  0.542   1.00 15.84 ? 1   MMA B C3  1 
HETATM 1690 C C4  . MMA C 2 .   ? 18.322  23.075  1.042   1.00 15.84 ? 1   MMA B C4  1 
HETATM 1691 C C5  . MMA C 2 .   ? 18.513  24.138  2.107   1.00 15.84 ? 1   MMA B C5  1 
HETATM 1692 C C6  . MMA C 2 .   ? 17.228  24.561  2.770   1.00 15.84 ? 1   MMA B C6  1 
HETATM 1693 C C7  . MMA C 2 .   ? 21.549  25.427  2.807   1.00 15.84 ? 1   MMA B C7  1 
HETATM 1694 O O1  . MMA C 2 .   ? 21.270  24.240  2.033   1.00 15.84 ? 1   MMA B O1  1 
HETATM 1695 O O2  . MMA C 2 .   ? 19.649  21.061  2.329   1.00 15.84 ? 1   MMA B O2  1 
HETATM 1696 O O3  . MMA C 2 .   ? 19.448  21.528  -0.387  1.00 15.84 ? 1   MMA B O3  1 
HETATM 1697 O O4  . MMA C 2 .   ? 17.600  23.618  -0.042  1.00 15.84 ? 1   MMA B O4  1 
HETATM 1698 O O5  . MMA C 2 .   ? 19.360  23.646  3.154   1.00 15.84 ? 1   MMA B O5  1 
HETATM 1699 O O6  . MMA C 2 .   ? 17.502  25.218  3.999   1.00 15.84 ? 1   MMA B O6  1 
HETATM 1700 C C1  . MAN C 2 .   ? 20.029  21.682  -1.646  1.00 15.84 ? 2   MAN B C1  1 
HETATM 1701 C C2  . MAN C 2 .   ? 19.376  20.705  -2.605  1.00 15.84 ? 2   MAN B C2  1 
HETATM 1702 C C3  . MAN C 2 .   ? 19.773  19.267  -2.264  1.00 15.84 ? 2   MAN B C3  1 
HETATM 1703 C C4  . MAN C 2 .   ? 21.288  19.137  -2.213  1.00 15.84 ? 2   MAN B C4  1 
HETATM 1704 C C5  . MAN C 2 .   ? 21.841  20.154  -1.228  1.00 15.84 ? 2   MAN B C5  1 
HETATM 1705 C C6  . MAN C 2 .   ? 23.353  20.147  -1.208  1.00 15.84 ? 2   MAN B C6  1 
HETATM 1706 O O2  . MAN C 2 .   ? 19.776  21.018  -3.923  1.00 15.84 ? 2   MAN B O2  1 
HETATM 1707 O O3  . MAN C 2 .   ? 19.243  18.376  -3.240  1.00 15.84 ? 2   MAN B O3  1 
HETATM 1708 O O4  . MAN C 2 .   ? 21.650  17.819  -1.822  1.00 15.84 ? 2   MAN B O4  1 
HETATM 1709 O O5  . MAN C 2 .   ? 21.436  21.477  -1.625  1.00 15.84 ? 2   MAN B O5  1 
HETATM 1710 O O6  . MAN C 2 .   ? 23.860  20.741  -2.389  1.00 15.84 ? 2   MAN B O6  1 
HETATM 1711 C C1  . MMA D 2 .   ? -4.008  26.685  6.920   1.00 21.49 ? 1   MMA D C1  1 
HETATM 1712 C C2  . MMA D 2 .   ? -4.412  25.694  5.848   1.00 21.49 ? 1   MMA D C2  1 
HETATM 1713 C C3  . MMA D 2 .   ? -5.381  24.674  6.441   1.00 21.49 ? 1   MMA D C3  1 
HETATM 1714 C C4  . MMA D 2 .   ? -4.772  24.026  7.671   1.00 21.49 ? 1   MMA D C4  1 
HETATM 1715 C C5  . MMA D 2 .   ? -4.312  25.092  8.660   1.00 21.49 ? 1   MMA D C5  1 
HETATM 1716 C C6  . MMA D 2 .   ? -3.576  24.548  9.855   1.00 21.49 ? 1   MMA D C6  1 
HETATM 1717 C C7  . MMA D 2 .   ? -4.904  28.267  8.470   1.00 21.49 ? 1   MMA D C7  1 
HETATM 1718 O O1  . MMA D 2 .   ? -5.126  27.351  7.381   1.00 21.49 ? 1   MMA D O1  1 
HETATM 1719 O O2  . MMA D 2 .   ? -3.256  25.039  5.357   1.00 21.49 ? 1   MMA D O2  1 
HETATM 1720 O O3  . MMA D 2 .   ? -5.667  23.654  5.469   1.00 21.49 ? 1   MMA D O3  1 
HETATM 1721 O O4  . MMA D 2 .   ? -5.753  23.208  8.278   1.00 21.49 ? 1   MMA D O4  1 
HETATM 1722 O O5  . MMA D 2 .   ? -3.412  26.000  8.024   1.00 21.49 ? 1   MMA D O5  1 
HETATM 1723 O O6  . MMA D 2 .   ? -3.025  25.610  10.623  1.00 21.49 ? 1   MMA D O6  1 
HETATM 1724 C C1  . MAN D 2 .   ? -6.998  23.210  5.393   1.00 21.49 ? 2   MAN D C1  1 
HETATM 1725 C C2  . MAN D 2 .   ? -7.145  22.273  4.206   1.00 21.49 ? 2   MAN D C2  1 
HETATM 1726 C C3  . MAN D 2 .   ? -6.799  23.057  2.950   1.00 21.49 ? 2   MAN D C3  1 
HETATM 1727 C C4  . MAN D 2 .   ? -7.689  24.289  2.833   1.00 21.49 ? 2   MAN D C4  1 
HETATM 1728 C C5  . MAN D 2 .   ? -7.617  25.110  4.094   1.00 21.49 ? 2   MAN D C5  1 
HETATM 1729 C C6  . MAN D 2 .   ? -8.616  26.260  4.120   1.00 21.49 ? 2   MAN D C6  1 
HETATM 1730 O O2  . MAN D 2 .   ? -8.481  21.789  4.130   1.00 21.49 ? 2   MAN D O2  1 
HETATM 1731 O O3  . MAN D 2 .   ? -6.961  22.228  1.810   1.00 21.49 ? 2   MAN D O3  1 
HETATM 1732 O O4  . MAN D 2 .   ? -7.254  25.088  1.745   1.00 21.49 ? 2   MAN D O4  1 
HETATM 1733 O O5  . MAN D 2 .   ? -7.896  24.283  5.229   1.00 21.49 ? 2   MAN D O5  1 
HETATM 1734 O O6  . MAN D 2 .   ? -8.435  27.086  5.275   1.00 21.49 ? 2   MAN D O6  1 
HETATM 1735 C C1  . MMA E 2 .   ? 3.745   -27.075 -4.857  1.00 50.00 ? 1   MMA E C1  1 
HETATM 1736 C C2  . MMA E 2 .   ? 4.378   -25.732 -5.173  1.00 50.00 ? 1   MMA E C2  1 
HETATM 1737 C C3  . MMA E 2 .   ? 5.031   -25.161 -3.916  1.00 50.00 ? 1   MMA E C3  1 
HETATM 1738 C C4  . MMA E 2 .   ? 4.026   -25.102 -2.774  1.00 50.00 ? 1   MMA E C4  1 
HETATM 1739 C C5  . MMA E 2 .   ? 3.353   -26.459 -2.583  1.00 50.00 ? 1   MMA E C5  1 
HETATM 1740 C C6  . MMA E 2 .   ? 2.240   -26.442 -1.561  1.00 50.00 ? 1   MMA E C6  1 
HETATM 1741 C C7  . MMA E 2 .   ? 4.264   -29.258 -3.955  1.00 50.00 ? 1   MMA E C7  1 
HETATM 1742 O O1  . MMA E 2 .   ? 4.717   -27.965 -4.411  1.00 50.00 ? 1   MMA E O1  1 
HETATM 1743 O O2  . MMA E 2 .   ? 3.377   -24.843 -5.633  1.00 50.00 ? 1   MMA E O2  1 
HETATM 1744 O O3  . MMA E 2 .   ? 5.518   -23.834 -4.184  1.00 50.00 ? 1   MMA E O3  1 
HETATM 1745 O O4  . MMA E 2 .   ? 4.698   -24.737 -1.577  1.00 50.00 ? 1   MMA E O4  1 
HETATM 1746 O O5  . MMA E 2 .   ? 2.771   -26.912 -3.822  1.00 50.00 ? 1   MMA E O5  1 
HETATM 1747 O O6  . MMA E 2 .   ? 1.572   -27.692 -1.527  1.00 50.00 ? 1   MMA E O6  1 
HETATM 1748 C C1  . MAN E 2 .   ? 6.762   -23.503 -3.631  1.00 50.00 ? 2   MAN E C1  1 
HETATM 1749 C C2  . MAN E 2 .   ? 7.186   -22.135 -4.162  1.00 50.00 ? 2   MAN E C2  1 
HETATM 1750 C C3  . MAN E 2 .   ? 7.329   -22.235 -5.682  1.00 50.00 ? 2   MAN E C3  1 
HETATM 1751 C C4  . MAN E 2 .   ? 8.327   -23.344 -6.045  1.00 50.00 ? 2   MAN E C4  1 
HETATM 1752 C C5  . MAN E 2 .   ? 7.927   -24.659 -5.378  1.00 50.00 ? 2   MAN E C5  1 
HETATM 1753 C C6  . MAN E 2 .   ? 8.954   -25.761 -5.551  1.00 50.00 ? 2   MAN E C6  1 
HETATM 1754 O O2  . MAN E 2 .   ? 8.427   -21.753 -3.580  1.00 50.00 ? 2   MAN E O2  1 
HETATM 1755 O O3  . MAN E 2 .   ? 7.768   -20.992 -6.218  1.00 50.00 ? 2   MAN E O3  1 
HETATM 1756 O O4  . MAN E 2 .   ? 8.356   -23.521 -7.454  1.00 50.00 ? 2   MAN E O4  1 
HETATM 1757 O O5  . MAN E 2 .   ? 7.752   -24.465 -3.962  1.00 50.00 ? 2   MAN E O5  1 
HETATM 1758 O O6  . MAN E 2 .   ? 8.489   -26.985 -4.995  1.00 50.00 ? 2   MAN E O6  1 
HETATM 1759 C C1  . MMA F 3 .   ? 9.720   10.631  21.409  1.00 50.00 ? 110 MMA A C1  1 
HETATM 1760 C C2  . MMA F 3 .   ? 9.483   9.419   20.492  1.00 50.00 ? 110 MMA A C2  1 
HETATM 1761 C C3  . MMA F 3 .   ? 10.768  9.078   19.737  1.00 50.00 ? 110 MMA A C3  1 
HETATM 1762 C C4  . MMA F 3 .   ? 11.240  10.306  18.974  1.00 50.00 ? 110 MMA A C4  1 
HETATM 1763 C C5  . MMA F 3 .   ? 11.476  11.445  19.969  1.00 50.00 ? 110 MMA A C5  1 
HETATM 1764 C C6  . MMA F 3 .   ? 11.954  12.733  19.315  1.00 50.00 ? 110 MMA A C6  1 
HETATM 1765 C C7  . MMA F 3 .   ? 10.740  11.220  23.528  1.00 50.00 ? 110 MMA A C7  1 
HETATM 1766 O O1  . MMA F 3 .   ? 10.623  10.303  22.418  1.00 50.00 ? 110 MMA A O1  1 
HETATM 1767 O O2  . MMA F 3 .   ? 8.453   9.728   19.566  1.00 50.00 ? 110 MMA A O2  1 
HETATM 1768 O O3  . MMA F 3 .   ? 10.545  8.009   18.833  1.00 50.00 ? 110 MMA A O3  1 
HETATM 1769 O O4  . MMA F 3 .   ? 12.435  10.004  18.267  1.00 50.00 ? 110 MMA A O4  1 
HETATM 1770 O O5  . MMA F 3 .   ? 10.243  11.750  20.665  1.00 50.00 ? 110 MMA A O5  1 
HETATM 1771 O O6  . MMA F 3 .   ? 11.530  13.875  20.047  1.00 50.00 ? 110 MMA A O6  1 
HETATM 1772 C C1  . MMA G 3 .   ? -15.093 -18.379 10.173  1.00 50.00 ? 110 MMA C C1  1 
HETATM 1773 C C2  . MMA G 3 .   ? -14.682 -16.906 10.022  1.00 50.00 ? 110 MMA C C2  1 
HETATM 1774 C C3  . MMA G 3 .   ? -15.689 -16.164 9.138   1.00 50.00 ? 110 MMA C C3  1 
HETATM 1775 C C4  . MMA G 3 .   ? -15.803 -16.887 7.803   1.00 50.00 ? 110 MMA C C4  1 
HETATM 1776 C C5  . MMA G 3 .   ? -16.235 -18.333 8.054   1.00 50.00 ? 110 MMA C C5  1 
HETATM 1777 C C6  . MMA G 3 .   ? -16.368 -19.147 6.778   1.00 50.00 ? 110 MMA C C6  1 
HETATM 1778 C C7  . MMA G 3 .   ? -16.669 -19.775 11.352  1.00 50.00 ? 110 MMA C C7  1 
HETATM 1779 O O1  . MMA G 3 .   ? -16.293 -18.470 10.865  1.00 50.00 ? 110 MMA C O1  1 
HETATM 1780 O O2  . MMA G 3 .   ? -13.386 -16.836 9.437   1.00 50.00 ? 110 MMA C O2  1 
HETATM 1781 O O3  . MMA G 3 .   ? -15.266 -14.825 8.930   1.00 50.00 ? 110 MMA C O3  1 
HETATM 1782 O O4  . MMA G 3 .   ? -16.745 -16.225 6.970   1.00 50.00 ? 110 MMA C O4  1 
HETATM 1783 O O5  . MMA G 3 .   ? -15.258 -19.001 8.887   1.00 50.00 ? 110 MMA C O5  1 
HETATM 1784 O O6  . MMA G 3 .   ? -16.069 -20.518 7.005   1.00 50.00 ? 110 MMA C O6  1 
HETATM 1785 C C1  . MMA H 3 .   ? -18.568 -20.409 -14.563 1.00 50.00 ? 111 MMA C C1  1 
HETATM 1786 C C2  . MMA H 3 .   ? -18.169 -18.959 -14.802 1.00 50.00 ? 111 MMA C C2  1 
HETATM 1787 C C3  . MMA H 3 .   ? -17.008 -18.933 -15.779 1.00 50.00 ? 111 MMA C C3  1 
HETATM 1788 C C4  . MMA H 3 .   ? -15.850 -19.712 -15.170 1.00 50.00 ? 111 MMA C C4  1 
HETATM 1789 C C5  . MMA H 3 .   ? -16.292 -21.137 -14.809 1.00 50.00 ? 111 MMA C C5  1 
HETATM 1790 C C6  . MMA H 3 .   ? -15.235 -21.900 -14.036 1.00 50.00 ? 111 MMA C C6  1 
HETATM 1791 C C7  . MMA H 3 .   ? -19.284 -22.397 -15.724 1.00 50.00 ? 111 MMA C C7  1 
HETATM 1792 O O1  . MMA H 3 .   ? -18.879 -21.014 -15.772 1.00 50.00 ? 111 MMA C O1  1 
HETATM 1793 O O2  . MMA H 3 .   ? -17.753 -18.389 -13.571 1.00 50.00 ? 111 MMA C O2  1 
HETATM 1794 O O3  . MMA H 3 .   ? -16.613 -17.593 -16.029 1.00 50.00 ? 111 MMA C O3  1 
HETATM 1795 O O4  . MMA H 3 .   ? -14.776 -19.764 -16.097 1.00 50.00 ? 111 MMA C O4  1 
HETATM 1796 O O5  . MMA H 3 .   ? -17.473 -21.116 -13.973 1.00 50.00 ? 111 MMA C O5  1 
HETATM 1797 O O6  . MMA H 3 .   ? -15.790 -23.049 -13.415 1.00 50.00 ? 111 MMA C O6  1 
# 
